data_3I42
# 
_entry.id   3I42 
# 
_audit_conform.dict_name       mmcif_pdbx.dic 
_audit_conform.dict_version    5.387 
_audit_conform.dict_location   http://mmcif.pdb.org/dictionaries/ascii/mmcif_pdbx.dic 
# 
loop_
_database_2.database_id 
_database_2.database_code 
_database_2.pdbx_database_accession 
_database_2.pdbx_DOI 
PDB   3I42         pdb_00003i42 10.2210/pdb3i42/pdb 
RCSB  RCSB053937   ?            ?                   
WWPDB D_1000053937 ?            ?                   
# 
loop_
_pdbx_audit_revision_history.ordinal 
_pdbx_audit_revision_history.data_content_type 
_pdbx_audit_revision_history.major_revision 
_pdbx_audit_revision_history.minor_revision 
_pdbx_audit_revision_history.revision_date 
1 'Structure model' 1 0 2009-07-28 
2 'Structure model' 1 1 2011-07-13 
3 'Structure model' 1 2 2017-11-01 
4 'Structure model' 1 3 2021-02-10 
5 'Structure model' 1 4 2024-02-21 
# 
_pdbx_audit_revision_details.ordinal             1 
_pdbx_audit_revision_details.revision_ordinal    1 
_pdbx_audit_revision_details.data_content_type   'Structure model' 
_pdbx_audit_revision_details.provider            repository 
_pdbx_audit_revision_details.type                'Initial release' 
_pdbx_audit_revision_details.description         ? 
_pdbx_audit_revision_details.details             ? 
# 
loop_
_pdbx_audit_revision_group.ordinal 
_pdbx_audit_revision_group.revision_ordinal 
_pdbx_audit_revision_group.data_content_type 
_pdbx_audit_revision_group.group 
1 2 'Structure model' 'Version format compliance' 
2 3 'Structure model' 'Refinement description'    
3 4 'Structure model' 'Database references'       
4 4 'Structure model' 'Structure summary'         
5 5 'Structure model' 'Data collection'           
6 5 'Structure model' 'Database references'       
# 
loop_
_pdbx_audit_revision_category.ordinal 
_pdbx_audit_revision_category.revision_ordinal 
_pdbx_audit_revision_category.data_content_type 
_pdbx_audit_revision_category.category 
1 3 'Structure model' software           
2 4 'Structure model' audit_author       
3 4 'Structure model' citation_author    
4 4 'Structure model' struct_ref_seq_dif 
5 5 'Structure model' chem_comp_atom     
6 5 'Structure model' chem_comp_bond     
7 5 'Structure model' database_2         
# 
loop_
_pdbx_audit_revision_item.ordinal 
_pdbx_audit_revision_item.revision_ordinal 
_pdbx_audit_revision_item.data_content_type 
_pdbx_audit_revision_item.item 
1  3 'Structure model' '_software.classification'            
2  3 'Structure model' '_software.contact_author'            
3  3 'Structure model' '_software.contact_author_email'      
4  3 'Structure model' '_software.date'                      
5  3 'Structure model' '_software.language'                  
6  3 'Structure model' '_software.location'                  
7  3 'Structure model' '_software.name'                      
8  3 'Structure model' '_software.type'                      
9  3 'Structure model' '_software.version'                   
10 4 'Structure model' '_audit_author.identifier_ORCID'      
11 4 'Structure model' '_citation_author.identifier_ORCID'   
12 4 'Structure model' '_struct_ref_seq_dif.details'         
13 5 'Structure model' '_database_2.pdbx_DOI'                
14 5 'Structure model' '_database_2.pdbx_database_accession' 
# 
_pdbx_database_status.entry_id                        3I42 
_pdbx_database_status.status_code                     REL 
_pdbx_database_status.deposit_site                    RCSB 
_pdbx_database_status.process_site                    RCSB 
_pdbx_database_status.recvd_initial_deposition_date   2009-07-01 
_pdbx_database_status.status_code_sf                  REL 
_pdbx_database_status.status_code_mr                  ? 
_pdbx_database_status.SG_entry                        Y 
_pdbx_database_status.pdb_format_compatible           Y 
_pdbx_database_status.status_code_cs                  ? 
_pdbx_database_status.methods_development_category    ? 
_pdbx_database_status.status_code_nmr_data            ? 
# 
_pdbx_database_related.db_name        TargetDB 
_pdbx_database_related.db_id          NYSGXRC-11237j 
_pdbx_database_related.details        . 
_pdbx_database_related.content_type   unspecified 
# 
loop_
_audit_author.name 
_audit_author.pdbx_ordinal 
_audit_author.identifier_ORCID 
'Ramagopal, U.A.'                                                1 ?                   
'Morano, C.'                                                     2 ?                   
'Burley, S.K.'                                                   3 0000-0002-2487-9713 
'Almo, S.C.'                                                     4 ?                   
'New York SGX Research Center for Structural Genomics (NYSGXRC)' 5 ?                   
# 
_citation.id                        primary 
_citation.title                     'Structure of response regulator receiver domain (CheY-like) from Methylobacillus flagellatus' 
_citation.journal_abbrev            'To be published' 
_citation.journal_volume            ? 
_citation.page_first                ? 
_citation.page_last                 ? 
_citation.year                      ? 
_citation.journal_id_ASTM           ? 
_citation.country                   ? 
_citation.journal_id_ISSN           ? 
_citation.journal_id_CSD            0353 
_citation.book_publisher            ? 
_citation.pdbx_database_id_PubMed   ? 
_citation.pdbx_database_id_DOI      ? 
# 
loop_
_citation_author.citation_id 
_citation_author.name 
_citation_author.ordinal 
_citation_author.identifier_ORCID 
primary 'Ramagopal, U.A.' 1 ?                   
primary 'Morano, C.'      2 ?                   
primary 'Burley, S.K.'    3 0000-0002-2487-9713 
primary 'Almo, S.C.'      4 ?                   
# 
loop_
_entity.id 
_entity.type 
_entity.src_method 
_entity.pdbx_description 
_entity.formula_weight 
_entity.pdbx_number_of_molecules 
_entity.pdbx_ec 
_entity.pdbx_mutation 
_entity.pdbx_fragment 
_entity.details 
1 polymer man 'Response regulator receiver domain protein (CheY-like)' 14152.095 1 ? ? 'residues 19-134' ? 
2 water   nat water                                                    18.015    9 ? ? ?                 ? 
# 
_entity_poly.entity_id                      1 
_entity_poly.type                           'polypeptide(L)' 
_entity_poly.nstd_linkage                   no 
_entity_poly.nstd_monomer                   no 
_entity_poly.pdbx_seq_one_letter_code       
;MSLQQALIVEDYQAAAETFKELLEMLGFQADYVMSGTDALHAMSTRGYDAVFIDLNLPDTSGLALVKQLRALPMEKTSKF
VAVSGFAKNDLGKEACELFDFYLEKPIDIASLEPILQSIEGHHHHHH
;
_entity_poly.pdbx_seq_one_letter_code_can   
;MSLQQALIVEDYQAAAETFKELLEMLGFQADYVMSGTDALHAMSTRGYDAVFIDLNLPDTSGLALVKQLRALPMEKTSKF
VAVSGFAKNDLGKEACELFDFYLEKPIDIASLEPILQSIEGHHHHHH
;
_entity_poly.pdbx_strand_id                 A 
_entity_poly.pdbx_target_identifier         NYSGXRC-11237j 
# 
_pdbx_entity_nonpoly.entity_id   2 
_pdbx_entity_nonpoly.name        water 
_pdbx_entity_nonpoly.comp_id     HOH 
# 
loop_
_entity_poly_seq.entity_id 
_entity_poly_seq.num 
_entity_poly_seq.mon_id 
_entity_poly_seq.hetero 
1 1   MET n 
1 2   SER n 
1 3   LEU n 
1 4   GLN n 
1 5   GLN n 
1 6   ALA n 
1 7   LEU n 
1 8   ILE n 
1 9   VAL n 
1 10  GLU n 
1 11  ASP n 
1 12  TYR n 
1 13  GLN n 
1 14  ALA n 
1 15  ALA n 
1 16  ALA n 
1 17  GLU n 
1 18  THR n 
1 19  PHE n 
1 20  LYS n 
1 21  GLU n 
1 22  LEU n 
1 23  LEU n 
1 24  GLU n 
1 25  MET n 
1 26  LEU n 
1 27  GLY n 
1 28  PHE n 
1 29  GLN n 
1 30  ALA n 
1 31  ASP n 
1 32  TYR n 
1 33  VAL n 
1 34  MET n 
1 35  SER n 
1 36  GLY n 
1 37  THR n 
1 38  ASP n 
1 39  ALA n 
1 40  LEU n 
1 41  HIS n 
1 42  ALA n 
1 43  MET n 
1 44  SER n 
1 45  THR n 
1 46  ARG n 
1 47  GLY n 
1 48  TYR n 
1 49  ASP n 
1 50  ALA n 
1 51  VAL n 
1 52  PHE n 
1 53  ILE n 
1 54  ASP n 
1 55  LEU n 
1 56  ASN n 
1 57  LEU n 
1 58  PRO n 
1 59  ASP n 
1 60  THR n 
1 61  SER n 
1 62  GLY n 
1 63  LEU n 
1 64  ALA n 
1 65  LEU n 
1 66  VAL n 
1 67  LYS n 
1 68  GLN n 
1 69  LEU n 
1 70  ARG n 
1 71  ALA n 
1 72  LEU n 
1 73  PRO n 
1 74  MET n 
1 75  GLU n 
1 76  LYS n 
1 77  THR n 
1 78  SER n 
1 79  LYS n 
1 80  PHE n 
1 81  VAL n 
1 82  ALA n 
1 83  VAL n 
1 84  SER n 
1 85  GLY n 
1 86  PHE n 
1 87  ALA n 
1 88  LYS n 
1 89  ASN n 
1 90  ASP n 
1 91  LEU n 
1 92  GLY n 
1 93  LYS n 
1 94  GLU n 
1 95  ALA n 
1 96  CYS n 
1 97  GLU n 
1 98  LEU n 
1 99  PHE n 
1 100 ASP n 
1 101 PHE n 
1 102 TYR n 
1 103 LEU n 
1 104 GLU n 
1 105 LYS n 
1 106 PRO n 
1 107 ILE n 
1 108 ASP n 
1 109 ILE n 
1 110 ALA n 
1 111 SER n 
1 112 LEU n 
1 113 GLU n 
1 114 PRO n 
1 115 ILE n 
1 116 LEU n 
1 117 GLN n 
1 118 SER n 
1 119 ILE n 
1 120 GLU n 
1 121 GLY n 
1 122 HIS n 
1 123 HIS n 
1 124 HIS n 
1 125 HIS n 
1 126 HIS n 
1 127 HIS n 
# 
_entity_src_gen.entity_id                          1 
_entity_src_gen.pdbx_src_id                        1 
_entity_src_gen.pdbx_alt_source_flag               sample 
_entity_src_gen.pdbx_seq_type                      ? 
_entity_src_gen.pdbx_beg_seq_num                   ? 
_entity_src_gen.pdbx_end_seq_num                   ? 
_entity_src_gen.gene_src_common_name               ? 
_entity_src_gen.gene_src_genus                     ? 
_entity_src_gen.pdbx_gene_src_gene                 Mfla_1736 
_entity_src_gen.gene_src_species                   ? 
_entity_src_gen.gene_src_strain                    ? 
_entity_src_gen.gene_src_tissue                    ? 
_entity_src_gen.gene_src_tissue_fraction           ? 
_entity_src_gen.gene_src_details                   ? 
_entity_src_gen.pdbx_gene_src_fragment             ? 
_entity_src_gen.pdbx_gene_src_scientific_name      'Methylobacillus flagellatus KT' 
_entity_src_gen.pdbx_gene_src_ncbi_taxonomy_id     265072 
_entity_src_gen.pdbx_gene_src_variant              ? 
_entity_src_gen.pdbx_gene_src_cell_line            ? 
_entity_src_gen.pdbx_gene_src_atcc                 '51484/DSM 6875' 
_entity_src_gen.pdbx_gene_src_organ                ? 
_entity_src_gen.pdbx_gene_src_organelle            ? 
_entity_src_gen.pdbx_gene_src_cell                 ? 
_entity_src_gen.pdbx_gene_src_cellular_location    ? 
_entity_src_gen.host_org_common_name               ? 
_entity_src_gen.pdbx_host_org_scientific_name      'Escherichia coli' 
_entity_src_gen.pdbx_host_org_ncbi_taxonomy_id     562 
_entity_src_gen.host_org_genus                     ? 
_entity_src_gen.pdbx_host_org_gene                 ? 
_entity_src_gen.pdbx_host_org_organ                ? 
_entity_src_gen.host_org_species                   ? 
_entity_src_gen.pdbx_host_org_tissue               ? 
_entity_src_gen.pdbx_host_org_tissue_fraction      ? 
_entity_src_gen.pdbx_host_org_strain               'BL21(DE3)' 
_entity_src_gen.pdbx_host_org_variant              ? 
_entity_src_gen.pdbx_host_org_cell_line            ? 
_entity_src_gen.pdbx_host_org_atcc                 ? 
_entity_src_gen.pdbx_host_org_culture_collection   ? 
_entity_src_gen.pdbx_host_org_cell                 ? 
_entity_src_gen.pdbx_host_org_organelle            ? 
_entity_src_gen.pdbx_host_org_cellular_location    ? 
_entity_src_gen.pdbx_host_org_vector_type          plasmid 
_entity_src_gen.pdbx_host_org_vector               ? 
_entity_src_gen.host_org_details                   ? 
_entity_src_gen.expression_system_id               ? 
_entity_src_gen.plasmid_name                       'BC-pSGX4(BC)' 
_entity_src_gen.plasmid_details                    ? 
_entity_src_gen.pdbx_description                   ? 
# 
loop_
_chem_comp.id 
_chem_comp.type 
_chem_comp.mon_nstd_flag 
_chem_comp.name 
_chem_comp.pdbx_synonyms 
_chem_comp.formula 
_chem_comp.formula_weight 
ALA 'L-peptide linking' y ALANINE         ? 'C3 H7 N O2'     89.093  
ARG 'L-peptide linking' y ARGININE        ? 'C6 H15 N4 O2 1' 175.209 
ASN 'L-peptide linking' y ASPARAGINE      ? 'C4 H8 N2 O3'    132.118 
ASP 'L-peptide linking' y 'ASPARTIC ACID' ? 'C4 H7 N O4'     133.103 
CYS 'L-peptide linking' y CYSTEINE        ? 'C3 H7 N O2 S'   121.158 
GLN 'L-peptide linking' y GLUTAMINE       ? 'C5 H10 N2 O3'   146.144 
GLU 'L-peptide linking' y 'GLUTAMIC ACID' ? 'C5 H9 N O4'     147.129 
GLY 'peptide linking'   y GLYCINE         ? 'C2 H5 N O2'     75.067  
HIS 'L-peptide linking' y HISTIDINE       ? 'C6 H10 N3 O2 1' 156.162 
HOH non-polymer         . WATER           ? 'H2 O'           18.015  
ILE 'L-peptide linking' y ISOLEUCINE      ? 'C6 H13 N O2'    131.173 
LEU 'L-peptide linking' y LEUCINE         ? 'C6 H13 N O2'    131.173 
LYS 'L-peptide linking' y LYSINE          ? 'C6 H15 N2 O2 1' 147.195 
MET 'L-peptide linking' y METHIONINE      ? 'C5 H11 N O2 S'  149.211 
PHE 'L-peptide linking' y PHENYLALANINE   ? 'C9 H11 N O2'    165.189 
PRO 'L-peptide linking' y PROLINE         ? 'C5 H9 N O2'     115.130 
SER 'L-peptide linking' y SERINE          ? 'C3 H7 N O3'     105.093 
THR 'L-peptide linking' y THREONINE       ? 'C4 H9 N O3'     119.119 
TYR 'L-peptide linking' y TYROSINE        ? 'C9 H11 N O3'    181.189 
VAL 'L-peptide linking' y VALINE          ? 'C5 H11 N O2'    117.146 
# 
loop_
_pdbx_poly_seq_scheme.asym_id 
_pdbx_poly_seq_scheme.entity_id 
_pdbx_poly_seq_scheme.seq_id 
_pdbx_poly_seq_scheme.mon_id 
_pdbx_poly_seq_scheme.ndb_seq_num 
_pdbx_poly_seq_scheme.pdb_seq_num 
_pdbx_poly_seq_scheme.auth_seq_num 
_pdbx_poly_seq_scheme.pdb_mon_id 
_pdbx_poly_seq_scheme.auth_mon_id 
_pdbx_poly_seq_scheme.pdb_strand_id 
_pdbx_poly_seq_scheme.pdb_ins_code 
_pdbx_poly_seq_scheme.hetero 
A 1 1   MET 1   16  ?   ?   ?   A . n 
A 1 2   SER 2   17  17  SER SER A . n 
A 1 3   LEU 3   18  18  LEU LEU A . n 
A 1 4   GLN 4   19  19  GLN GLN A . n 
A 1 5   GLN 5   20  20  GLN GLN A . n 
A 1 6   ALA 6   21  21  ALA ALA A . n 
A 1 7   LEU 7   22  22  LEU LEU A . n 
A 1 8   ILE 8   23  23  ILE ILE A . n 
A 1 9   VAL 9   24  24  VAL VAL A . n 
A 1 10  GLU 10  25  25  GLU GLU A . n 
A 1 11  ASP 11  26  26  ASP ASP A . n 
A 1 12  TYR 12  27  27  TYR TYR A . n 
A 1 13  GLN 13  28  28  GLN GLN A . n 
A 1 14  ALA 14  29  29  ALA ALA A . n 
A 1 15  ALA 15  30  30  ALA ALA A . n 
A 1 16  ALA 16  31  31  ALA ALA A . n 
A 1 17  GLU 17  32  32  GLU GLU A . n 
A 1 18  THR 18  33  33  THR THR A . n 
A 1 19  PHE 19  34  34  PHE PHE A . n 
A 1 20  LYS 20  35  35  LYS LYS A . n 
A 1 21  GLU 21  36  36  GLU GLU A . n 
A 1 22  LEU 22  37  37  LEU LEU A . n 
A 1 23  LEU 23  38  38  LEU LEU A . n 
A 1 24  GLU 24  39  39  GLU GLU A . n 
A 1 25  MET 25  40  40  MET MET A . n 
A 1 26  LEU 26  41  41  LEU LEU A . n 
A 1 27  GLY 27  42  42  GLY GLY A . n 
A 1 28  PHE 28  43  43  PHE PHE A . n 
A 1 29  GLN 29  44  44  GLN GLN A . n 
A 1 30  ALA 30  45  45  ALA ALA A . n 
A 1 31  ASP 31  46  46  ASP ASP A . n 
A 1 32  TYR 32  47  47  TYR TYR A . n 
A 1 33  VAL 33  48  48  VAL VAL A . n 
A 1 34  MET 34  49  49  MET MET A . n 
A 1 35  SER 35  50  50  SER SER A . n 
A 1 36  GLY 36  51  51  GLY GLY A . n 
A 1 37  THR 37  52  52  THR THR A . n 
A 1 38  ASP 38  53  53  ASP ASP A . n 
A 1 39  ALA 39  54  54  ALA ALA A . n 
A 1 40  LEU 40  55  55  LEU LEU A . n 
A 1 41  HIS 41  56  56  HIS HIS A . n 
A 1 42  ALA 42  57  57  ALA ALA A . n 
A 1 43  MET 43  58  58  MET MET A . n 
A 1 44  SER 44  59  59  SER SER A . n 
A 1 45  THR 45  60  60  THR THR A . n 
A 1 46  ARG 46  61  61  ARG ARG A . n 
A 1 47  GLY 47  62  62  GLY GLY A . n 
A 1 48  TYR 48  63  63  TYR TYR A . n 
A 1 49  ASP 49  64  64  ASP ASP A . n 
A 1 50  ALA 50  65  65  ALA ALA A . n 
A 1 51  VAL 51  66  66  VAL VAL A . n 
A 1 52  PHE 52  67  67  PHE PHE A . n 
A 1 53  ILE 53  68  68  ILE ILE A . n 
A 1 54  ASP 54  69  69  ASP ASP A . n 
A 1 55  LEU 55  70  70  LEU LEU A . n 
A 1 56  ASN 56  71  71  ASN ASN A . n 
A 1 57  LEU 57  72  72  LEU LEU A . n 
A 1 58  PRO 58  73  73  PRO PRO A . n 
A 1 59  ASP 59  74  74  ASP ASP A . n 
A 1 60  THR 60  75  75  THR THR A . n 
A 1 61  SER 61  76  76  SER SER A . n 
A 1 62  GLY 62  77  77  GLY GLY A . n 
A 1 63  LEU 63  78  78  LEU LEU A . n 
A 1 64  ALA 64  79  79  ALA ALA A . n 
A 1 65  LEU 65  80  80  LEU LEU A . n 
A 1 66  VAL 66  81  81  VAL VAL A . n 
A 1 67  LYS 67  82  82  LYS LYS A . n 
A 1 68  GLN 68  83  83  GLN GLN A . n 
A 1 69  LEU 69  84  84  LEU LEU A . n 
A 1 70  ARG 70  85  85  ARG ARG A . n 
A 1 71  ALA 71  86  86  ALA ALA A . n 
A 1 72  LEU 72  87  87  LEU LEU A . n 
A 1 73  PRO 73  88  88  PRO PRO A . n 
A 1 74  MET 74  89  89  MET MET A . n 
A 1 75  GLU 75  90  90  GLU GLU A . n 
A 1 76  LYS 76  91  91  LYS LYS A . n 
A 1 77  THR 77  92  92  THR THR A . n 
A 1 78  SER 78  93  93  SER SER A . n 
A 1 79  LYS 79  94  94  LYS LYS A . n 
A 1 80  PHE 80  95  95  PHE PHE A . n 
A 1 81  VAL 81  96  96  VAL VAL A . n 
A 1 82  ALA 82  97  97  ALA ALA A . n 
A 1 83  VAL 83  98  98  VAL VAL A . n 
A 1 84  SER 84  99  99  SER SER A . n 
A 1 85  GLY 85  100 100 GLY GLY A . n 
A 1 86  PHE 86  101 101 PHE PHE A . n 
A 1 87  ALA 87  102 ?   ?   ?   A . n 
A 1 88  LYS 88  103 103 LYS LYS A . n 
A 1 89  ASN 89  104 104 ASN ASN A . n 
A 1 90  ASP 90  105 105 ASP ASP A . n 
A 1 91  LEU 91  106 106 LEU LEU A . n 
A 1 92  GLY 92  107 107 GLY GLY A . n 
A 1 93  LYS 93  108 108 LYS LYS A . n 
A 1 94  GLU 94  109 109 GLU GLU A . n 
A 1 95  ALA 95  110 110 ALA ALA A . n 
A 1 96  CYS 96  111 111 CYS CYS A . n 
A 1 97  GLU 97  112 112 GLU GLU A . n 
A 1 98  LEU 98  113 113 LEU LEU A . n 
A 1 99  PHE 99  114 114 PHE PHE A . n 
A 1 100 ASP 100 115 115 ASP ASP A . n 
A 1 101 PHE 101 116 116 PHE PHE A . n 
A 1 102 TYR 102 117 117 TYR TYR A . n 
A 1 103 LEU 103 118 118 LEU LEU A . n 
A 1 104 GLU 104 119 119 GLU GLU A . n 
A 1 105 LYS 105 120 120 LYS LYS A . n 
A 1 106 PRO 106 121 121 PRO PRO A . n 
A 1 107 ILE 107 122 122 ILE ILE A . n 
A 1 108 ASP 108 123 123 ASP ASP A . n 
A 1 109 ILE 109 124 124 ILE ILE A . n 
A 1 110 ALA 110 125 125 ALA ALA A . n 
A 1 111 SER 111 126 126 SER SER A . n 
A 1 112 LEU 112 127 127 LEU LEU A . n 
A 1 113 GLU 113 128 128 GLU GLU A . n 
A 1 114 PRO 114 129 129 PRO PRO A . n 
A 1 115 ILE 115 130 130 ILE ILE A . n 
A 1 116 LEU 116 131 131 LEU LEU A . n 
A 1 117 GLN 117 132 132 GLN GLN A . n 
A 1 118 SER 118 133 133 SER SER A . n 
A 1 119 ILE 119 134 134 ILE ILE A . n 
A 1 120 GLU 120 135 135 GLU GLU A . n 
A 1 121 GLY 121 136 ?   ?   ?   A . n 
A 1 122 HIS 122 137 ?   ?   ?   A . n 
A 1 123 HIS 123 138 ?   ?   ?   A . n 
A 1 124 HIS 124 139 ?   ?   ?   A . n 
A 1 125 HIS 125 140 ?   ?   ?   A . n 
A 1 126 HIS 126 141 ?   ?   ?   A . n 
A 1 127 HIS 127 142 ?   ?   ?   A . n 
# 
loop_
_pdbx_nonpoly_scheme.asym_id 
_pdbx_nonpoly_scheme.entity_id 
_pdbx_nonpoly_scheme.mon_id 
_pdbx_nonpoly_scheme.ndb_seq_num 
_pdbx_nonpoly_scheme.pdb_seq_num 
_pdbx_nonpoly_scheme.auth_seq_num 
_pdbx_nonpoly_scheme.pdb_mon_id 
_pdbx_nonpoly_scheme.auth_mon_id 
_pdbx_nonpoly_scheme.pdb_strand_id 
_pdbx_nonpoly_scheme.pdb_ins_code 
B 2 HOH 1 1  1  HOH HOH A . 
B 2 HOH 2 2  2  HOH HOH A . 
B 2 HOH 3 3  3  HOH HOH A . 
B 2 HOH 4 4  4  HOH HOH A . 
B 2 HOH 5 6  6  HOH HOH A . 
B 2 HOH 6 7  7  HOH HOH A . 
B 2 HOH 7 8  8  HOH HOH A . 
B 2 HOH 8 10 10 HOH HOH A . 
B 2 HOH 9 11 11 HOH HOH A . 
# 
loop_
_pdbx_unobs_or_zero_occ_atoms.id 
_pdbx_unobs_or_zero_occ_atoms.PDB_model_num 
_pdbx_unobs_or_zero_occ_atoms.polymer_flag 
_pdbx_unobs_or_zero_occ_atoms.occupancy_flag 
_pdbx_unobs_or_zero_occ_atoms.auth_asym_id 
_pdbx_unobs_or_zero_occ_atoms.auth_comp_id 
_pdbx_unobs_or_zero_occ_atoms.auth_seq_id 
_pdbx_unobs_or_zero_occ_atoms.PDB_ins_code 
_pdbx_unobs_or_zero_occ_atoms.auth_atom_id 
_pdbx_unobs_or_zero_occ_atoms.label_alt_id 
_pdbx_unobs_or_zero_occ_atoms.label_asym_id 
_pdbx_unobs_or_zero_occ_atoms.label_comp_id 
_pdbx_unobs_or_zero_occ_atoms.label_seq_id 
_pdbx_unobs_or_zero_occ_atoms.label_atom_id 
1  1 Y 1 A LYS 91  ? CG  ? A LYS 76 CG  
2  1 Y 1 A LYS 91  ? CD  ? A LYS 76 CD  
3  1 Y 1 A LYS 91  ? CE  ? A LYS 76 CE  
4  1 Y 1 A LYS 91  ? NZ  ? A LYS 76 NZ  
5  1 Y 1 A LYS 103 ? CG  ? A LYS 88 CG  
6  1 Y 1 A LYS 103 ? CD  ? A LYS 88 CD  
7  1 Y 1 A LYS 103 ? CE  ? A LYS 88 CE  
8  1 Y 1 A LYS 103 ? NZ  ? A LYS 88 NZ  
9  1 Y 1 A ASP 105 ? CG  ? A ASP 90 CG  
10 1 Y 1 A ASP 105 ? OD1 ? A ASP 90 OD1 
11 1 Y 1 A ASP 105 ? OD2 ? A ASP 90 OD2 
# 
loop_
_software.pdbx_ordinal 
_software.name 
_software.version 
_software.date 
_software.type 
_software.contact_author 
_software.contact_author_email 
_software.classification 
_software.location 
_software.language 
_software.citation_id 
1 DENZO       .     ?               package 'Zbyszek Otwinowski' hkl@hkl-xray.com      'data reduction'  http://www.hkl-xray.com/ 
?          ? 
2 SCALEPACK   .     ?               package 'Zbyszek Otwinowski' hkl@hkl-xray.com      'data scaling'    http://www.hkl-xray.com/ 
?          ? 
3 REFMAC      .     ?               program 'Garib N. Murshudov' garib@ysbl.york.ac.uk refinement        
http://www.ccp4.ac.uk/dist/html/refmac5.html Fortran_77 ? 
4 PDB_EXTRACT 3.005 'June 11, 2008' package PDB                  help@deposit.rcsb.org 'data extraction' 
http://sw-tools.pdb.org/apps/PDB_EXTRACT/    C++        ? 
5 CBASS       .     ?               ?       ?                    ?                     'data collection' ? ?          ? 
6 HKL-2000    .     ?               ?       ?                    ?                     'data reduction'  ? ?          ? 
7 PHENIX      .     ?               ?       ?                    ?                     phasing           ? ?          ? 
# 
_cell.length_a           81.998 
_cell.length_b           81.998 
_cell.length_c           33.291 
_cell.angle_alpha        90.000 
_cell.angle_beta         90.000 
_cell.angle_gamma        120.000 
_cell.entry_id           3I42 
_cell.pdbx_unique_axis   ? 
_cell.Z_PDB              6 
_cell.length_a_esd       ? 
_cell.length_b_esd       ? 
_cell.length_c_esd       ? 
_cell.angle_alpha_esd    ? 
_cell.angle_beta_esd     ? 
_cell.angle_gamma_esd    ? 
# 
_symmetry.space_group_name_H-M             'P 32 2 1' 
_symmetry.entry_id                         3I42 
_symmetry.Int_Tables_number                154 
_symmetry.pdbx_full_space_group_name_H-M   ? 
_symmetry.cell_setting                     ? 
_symmetry.space_group_name_Hall            ? 
# 
_exptl.crystals_number   1 
_exptl.entry_id          3I42 
_exptl.method            'X-RAY DIFFRACTION' 
# 
_exptl_crystal.id                    1 
_exptl_crystal.density_Matthews      2.28 
_exptl_crystal.density_meas          ? 
_exptl_crystal.density_percent_sol   46.12 
_exptl_crystal.description           ? 
_exptl_crystal.F_000                 ? 
_exptl_crystal.preparation           ? 
# 
_exptl_crystal_grow.crystal_id      1 
_exptl_crystal_grow.method          'VAPOR DIFFUSION, SITTING DROP' 
_exptl_crystal_grow.pH              7.0 
_exptl_crystal_grow.temp            298 
_exptl_crystal_grow.pdbx_details    
'0.1M Tris HCl pH 7.0, 0.2M NaCl, 1M Na-citrate dihydrate, temperature 298K, VAPOR DIFFUSION, SITTING DROP' 
_exptl_crystal_grow.temp_details    ? 
_exptl_crystal_grow.pdbx_pH_range   ? 
# 
_diffrn.id                     1 
_diffrn.ambient_temp           100 
_diffrn.ambient_temp_details   ? 
_diffrn.crystal_id             1 
# 
_diffrn_detector.diffrn_id              1 
_diffrn_detector.detector               CCD 
_diffrn_detector.type                   'ADSC QUANTUM 315' 
_diffrn_detector.pdbx_collection_date   2009-06-11 
_diffrn_detector.details                ? 
# 
_diffrn_radiation.diffrn_id                        1 
_diffrn_radiation.pdbx_diffrn_protocol             'SINGLE WAVELENGTH' 
_diffrn_radiation.monochromator                    ? 
_diffrn_radiation.wavelength_id                    1 
_diffrn_radiation.pdbx_monochromatic_or_laue_m_l   ? 
_diffrn_radiation.pdbx_scattering_type             x-ray 
# 
_diffrn_radiation_wavelength.id           1 
_diffrn_radiation_wavelength.wavelength   0.979 
_diffrn_radiation_wavelength.wt           1.0 
# 
_diffrn_source.diffrn_id                   1 
_diffrn_source.source                      SYNCHROTRON 
_diffrn_source.type                        'NSLS BEAMLINE X29A' 
_diffrn_source.pdbx_wavelength_list        0.979 
_diffrn_source.pdbx_wavelength             ? 
_diffrn_source.pdbx_synchrotron_site       NSLS 
_diffrn_source.pdbx_synchrotron_beamline   X29A 
# 
_reflns.entry_id                     3I42 
_reflns.d_resolution_high            2.150 
_reflns.d_resolution_low             50.000 
_reflns.number_obs                   7121 
_reflns.pdbx_Rmerge_I_obs            0.104 
_reflns.pdbx_netI_over_sigmaI        8.000 
_reflns.pdbx_chi_squared             1.102 
_reflns.pdbx_redundancy              9.800 
_reflns.percent_possible_obs         99.400 
_reflns.observed_criterion_sigma_F   ? 
_reflns.observed_criterion_sigma_I   ? 
_reflns.number_all                   7121 
_reflns.pdbx_Rsym_value              ? 
_reflns.B_iso_Wilson_estimate        ? 
_reflns.R_free_details               ? 
_reflns.limit_h_max                  ? 
_reflns.limit_h_min                  ? 
_reflns.limit_k_max                  ? 
_reflns.limit_k_min                  ? 
_reflns.limit_l_max                  ? 
_reflns.limit_l_min                  ? 
_reflns.observed_criterion_F_max     ? 
_reflns.observed_criterion_F_min     ? 
_reflns.pdbx_scaling_rejects         ? 
_reflns.pdbx_diffrn_id               1 
_reflns.pdbx_ordinal                 1 
# 
loop_
_reflns_shell.d_res_high 
_reflns_shell.d_res_low 
_reflns_shell.number_measured_obs 
_reflns_shell.number_measured_all 
_reflns_shell.number_unique_obs 
_reflns_shell.Rmerge_I_obs 
_reflns_shell.meanI_over_sigI_obs 
_reflns_shell.pdbx_Rsym_value 
_reflns_shell.pdbx_chi_squared 
_reflns_shell.pdbx_redundancy 
_reflns_shell.percent_possible_obs 
_reflns_shell.number_unique_all 
_reflns_shell.percent_possible_all 
_reflns_shell.pdbx_diffrn_id 
_reflns_shell.pdbx_ordinal 
2.15 2.23  ? ? ? 0.587 ? ? 0.908 6.60  ? 673 95.10  ? 1  
2.23 2.32  ? ? ? 0.529 ? ? 0.850 8.10  ? 694 100.00 ? 2  
2.32 2.42  ? ? ? 0.502 ? ? 0.882 9.60  ? 695 100.00 ? 3  
2.42 2.55  ? ? ? 0.381 ? ? 0.943 10.50 ? 719 100.00 ? 4  
2.55 2.71  ? ? ? 0.308 ? ? 0.969 11.00 ? 700 100.00 ? 5  
2.71 2.92  ? ? ? 0.230 ? ? 1.062 11.00 ? 717 100.00 ? 6  
2.92 3.21  ? ? ? 0.134 ? ? 1.101 10.90 ? 711 100.00 ? 7  
3.21 3.68  ? ? ? 0.091 ? ? 1.324 10.70 ? 726 100.00 ? 8  
3.68 4.63  ? ? ? 0.069 ? ? 1.340 10.10 ? 726 99.90  ? 9  
4.63 50.00 ? ? ? 0.061 ? ? 1.480 9.60  ? 760 99.50  ? 10 
# 
_refine.entry_id                                 3I42 
_refine.ls_d_res_high                            2.150 
_refine.ls_d_res_low                             35.51 
_refine.pdbx_ls_sigma_F                          0.00 
_refine.pdbx_data_cutoff_high_absF               ? 
_refine.pdbx_data_cutoff_low_absF                ? 
_refine.ls_percent_reflns_obs                    99.250 
_refine.ls_number_reflns_obs                     7110 
_refine.ls_number_reflns_all                     ? 
_refine.pdbx_ls_cross_valid_method               THROUGHOUT 
_refine.pdbx_R_Free_selection_details            RANDOM 
_refine.details                                  
'HYDROGENS HAVE BEEN ADDED IN THE RIDING POSITIONS. U VALUES REFINED INDIVIDUALLY.' 
_refine.ls_R_factor_all                          ? 
_refine.ls_R_factor_obs                          0.207 
_refine.ls_R_factor_R_work                       0.205 
_refine.ls_wR_factor_R_work                      0.201 
_refine.ls_R_factor_R_free                       0.240 
_refine.ls_wR_factor_R_free                      0.245 
_refine.ls_percent_reflns_R_free                 4.700 
_refine.ls_number_reflns_R_free                  336 
_refine.ls_R_factor_R_free_error                 ? 
_refine.B_iso_mean                               43.650 
_refine.solvent_model_param_bsol                 ? 
_refine.solvent_model_param_ksol                 ? 
_refine.pdbx_isotropic_thermal_model             ? 
_refine.aniso_B[1][1]                            1.470 
_refine.aniso_B[2][2]                            1.470 
_refine.aniso_B[3][3]                            -2.210 
_refine.aniso_B[1][2]                            0.740 
_refine.aniso_B[1][3]                            0.000 
_refine.aniso_B[2][3]                            0.000 
_refine.correlation_coeff_Fo_to_Fc               0.955 
_refine.correlation_coeff_Fo_to_Fc_free          0.948 
_refine.overall_SU_R_Cruickshank_DPI             0.244 
_refine.overall_SU_R_free                        0.194 
_refine.pdbx_overall_ESU_R                       0.244 
_refine.pdbx_overall_ESU_R_Free                  0.194 
_refine.overall_SU_ML                            0.169 
_refine.overall_SU_B                             6.568 
_refine.solvent_model_details                    MASK 
_refine.pdbx_solvent_vdw_probe_radii             1.200 
_refine.pdbx_solvent_ion_probe_radii             0.800 
_refine.pdbx_solvent_shrinkage_radii             0.800 
_refine.ls_number_parameters                     ? 
_refine.ls_number_restraints                     ? 
_refine.pdbx_starting_model                      ? 
_refine.pdbx_method_to_determine_struct          SAD 
_refine.pdbx_stereochemistry_target_values       'MAXIMUM LIKELIHOOD' 
_refine.pdbx_stereochem_target_val_spec_case     ? 
_refine.overall_FOM_work_R_set                   0.784 
_refine.B_iso_max                                410.51 
_refine.B_iso_min                                19.52 
_refine.occupancy_max                            1.00 
_refine.occupancy_min                            1.00 
_refine.pdbx_ls_sigma_I                          ? 
_refine.ls_redundancy_reflns_obs                 ? 
_refine.ls_R_factor_R_free_error_details         ? 
_refine.pdbx_data_cutoff_high_rms_absF           ? 
_refine.overall_FOM_free_R_set                   ? 
_refine.pdbx_overall_phase_error                 ? 
_refine.pdbx_refine_id                           'X-RAY DIFFRACTION' 
_refine.pdbx_diffrn_id                           1 
_refine.pdbx_TLS_residual_ADP_flag               ? 
_refine.pdbx_overall_SU_R_free_Cruickshank_DPI   ? 
_refine.pdbx_overall_SU_R_Blow_DPI               ? 
_refine.pdbx_overall_SU_R_free_Blow_DPI          ? 
# 
_refine_hist.pdbx_refine_id                   'X-RAY DIFFRACTION' 
_refine_hist.cycle_id                         LAST 
_refine_hist.pdbx_number_atoms_protein        905 
_refine_hist.pdbx_number_atoms_nucleic_acid   0 
_refine_hist.pdbx_number_atoms_ligand         0 
_refine_hist.number_atoms_solvent             9 
_refine_hist.number_atoms_total               914 
_refine_hist.d_res_high                       2.150 
_refine_hist.d_res_low                        35.51 
# 
loop_
_refine_ls_restr.type 
_refine_ls_restr.number 
_refine_ls_restr.dev_ideal 
_refine_ls_restr.dev_ideal_target 
_refine_ls_restr.weight 
_refine_ls_restr.pdbx_refine_id 
_refine_ls_restr.pdbx_restraint_function 
r_bond_refined_d       920  0.014  0.022  ? 'X-RAY DIFFRACTION' ? 
r_angle_refined_deg    1243 1.460  1.990  ? 'X-RAY DIFFRACTION' ? 
r_dihedral_angle_1_deg 116  6.533  5.000  ? 'X-RAY DIFFRACTION' ? 
r_dihedral_angle_2_deg 40   41.825 26.000 ? 'X-RAY DIFFRACTION' ? 
r_dihedral_angle_3_deg 158  17.758 15.000 ? 'X-RAY DIFFRACTION' ? 
r_dihedral_angle_4_deg 2    11.773 15.000 ? 'X-RAY DIFFRACTION' ? 
r_chiral_restr         146  0.092  0.200  ? 'X-RAY DIFFRACTION' ? 
r_gen_planes_refined   681  0.005  0.021  ? 'X-RAY DIFFRACTION' ? 
r_mcbond_it            461  1.090  1.500  ? 'X-RAY DIFFRACTION' ? 
r_mcangle_it           728  2.067  2.000  ? 'X-RAY DIFFRACTION' ? 
r_scbond_it            250  2.631  3.000  ? 'X-RAY DIFFRACTION' ? 
r_scangle_it           233  4.574  4.500  ? 'X-RAY DIFFRACTION' ? 
# 
_refine_ls_shell.d_res_high                       2.15 
_refine_ls_shell.d_res_low                        2.210 
_refine_ls_shell.pdbx_total_number_of_bins_used   20 
_refine_ls_shell.percent_reflns_obs               92.500 
_refine_ls_shell.number_reflns_R_work             451 
_refine_ls_shell.R_factor_all                     ? 
_refine_ls_shell.R_factor_R_work                  0.252 
_refine_ls_shell.R_factor_R_free                  0.294 
_refine_ls_shell.percent_reflns_R_free            ? 
_refine_ls_shell.number_reflns_R_free             30 
_refine_ls_shell.R_factor_R_free_error            ? 
_refine_ls_shell.number_reflns_all                481 
_refine_ls_shell.number_reflns_obs                ? 
_refine_ls_shell.redundancy_reflns_obs            ? 
_refine_ls_shell.pdbx_refine_id                   'X-RAY DIFFRACTION' 
# 
_struct.entry_id                  3I42 
_struct.title                     'Structure of response regulator receiver domain (CheY-like) from Methylobacillus flagellatus' 
_struct.pdbx_model_details        ? 
_struct.pdbx_CASP_flag            ? 
_struct.pdbx_model_type_details   ? 
# 
_struct_keywords.entry_id        3I42 
_struct_keywords.text            
;structural genomics, CheY-like, PSI-2, Protein Structure Initiative, New York SGX Research Center for Structural Genomics, NYSGXRC, Unknown function
;
_struct_keywords.pdbx_keywords   'Structural Genomics, Unknown function' 
# 
loop_
_struct_asym.id 
_struct_asym.pdbx_blank_PDB_chainid_flag 
_struct_asym.pdbx_modified 
_struct_asym.entity_id 
_struct_asym.details 
A N N 1 ? 
B N N 2 ? 
# 
_struct_ref.id                         1 
_struct_ref.db_name                    UNP 
_struct_ref.db_code                    Q1H0I3_METFK 
_struct_ref.pdbx_db_accession          Q1H0I3 
_struct_ref.entity_id                  1 
_struct_ref.pdbx_seq_one_letter_code   
;QQALIVEDYQAAAETFKELLEMLGFQADYVMSGTDALHAMSTRGYDAVFIDLNLPDTSGLALVKQLRALPMEKTSKFVAV
SGFAKNDLGKEACELFDFYLEKPIDIASLEPILQSI
;
_struct_ref.pdbx_align_begin           19 
_struct_ref.pdbx_db_isoform            ? 
# 
_struct_ref_seq.align_id                      1 
_struct_ref_seq.ref_id                        1 
_struct_ref_seq.pdbx_PDB_id_code              3I42 
_struct_ref_seq.pdbx_strand_id                A 
_struct_ref_seq.seq_align_beg                 4 
_struct_ref_seq.pdbx_seq_align_beg_ins_code   ? 
_struct_ref_seq.seq_align_end                 119 
_struct_ref_seq.pdbx_seq_align_end_ins_code   ? 
_struct_ref_seq.pdbx_db_accession             Q1H0I3 
_struct_ref_seq.db_align_beg                  19 
_struct_ref_seq.pdbx_db_align_beg_ins_code    ? 
_struct_ref_seq.db_align_end                  134 
_struct_ref_seq.pdbx_db_align_end_ins_code    ? 
_struct_ref_seq.pdbx_auth_seq_align_beg       19 
_struct_ref_seq.pdbx_auth_seq_align_end       134 
# 
loop_
_struct_ref_seq_dif.align_id 
_struct_ref_seq_dif.pdbx_pdb_id_code 
_struct_ref_seq_dif.mon_id 
_struct_ref_seq_dif.pdbx_pdb_strand_id 
_struct_ref_seq_dif.seq_num 
_struct_ref_seq_dif.pdbx_pdb_ins_code 
_struct_ref_seq_dif.pdbx_seq_db_name 
_struct_ref_seq_dif.pdbx_seq_db_accession_code 
_struct_ref_seq_dif.db_mon_id 
_struct_ref_seq_dif.pdbx_seq_db_seq_num 
_struct_ref_seq_dif.details 
_struct_ref_seq_dif.pdbx_auth_seq_num 
_struct_ref_seq_dif.pdbx_ordinal 
1 3I42 MET A 1   ? UNP Q1H0I3 ? ? 'expression tag' 16  1  
1 3I42 SER A 2   ? UNP Q1H0I3 ? ? 'expression tag' 17  2  
1 3I42 LEU A 3   ? UNP Q1H0I3 ? ? 'expression tag' 18  3  
1 3I42 GLU A 120 ? UNP Q1H0I3 ? ? 'expression tag' 135 4  
1 3I42 GLY A 121 ? UNP Q1H0I3 ? ? 'expression tag' 136 5  
1 3I42 HIS A 122 ? UNP Q1H0I3 ? ? 'expression tag' 137 6  
1 3I42 HIS A 123 ? UNP Q1H0I3 ? ? 'expression tag' 138 7  
1 3I42 HIS A 124 ? UNP Q1H0I3 ? ? 'expression tag' 139 8  
1 3I42 HIS A 125 ? UNP Q1H0I3 ? ? 'expression tag' 140 9  
1 3I42 HIS A 126 ? UNP Q1H0I3 ? ? 'expression tag' 141 10 
1 3I42 HIS A 127 ? UNP Q1H0I3 ? ? 'expression tag' 142 11 
# 
_pdbx_struct_assembly.id                   1 
_pdbx_struct_assembly.details              author_and_software_defined_assembly 
_pdbx_struct_assembly.method_details       PISA 
_pdbx_struct_assembly.oligomeric_details   dimeric 
_pdbx_struct_assembly.oligomeric_count     2 
# 
loop_
_pdbx_struct_assembly_prop.biol_id 
_pdbx_struct_assembly_prop.type 
_pdbx_struct_assembly_prop.value 
_pdbx_struct_assembly_prop.details 
1 'ABSA (A^2)' 910   ? 
1 MORE         -11   ? 
1 'SSA (A^2)'  11660 ? 
# 
_pdbx_struct_assembly_gen.assembly_id       1 
_pdbx_struct_assembly_gen.oper_expression   1,2 
_pdbx_struct_assembly_gen.asym_id_list      A,B 
# 
loop_
_pdbx_struct_oper_list.id 
_pdbx_struct_oper_list.type 
_pdbx_struct_oper_list.name 
_pdbx_struct_oper_list.symmetry_operation 
_pdbx_struct_oper_list.matrix[1][1] 
_pdbx_struct_oper_list.matrix[1][2] 
_pdbx_struct_oper_list.matrix[1][3] 
_pdbx_struct_oper_list.vector[1] 
_pdbx_struct_oper_list.matrix[2][1] 
_pdbx_struct_oper_list.matrix[2][2] 
_pdbx_struct_oper_list.matrix[2][3] 
_pdbx_struct_oper_list.vector[2] 
_pdbx_struct_oper_list.matrix[3][1] 
_pdbx_struct_oper_list.matrix[3][2] 
_pdbx_struct_oper_list.matrix[3][3] 
_pdbx_struct_oper_list.vector[3] 
1 'identity operation'         1_555 x,y,z              1.0000000000  0.0000000000 0.0000000000  0.0000000000  0.0000000000 1.0000000000  0.0000000000  0.0000000000   0.0000000000  0.0000000000  1.0000000000 0.0000000000   
2 'crystal symmetry operation' 6_765 -x+2,-x+y+1,-z+2/3 -0.9991192759 0.0275549104 -0.0316448973 -2.2633116767 0.0275549104 -0.1378990902 -0.9900629111 -22.5082203245 -0.0316448973 -0.9900629111 0.1370183661 -19.6621066735 
# 
_struct_biol.id        1 
_struct_biol.details   ? 
# 
loop_
_struct_conf.conf_type_id 
_struct_conf.id 
_struct_conf.pdbx_PDB_helix_id 
_struct_conf.beg_label_comp_id 
_struct_conf.beg_label_asym_id 
_struct_conf.beg_label_seq_id 
_struct_conf.pdbx_beg_PDB_ins_code 
_struct_conf.end_label_comp_id 
_struct_conf.end_label_asym_id 
_struct_conf.end_label_seq_id 
_struct_conf.pdbx_end_PDB_ins_code 
_struct_conf.beg_auth_comp_id 
_struct_conf.beg_auth_asym_id 
_struct_conf.beg_auth_seq_id 
_struct_conf.end_auth_comp_id 
_struct_conf.end_auth_asym_id 
_struct_conf.end_auth_seq_id 
_struct_conf.pdbx_PDB_helix_class 
_struct_conf.details 
_struct_conf.pdbx_PDB_helix_length 
HELX_P HELX_P1 1 TYR A 12  ? LEU A 26  ? TYR A 27  LEU A 41  1 ? 15 
HELX_P HELX_P2 2 SER A 35  ? ARG A 46  ? SER A 50  ARG A 61  1 ? 12 
HELX_P HELX_P3 3 SER A 61  ? LEU A 72  ? SER A 76  LEU A 87  1 ? 12 
HELX_P HELX_P4 4 PHE A 86  ? PHE A 86  ? PHE A 101 PHE A 101 5 ? 1  
HELX_P HELX_P5 5 LYS A 88  ? LEU A 91  ? LYS A 103 LEU A 106 5 ? 4  
HELX_P HELX_P6 6 GLY A 92  ? PHE A 99  ? GLY A 107 PHE A 114 1 ? 8  
HELX_P HELX_P7 7 ASP A 108 ? GLU A 120 ? ASP A 123 GLU A 135 1 ? 13 
# 
_struct_conf_type.id          HELX_P 
_struct_conf_type.criteria    ? 
_struct_conf_type.reference   ? 
# 
_struct_mon_prot_cis.pdbx_id                1 
_struct_mon_prot_cis.label_comp_id          LYS 
_struct_mon_prot_cis.label_seq_id           105 
_struct_mon_prot_cis.label_asym_id          A 
_struct_mon_prot_cis.label_alt_id           . 
_struct_mon_prot_cis.pdbx_PDB_ins_code      ? 
_struct_mon_prot_cis.auth_comp_id           LYS 
_struct_mon_prot_cis.auth_seq_id            120 
_struct_mon_prot_cis.auth_asym_id           A 
_struct_mon_prot_cis.pdbx_label_comp_id_2   PRO 
_struct_mon_prot_cis.pdbx_label_seq_id_2    106 
_struct_mon_prot_cis.pdbx_label_asym_id_2   A 
_struct_mon_prot_cis.pdbx_PDB_ins_code_2    ? 
_struct_mon_prot_cis.pdbx_auth_comp_id_2    PRO 
_struct_mon_prot_cis.pdbx_auth_seq_id_2     121 
_struct_mon_prot_cis.pdbx_auth_asym_id_2    A 
_struct_mon_prot_cis.pdbx_PDB_model_num     1 
_struct_mon_prot_cis.pdbx_omega_angle       1.28 
# 
_struct_sheet.id               A 
_struct_sheet.type             ? 
_struct_sheet.number_strands   5 
_struct_sheet.details          ? 
# 
loop_
_struct_sheet_order.sheet_id 
_struct_sheet_order.range_id_1 
_struct_sheet_order.range_id_2 
_struct_sheet_order.offset 
_struct_sheet_order.sense 
A 1 2 ? parallel 
A 2 3 ? parallel 
A 3 4 ? parallel 
A 4 5 ? parallel 
# 
loop_
_struct_sheet_range.sheet_id 
_struct_sheet_range.id 
_struct_sheet_range.beg_label_comp_id 
_struct_sheet_range.beg_label_asym_id 
_struct_sheet_range.beg_label_seq_id 
_struct_sheet_range.pdbx_beg_PDB_ins_code 
_struct_sheet_range.end_label_comp_id 
_struct_sheet_range.end_label_asym_id 
_struct_sheet_range.end_label_seq_id 
_struct_sheet_range.pdbx_end_PDB_ins_code 
_struct_sheet_range.beg_auth_comp_id 
_struct_sheet_range.beg_auth_asym_id 
_struct_sheet_range.beg_auth_seq_id 
_struct_sheet_range.end_auth_comp_id 
_struct_sheet_range.end_auth_asym_id 
_struct_sheet_range.end_auth_seq_id 
A 1 PHE A 28  ? VAL A 33  ? PHE A 43  VAL A 48  
A 2 GLN A 4   ? VAL A 9   ? GLN A 19  VAL A 24  
A 3 ALA A 50  ? ASP A 54  ? ALA A 65  ASP A 69  
A 4 LYS A 79  ? SER A 84  ? LYS A 94  SER A 99  
A 5 PHE A 101 ? GLU A 104 ? PHE A 116 GLU A 119 
# 
loop_
_pdbx_struct_sheet_hbond.sheet_id 
_pdbx_struct_sheet_hbond.range_id_1 
_pdbx_struct_sheet_hbond.range_id_2 
_pdbx_struct_sheet_hbond.range_1_label_atom_id 
_pdbx_struct_sheet_hbond.range_1_label_comp_id 
_pdbx_struct_sheet_hbond.range_1_label_asym_id 
_pdbx_struct_sheet_hbond.range_1_label_seq_id 
_pdbx_struct_sheet_hbond.range_1_PDB_ins_code 
_pdbx_struct_sheet_hbond.range_1_auth_atom_id 
_pdbx_struct_sheet_hbond.range_1_auth_comp_id 
_pdbx_struct_sheet_hbond.range_1_auth_asym_id 
_pdbx_struct_sheet_hbond.range_1_auth_seq_id 
_pdbx_struct_sheet_hbond.range_2_label_atom_id 
_pdbx_struct_sheet_hbond.range_2_label_comp_id 
_pdbx_struct_sheet_hbond.range_2_label_asym_id 
_pdbx_struct_sheet_hbond.range_2_label_seq_id 
_pdbx_struct_sheet_hbond.range_2_PDB_ins_code 
_pdbx_struct_sheet_hbond.range_2_auth_atom_id 
_pdbx_struct_sheet_hbond.range_2_auth_comp_id 
_pdbx_struct_sheet_hbond.range_2_auth_asym_id 
_pdbx_struct_sheet_hbond.range_2_auth_seq_id 
A 1 2 O GLN A 29 ? O GLN A 44 N ALA A 6   ? N ALA A 21  
A 2 3 N LEU A 7  ? N LEU A 22 O PHE A 52  ? O PHE A 67  
A 3 4 N ILE A 53 ? N ILE A 68 O VAL A 81  ? O VAL A 96  
A 4 5 N ALA A 82 ? N ALA A 97 O LEU A 103 ? O LEU A 118 
# 
_pdbx_validate_symm_contact.id                1 
_pdbx_validate_symm_contact.PDB_model_num     1 
_pdbx_validate_symm_contact.auth_atom_id_1    SG 
_pdbx_validate_symm_contact.auth_asym_id_1    A 
_pdbx_validate_symm_contact.auth_comp_id_1    CYS 
_pdbx_validate_symm_contact.auth_seq_id_1     111 
_pdbx_validate_symm_contact.PDB_ins_code_1    ? 
_pdbx_validate_symm_contact.label_alt_id_1    ? 
_pdbx_validate_symm_contact.site_symmetry_1   1_555 
_pdbx_validate_symm_contact.auth_atom_id_2    SG 
_pdbx_validate_symm_contact.auth_asym_id_2    A 
_pdbx_validate_symm_contact.auth_comp_id_2    CYS 
_pdbx_validate_symm_contact.auth_seq_id_2     111 
_pdbx_validate_symm_contact.PDB_ins_code_2    ? 
_pdbx_validate_symm_contact.label_alt_id_2    ? 
_pdbx_validate_symm_contact.site_symmetry_2   6_765 
_pdbx_validate_symm_contact.dist              2.06 
# 
_pdbx_SG_project.id                    1 
_pdbx_SG_project.project_name          'PSI, Protein Structure Initiative' 
_pdbx_SG_project.full_name_of_center   'New York SGX Research Center for Structural Genomics' 
_pdbx_SG_project.initial_of_center     NYSGXRC 
# 
loop_
_pdbx_unobs_or_zero_occ_residues.id 
_pdbx_unobs_or_zero_occ_residues.PDB_model_num 
_pdbx_unobs_or_zero_occ_residues.polymer_flag 
_pdbx_unobs_or_zero_occ_residues.occupancy_flag 
_pdbx_unobs_or_zero_occ_residues.auth_asym_id 
_pdbx_unobs_or_zero_occ_residues.auth_comp_id 
_pdbx_unobs_or_zero_occ_residues.auth_seq_id 
_pdbx_unobs_or_zero_occ_residues.PDB_ins_code 
_pdbx_unobs_or_zero_occ_residues.label_asym_id 
_pdbx_unobs_or_zero_occ_residues.label_comp_id 
_pdbx_unobs_or_zero_occ_residues.label_seq_id 
1 1 Y 1 A MET 16  ? A MET 1   
2 1 Y 1 A ALA 102 ? A ALA 87  
3 1 Y 1 A GLY 136 ? A GLY 121 
4 1 Y 1 A HIS 137 ? A HIS 122 
5 1 Y 1 A HIS 138 ? A HIS 123 
6 1 Y 1 A HIS 139 ? A HIS 124 
7 1 Y 1 A HIS 140 ? A HIS 125 
8 1 Y 1 A HIS 141 ? A HIS 126 
9 1 Y 1 A HIS 142 ? A HIS 127 
# 
loop_
_chem_comp_atom.comp_id 
_chem_comp_atom.atom_id 
_chem_comp_atom.type_symbol 
_chem_comp_atom.pdbx_aromatic_flag 
_chem_comp_atom.pdbx_stereo_config 
_chem_comp_atom.pdbx_ordinal 
ALA N    N N N 1   
ALA CA   C N S 2   
ALA C    C N N 3   
ALA O    O N N 4   
ALA CB   C N N 5   
ALA OXT  O N N 6   
ALA H    H N N 7   
ALA H2   H N N 8   
ALA HA   H N N 9   
ALA HB1  H N N 10  
ALA HB2  H N N 11  
ALA HB3  H N N 12  
ALA HXT  H N N 13  
ARG N    N N N 14  
ARG CA   C N S 15  
ARG C    C N N 16  
ARG O    O N N 17  
ARG CB   C N N 18  
ARG CG   C N N 19  
ARG CD   C N N 20  
ARG NE   N N N 21  
ARG CZ   C N N 22  
ARG NH1  N N N 23  
ARG NH2  N N N 24  
ARG OXT  O N N 25  
ARG H    H N N 26  
ARG H2   H N N 27  
ARG HA   H N N 28  
ARG HB2  H N N 29  
ARG HB3  H N N 30  
ARG HG2  H N N 31  
ARG HG3  H N N 32  
ARG HD2  H N N 33  
ARG HD3  H N N 34  
ARG HE   H N N 35  
ARG HH11 H N N 36  
ARG HH12 H N N 37  
ARG HH21 H N N 38  
ARG HH22 H N N 39  
ARG HXT  H N N 40  
ASN N    N N N 41  
ASN CA   C N S 42  
ASN C    C N N 43  
ASN O    O N N 44  
ASN CB   C N N 45  
ASN CG   C N N 46  
ASN OD1  O N N 47  
ASN ND2  N N N 48  
ASN OXT  O N N 49  
ASN H    H N N 50  
ASN H2   H N N 51  
ASN HA   H N N 52  
ASN HB2  H N N 53  
ASN HB3  H N N 54  
ASN HD21 H N N 55  
ASN HD22 H N N 56  
ASN HXT  H N N 57  
ASP N    N N N 58  
ASP CA   C N S 59  
ASP C    C N N 60  
ASP O    O N N 61  
ASP CB   C N N 62  
ASP CG   C N N 63  
ASP OD1  O N N 64  
ASP OD2  O N N 65  
ASP OXT  O N N 66  
ASP H    H N N 67  
ASP H2   H N N 68  
ASP HA   H N N 69  
ASP HB2  H N N 70  
ASP HB3  H N N 71  
ASP HD2  H N N 72  
ASP HXT  H N N 73  
CYS N    N N N 74  
CYS CA   C N R 75  
CYS C    C N N 76  
CYS O    O N N 77  
CYS CB   C N N 78  
CYS SG   S N N 79  
CYS OXT  O N N 80  
CYS H    H N N 81  
CYS H2   H N N 82  
CYS HA   H N N 83  
CYS HB2  H N N 84  
CYS HB3  H N N 85  
CYS HG   H N N 86  
CYS HXT  H N N 87  
GLN N    N N N 88  
GLN CA   C N S 89  
GLN C    C N N 90  
GLN O    O N N 91  
GLN CB   C N N 92  
GLN CG   C N N 93  
GLN CD   C N N 94  
GLN OE1  O N N 95  
GLN NE2  N N N 96  
GLN OXT  O N N 97  
GLN H    H N N 98  
GLN H2   H N N 99  
GLN HA   H N N 100 
GLN HB2  H N N 101 
GLN HB3  H N N 102 
GLN HG2  H N N 103 
GLN HG3  H N N 104 
GLN HE21 H N N 105 
GLN HE22 H N N 106 
GLN HXT  H N N 107 
GLU N    N N N 108 
GLU CA   C N S 109 
GLU C    C N N 110 
GLU O    O N N 111 
GLU CB   C N N 112 
GLU CG   C N N 113 
GLU CD   C N N 114 
GLU OE1  O N N 115 
GLU OE2  O N N 116 
GLU OXT  O N N 117 
GLU H    H N N 118 
GLU H2   H N N 119 
GLU HA   H N N 120 
GLU HB2  H N N 121 
GLU HB3  H N N 122 
GLU HG2  H N N 123 
GLU HG3  H N N 124 
GLU HE2  H N N 125 
GLU HXT  H N N 126 
GLY N    N N N 127 
GLY CA   C N N 128 
GLY C    C N N 129 
GLY O    O N N 130 
GLY OXT  O N N 131 
GLY H    H N N 132 
GLY H2   H N N 133 
GLY HA2  H N N 134 
GLY HA3  H N N 135 
GLY HXT  H N N 136 
HIS N    N N N 137 
HIS CA   C N S 138 
HIS C    C N N 139 
HIS O    O N N 140 
HIS CB   C N N 141 
HIS CG   C Y N 142 
HIS ND1  N Y N 143 
HIS CD2  C Y N 144 
HIS CE1  C Y N 145 
HIS NE2  N Y N 146 
HIS OXT  O N N 147 
HIS H    H N N 148 
HIS H2   H N N 149 
HIS HA   H N N 150 
HIS HB2  H N N 151 
HIS HB3  H N N 152 
HIS HD1  H N N 153 
HIS HD2  H N N 154 
HIS HE1  H N N 155 
HIS HE2  H N N 156 
HIS HXT  H N N 157 
HOH O    O N N 158 
HOH H1   H N N 159 
HOH H2   H N N 160 
ILE N    N N N 161 
ILE CA   C N S 162 
ILE C    C N N 163 
ILE O    O N N 164 
ILE CB   C N S 165 
ILE CG1  C N N 166 
ILE CG2  C N N 167 
ILE CD1  C N N 168 
ILE OXT  O N N 169 
ILE H    H N N 170 
ILE H2   H N N 171 
ILE HA   H N N 172 
ILE HB   H N N 173 
ILE HG12 H N N 174 
ILE HG13 H N N 175 
ILE HG21 H N N 176 
ILE HG22 H N N 177 
ILE HG23 H N N 178 
ILE HD11 H N N 179 
ILE HD12 H N N 180 
ILE HD13 H N N 181 
ILE HXT  H N N 182 
LEU N    N N N 183 
LEU CA   C N S 184 
LEU C    C N N 185 
LEU O    O N N 186 
LEU CB   C N N 187 
LEU CG   C N N 188 
LEU CD1  C N N 189 
LEU CD2  C N N 190 
LEU OXT  O N N 191 
LEU H    H N N 192 
LEU H2   H N N 193 
LEU HA   H N N 194 
LEU HB2  H N N 195 
LEU HB3  H N N 196 
LEU HG   H N N 197 
LEU HD11 H N N 198 
LEU HD12 H N N 199 
LEU HD13 H N N 200 
LEU HD21 H N N 201 
LEU HD22 H N N 202 
LEU HD23 H N N 203 
LEU HXT  H N N 204 
LYS N    N N N 205 
LYS CA   C N S 206 
LYS C    C N N 207 
LYS O    O N N 208 
LYS CB   C N N 209 
LYS CG   C N N 210 
LYS CD   C N N 211 
LYS CE   C N N 212 
LYS NZ   N N N 213 
LYS OXT  O N N 214 
LYS H    H N N 215 
LYS H2   H N N 216 
LYS HA   H N N 217 
LYS HB2  H N N 218 
LYS HB3  H N N 219 
LYS HG2  H N N 220 
LYS HG3  H N N 221 
LYS HD2  H N N 222 
LYS HD3  H N N 223 
LYS HE2  H N N 224 
LYS HE3  H N N 225 
LYS HZ1  H N N 226 
LYS HZ2  H N N 227 
LYS HZ3  H N N 228 
LYS HXT  H N N 229 
MET N    N N N 230 
MET CA   C N S 231 
MET C    C N N 232 
MET O    O N N 233 
MET CB   C N N 234 
MET CG   C N N 235 
MET SD   S N N 236 
MET CE   C N N 237 
MET OXT  O N N 238 
MET H    H N N 239 
MET H2   H N N 240 
MET HA   H N N 241 
MET HB2  H N N 242 
MET HB3  H N N 243 
MET HG2  H N N 244 
MET HG3  H N N 245 
MET HE1  H N N 246 
MET HE2  H N N 247 
MET HE3  H N N 248 
MET HXT  H N N 249 
PHE N    N N N 250 
PHE CA   C N S 251 
PHE C    C N N 252 
PHE O    O N N 253 
PHE CB   C N N 254 
PHE CG   C Y N 255 
PHE CD1  C Y N 256 
PHE CD2  C Y N 257 
PHE CE1  C Y N 258 
PHE CE2  C Y N 259 
PHE CZ   C Y N 260 
PHE OXT  O N N 261 
PHE H    H N N 262 
PHE H2   H N N 263 
PHE HA   H N N 264 
PHE HB2  H N N 265 
PHE HB3  H N N 266 
PHE HD1  H N N 267 
PHE HD2  H N N 268 
PHE HE1  H N N 269 
PHE HE2  H N N 270 
PHE HZ   H N N 271 
PHE HXT  H N N 272 
PRO N    N N N 273 
PRO CA   C N S 274 
PRO C    C N N 275 
PRO O    O N N 276 
PRO CB   C N N 277 
PRO CG   C N N 278 
PRO CD   C N N 279 
PRO OXT  O N N 280 
PRO H    H N N 281 
PRO HA   H N N 282 
PRO HB2  H N N 283 
PRO HB3  H N N 284 
PRO HG2  H N N 285 
PRO HG3  H N N 286 
PRO HD2  H N N 287 
PRO HD3  H N N 288 
PRO HXT  H N N 289 
SER N    N N N 290 
SER CA   C N S 291 
SER C    C N N 292 
SER O    O N N 293 
SER CB   C N N 294 
SER OG   O N N 295 
SER OXT  O N N 296 
SER H    H N N 297 
SER H2   H N N 298 
SER HA   H N N 299 
SER HB2  H N N 300 
SER HB3  H N N 301 
SER HG   H N N 302 
SER HXT  H N N 303 
THR N    N N N 304 
THR CA   C N S 305 
THR C    C N N 306 
THR O    O N N 307 
THR CB   C N R 308 
THR OG1  O N N 309 
THR CG2  C N N 310 
THR OXT  O N N 311 
THR H    H N N 312 
THR H2   H N N 313 
THR HA   H N N 314 
THR HB   H N N 315 
THR HG1  H N N 316 
THR HG21 H N N 317 
THR HG22 H N N 318 
THR HG23 H N N 319 
THR HXT  H N N 320 
TYR N    N N N 321 
TYR CA   C N S 322 
TYR C    C N N 323 
TYR O    O N N 324 
TYR CB   C N N 325 
TYR CG   C Y N 326 
TYR CD1  C Y N 327 
TYR CD2  C Y N 328 
TYR CE1  C Y N 329 
TYR CE2  C Y N 330 
TYR CZ   C Y N 331 
TYR OH   O N N 332 
TYR OXT  O N N 333 
TYR H    H N N 334 
TYR H2   H N N 335 
TYR HA   H N N 336 
TYR HB2  H N N 337 
TYR HB3  H N N 338 
TYR HD1  H N N 339 
TYR HD2  H N N 340 
TYR HE1  H N N 341 
TYR HE2  H N N 342 
TYR HH   H N N 343 
TYR HXT  H N N 344 
VAL N    N N N 345 
VAL CA   C N S 346 
VAL C    C N N 347 
VAL O    O N N 348 
VAL CB   C N N 349 
VAL CG1  C N N 350 
VAL CG2  C N N 351 
VAL OXT  O N N 352 
VAL H    H N N 353 
VAL H2   H N N 354 
VAL HA   H N N 355 
VAL HB   H N N 356 
VAL HG11 H N N 357 
VAL HG12 H N N 358 
VAL HG13 H N N 359 
VAL HG21 H N N 360 
VAL HG22 H N N 361 
VAL HG23 H N N 362 
VAL HXT  H N N 363 
# 
loop_
_chem_comp_bond.comp_id 
_chem_comp_bond.atom_id_1 
_chem_comp_bond.atom_id_2 
_chem_comp_bond.value_order 
_chem_comp_bond.pdbx_aromatic_flag 
_chem_comp_bond.pdbx_stereo_config 
_chem_comp_bond.pdbx_ordinal 
ALA N   CA   sing N N 1   
ALA N   H    sing N N 2   
ALA N   H2   sing N N 3   
ALA CA  C    sing N N 4   
ALA CA  CB   sing N N 5   
ALA CA  HA   sing N N 6   
ALA C   O    doub N N 7   
ALA C   OXT  sing N N 8   
ALA CB  HB1  sing N N 9   
ALA CB  HB2  sing N N 10  
ALA CB  HB3  sing N N 11  
ALA OXT HXT  sing N N 12  
ARG N   CA   sing N N 13  
ARG N   H    sing N N 14  
ARG N   H2   sing N N 15  
ARG CA  C    sing N N 16  
ARG CA  CB   sing N N 17  
ARG CA  HA   sing N N 18  
ARG C   O    doub N N 19  
ARG C   OXT  sing N N 20  
ARG CB  CG   sing N N 21  
ARG CB  HB2  sing N N 22  
ARG CB  HB3  sing N N 23  
ARG CG  CD   sing N N 24  
ARG CG  HG2  sing N N 25  
ARG CG  HG3  sing N N 26  
ARG CD  NE   sing N N 27  
ARG CD  HD2  sing N N 28  
ARG CD  HD3  sing N N 29  
ARG NE  CZ   sing N N 30  
ARG NE  HE   sing N N 31  
ARG CZ  NH1  sing N N 32  
ARG CZ  NH2  doub N N 33  
ARG NH1 HH11 sing N N 34  
ARG NH1 HH12 sing N N 35  
ARG NH2 HH21 sing N N 36  
ARG NH2 HH22 sing N N 37  
ARG OXT HXT  sing N N 38  
ASN N   CA   sing N N 39  
ASN N   H    sing N N 40  
ASN N   H2   sing N N 41  
ASN CA  C    sing N N 42  
ASN CA  CB   sing N N 43  
ASN CA  HA   sing N N 44  
ASN C   O    doub N N 45  
ASN C   OXT  sing N N 46  
ASN CB  CG   sing N N 47  
ASN CB  HB2  sing N N 48  
ASN CB  HB3  sing N N 49  
ASN CG  OD1  doub N N 50  
ASN CG  ND2  sing N N 51  
ASN ND2 HD21 sing N N 52  
ASN ND2 HD22 sing N N 53  
ASN OXT HXT  sing N N 54  
ASP N   CA   sing N N 55  
ASP N   H    sing N N 56  
ASP N   H2   sing N N 57  
ASP CA  C    sing N N 58  
ASP CA  CB   sing N N 59  
ASP CA  HA   sing N N 60  
ASP C   O    doub N N 61  
ASP C   OXT  sing N N 62  
ASP CB  CG   sing N N 63  
ASP CB  HB2  sing N N 64  
ASP CB  HB3  sing N N 65  
ASP CG  OD1  doub N N 66  
ASP CG  OD2  sing N N 67  
ASP OD2 HD2  sing N N 68  
ASP OXT HXT  sing N N 69  
CYS N   CA   sing N N 70  
CYS N   H    sing N N 71  
CYS N   H2   sing N N 72  
CYS CA  C    sing N N 73  
CYS CA  CB   sing N N 74  
CYS CA  HA   sing N N 75  
CYS C   O    doub N N 76  
CYS C   OXT  sing N N 77  
CYS CB  SG   sing N N 78  
CYS CB  HB2  sing N N 79  
CYS CB  HB3  sing N N 80  
CYS SG  HG   sing N N 81  
CYS OXT HXT  sing N N 82  
GLN N   CA   sing N N 83  
GLN N   H    sing N N 84  
GLN N   H2   sing N N 85  
GLN CA  C    sing N N 86  
GLN CA  CB   sing N N 87  
GLN CA  HA   sing N N 88  
GLN C   O    doub N N 89  
GLN C   OXT  sing N N 90  
GLN CB  CG   sing N N 91  
GLN CB  HB2  sing N N 92  
GLN CB  HB3  sing N N 93  
GLN CG  CD   sing N N 94  
GLN CG  HG2  sing N N 95  
GLN CG  HG3  sing N N 96  
GLN CD  OE1  doub N N 97  
GLN CD  NE2  sing N N 98  
GLN NE2 HE21 sing N N 99  
GLN NE2 HE22 sing N N 100 
GLN OXT HXT  sing N N 101 
GLU N   CA   sing N N 102 
GLU N   H    sing N N 103 
GLU N   H2   sing N N 104 
GLU CA  C    sing N N 105 
GLU CA  CB   sing N N 106 
GLU CA  HA   sing N N 107 
GLU C   O    doub N N 108 
GLU C   OXT  sing N N 109 
GLU CB  CG   sing N N 110 
GLU CB  HB2  sing N N 111 
GLU CB  HB3  sing N N 112 
GLU CG  CD   sing N N 113 
GLU CG  HG2  sing N N 114 
GLU CG  HG3  sing N N 115 
GLU CD  OE1  doub N N 116 
GLU CD  OE2  sing N N 117 
GLU OE2 HE2  sing N N 118 
GLU OXT HXT  sing N N 119 
GLY N   CA   sing N N 120 
GLY N   H    sing N N 121 
GLY N   H2   sing N N 122 
GLY CA  C    sing N N 123 
GLY CA  HA2  sing N N 124 
GLY CA  HA3  sing N N 125 
GLY C   O    doub N N 126 
GLY C   OXT  sing N N 127 
GLY OXT HXT  sing N N 128 
HIS N   CA   sing N N 129 
HIS N   H    sing N N 130 
HIS N   H2   sing N N 131 
HIS CA  C    sing N N 132 
HIS CA  CB   sing N N 133 
HIS CA  HA   sing N N 134 
HIS C   O    doub N N 135 
HIS C   OXT  sing N N 136 
HIS CB  CG   sing N N 137 
HIS CB  HB2  sing N N 138 
HIS CB  HB3  sing N N 139 
HIS CG  ND1  sing Y N 140 
HIS CG  CD2  doub Y N 141 
HIS ND1 CE1  doub Y N 142 
HIS ND1 HD1  sing N N 143 
HIS CD2 NE2  sing Y N 144 
HIS CD2 HD2  sing N N 145 
HIS CE1 NE2  sing Y N 146 
HIS CE1 HE1  sing N N 147 
HIS NE2 HE2  sing N N 148 
HIS OXT HXT  sing N N 149 
HOH O   H1   sing N N 150 
HOH O   H2   sing N N 151 
ILE N   CA   sing N N 152 
ILE N   H    sing N N 153 
ILE N   H2   sing N N 154 
ILE CA  C    sing N N 155 
ILE CA  CB   sing N N 156 
ILE CA  HA   sing N N 157 
ILE C   O    doub N N 158 
ILE C   OXT  sing N N 159 
ILE CB  CG1  sing N N 160 
ILE CB  CG2  sing N N 161 
ILE CB  HB   sing N N 162 
ILE CG1 CD1  sing N N 163 
ILE CG1 HG12 sing N N 164 
ILE CG1 HG13 sing N N 165 
ILE CG2 HG21 sing N N 166 
ILE CG2 HG22 sing N N 167 
ILE CG2 HG23 sing N N 168 
ILE CD1 HD11 sing N N 169 
ILE CD1 HD12 sing N N 170 
ILE CD1 HD13 sing N N 171 
ILE OXT HXT  sing N N 172 
LEU N   CA   sing N N 173 
LEU N   H    sing N N 174 
LEU N   H2   sing N N 175 
LEU CA  C    sing N N 176 
LEU CA  CB   sing N N 177 
LEU CA  HA   sing N N 178 
LEU C   O    doub N N 179 
LEU C   OXT  sing N N 180 
LEU CB  CG   sing N N 181 
LEU CB  HB2  sing N N 182 
LEU CB  HB3  sing N N 183 
LEU CG  CD1  sing N N 184 
LEU CG  CD2  sing N N 185 
LEU CG  HG   sing N N 186 
LEU CD1 HD11 sing N N 187 
LEU CD1 HD12 sing N N 188 
LEU CD1 HD13 sing N N 189 
LEU CD2 HD21 sing N N 190 
LEU CD2 HD22 sing N N 191 
LEU CD2 HD23 sing N N 192 
LEU OXT HXT  sing N N 193 
LYS N   CA   sing N N 194 
LYS N   H    sing N N 195 
LYS N   H2   sing N N 196 
LYS CA  C    sing N N 197 
LYS CA  CB   sing N N 198 
LYS CA  HA   sing N N 199 
LYS C   O    doub N N 200 
LYS C   OXT  sing N N 201 
LYS CB  CG   sing N N 202 
LYS CB  HB2  sing N N 203 
LYS CB  HB3  sing N N 204 
LYS CG  CD   sing N N 205 
LYS CG  HG2  sing N N 206 
LYS CG  HG3  sing N N 207 
LYS CD  CE   sing N N 208 
LYS CD  HD2  sing N N 209 
LYS CD  HD3  sing N N 210 
LYS CE  NZ   sing N N 211 
LYS CE  HE2  sing N N 212 
LYS CE  HE3  sing N N 213 
LYS NZ  HZ1  sing N N 214 
LYS NZ  HZ2  sing N N 215 
LYS NZ  HZ3  sing N N 216 
LYS OXT HXT  sing N N 217 
MET N   CA   sing N N 218 
MET N   H    sing N N 219 
MET N   H2   sing N N 220 
MET CA  C    sing N N 221 
MET CA  CB   sing N N 222 
MET CA  HA   sing N N 223 
MET C   O    doub N N 224 
MET C   OXT  sing N N 225 
MET CB  CG   sing N N 226 
MET CB  HB2  sing N N 227 
MET CB  HB3  sing N N 228 
MET CG  SD   sing N N 229 
MET CG  HG2  sing N N 230 
MET CG  HG3  sing N N 231 
MET SD  CE   sing N N 232 
MET CE  HE1  sing N N 233 
MET CE  HE2  sing N N 234 
MET CE  HE3  sing N N 235 
MET OXT HXT  sing N N 236 
PHE N   CA   sing N N 237 
PHE N   H    sing N N 238 
PHE N   H2   sing N N 239 
PHE CA  C    sing N N 240 
PHE CA  CB   sing N N 241 
PHE CA  HA   sing N N 242 
PHE C   O    doub N N 243 
PHE C   OXT  sing N N 244 
PHE CB  CG   sing N N 245 
PHE CB  HB2  sing N N 246 
PHE CB  HB3  sing N N 247 
PHE CG  CD1  doub Y N 248 
PHE CG  CD2  sing Y N 249 
PHE CD1 CE1  sing Y N 250 
PHE CD1 HD1  sing N N 251 
PHE CD2 CE2  doub Y N 252 
PHE CD2 HD2  sing N N 253 
PHE CE1 CZ   doub Y N 254 
PHE CE1 HE1  sing N N 255 
PHE CE2 CZ   sing Y N 256 
PHE CE2 HE2  sing N N 257 
PHE CZ  HZ   sing N N 258 
PHE OXT HXT  sing N N 259 
PRO N   CA   sing N N 260 
PRO N   CD   sing N N 261 
PRO N   H    sing N N 262 
PRO CA  C    sing N N 263 
PRO CA  CB   sing N N 264 
PRO CA  HA   sing N N 265 
PRO C   O    doub N N 266 
PRO C   OXT  sing N N 267 
PRO CB  CG   sing N N 268 
PRO CB  HB2  sing N N 269 
PRO CB  HB3  sing N N 270 
PRO CG  CD   sing N N 271 
PRO CG  HG2  sing N N 272 
PRO CG  HG3  sing N N 273 
PRO CD  HD2  sing N N 274 
PRO CD  HD3  sing N N 275 
PRO OXT HXT  sing N N 276 
SER N   CA   sing N N 277 
SER N   H    sing N N 278 
SER N   H2   sing N N 279 
SER CA  C    sing N N 280 
SER CA  CB   sing N N 281 
SER CA  HA   sing N N 282 
SER C   O    doub N N 283 
SER C   OXT  sing N N 284 
SER CB  OG   sing N N 285 
SER CB  HB2  sing N N 286 
SER CB  HB3  sing N N 287 
SER OG  HG   sing N N 288 
SER OXT HXT  sing N N 289 
THR N   CA   sing N N 290 
THR N   H    sing N N 291 
THR N   H2   sing N N 292 
THR CA  C    sing N N 293 
THR CA  CB   sing N N 294 
THR CA  HA   sing N N 295 
THR C   O    doub N N 296 
THR C   OXT  sing N N 297 
THR CB  OG1  sing N N 298 
THR CB  CG2  sing N N 299 
THR CB  HB   sing N N 300 
THR OG1 HG1  sing N N 301 
THR CG2 HG21 sing N N 302 
THR CG2 HG22 sing N N 303 
THR CG2 HG23 sing N N 304 
THR OXT HXT  sing N N 305 
TYR N   CA   sing N N 306 
TYR N   H    sing N N 307 
TYR N   H2   sing N N 308 
TYR CA  C    sing N N 309 
TYR CA  CB   sing N N 310 
TYR CA  HA   sing N N 311 
TYR C   O    doub N N 312 
TYR C   OXT  sing N N 313 
TYR CB  CG   sing N N 314 
TYR CB  HB2  sing N N 315 
TYR CB  HB3  sing N N 316 
TYR CG  CD1  doub Y N 317 
TYR CG  CD2  sing Y N 318 
TYR CD1 CE1  sing Y N 319 
TYR CD1 HD1  sing N N 320 
TYR CD2 CE2  doub Y N 321 
TYR CD2 HD2  sing N N 322 
TYR CE1 CZ   doub Y N 323 
TYR CE1 HE1  sing N N 324 
TYR CE2 CZ   sing Y N 325 
TYR CE2 HE2  sing N N 326 
TYR CZ  OH   sing N N 327 
TYR OH  HH   sing N N 328 
TYR OXT HXT  sing N N 329 
VAL N   CA   sing N N 330 
VAL N   H    sing N N 331 
VAL N   H2   sing N N 332 
VAL CA  C    sing N N 333 
VAL CA  CB   sing N N 334 
VAL CA  HA   sing N N 335 
VAL C   O    doub N N 336 
VAL C   OXT  sing N N 337 
VAL CB  CG1  sing N N 338 
VAL CB  CG2  sing N N 339 
VAL CB  HB   sing N N 340 
VAL CG1 HG11 sing N N 341 
VAL CG1 HG12 sing N N 342 
VAL CG1 HG13 sing N N 343 
VAL CG2 HG21 sing N N 344 
VAL CG2 HG22 sing N N 345 
VAL CG2 HG23 sing N N 346 
VAL OXT HXT  sing N N 347 
# 
_atom_sites.entry_id                    3I42 
_atom_sites.fract_transf_matrix[1][1]   -0.00010840 
_atom_sites.fract_transf_matrix[1][2]   -0.01061817 
_atom_sites.fract_transf_matrix[1][3]   -0.00924859 
_atom_sites.fract_transf_matrix[2][1]   -0.00031011 
_atom_sites.fract_transf_matrix[2][2]   -0.01331595 
_atom_sites.fract_transf_matrix[2][3]   0.00457079 
_atom_sites.fract_transf_matrix[3][1]   -0.03003050 
_atom_sites.fract_transf_matrix[3][2]   0.00058834 
_atom_sites.fract_transf_matrix[3][3]   -0.00032350 
_atom_sites.fract_transf_vector[1]      0.789427 
_atom_sites.fract_transf_vector[2]      0.229910 
_atom_sites.fract_transf_vector[3]      0.302788 
# 
loop_
_atom_type.symbol 
C 
N 
O 
S 
# 
loop_
_atom_site.group_PDB 
_atom_site.id 
_atom_site.type_symbol 
_atom_site.label_atom_id 
_atom_site.label_alt_id 
_atom_site.label_comp_id 
_atom_site.label_asym_id 
_atom_site.label_entity_id 
_atom_site.label_seq_id 
_atom_site.pdbx_PDB_ins_code 
_atom_site.Cartn_x 
_atom_site.Cartn_y 
_atom_site.Cartn_z 
_atom_site.occupancy 
_atom_site.B_iso_or_equiv 
_atom_site.pdbx_formal_charge 
_atom_site.auth_seq_id 
_atom_site.auth_comp_id 
_atom_site.auth_asym_id 
_atom_site.auth_atom_id 
_atom_site.pdbx_PDB_model_num 
ATOM   1   N N   . SER A 1 2   ? 8.528   14.711  -11.822 1.00 51.48  ? 17  SER A N   1 
ATOM   2   C CA  . SER A 1 2   ? 7.478   14.929  -10.783 1.00 51.31  ? 17  SER A CA  1 
ATOM   3   C C   . SER A 1 2   ? 7.712   14.077  -9.526  1.00 50.68  ? 17  SER A C   1 
ATOM   4   O O   . SER A 1 2   ? 8.674   13.308  -9.463  1.00 51.03  ? 17  SER A O   1 
ATOM   5   C CB  . SER A 1 2   ? 6.119   14.616  -11.388 1.00 51.98  ? 17  SER A CB  1 
ATOM   6   O OG  . SER A 1 2   ? 6.162   13.394  -12.126 1.00 54.13  ? 17  SER A OG  1 
ATOM   7   N N   . LEU A 1 3   ? 6.850   14.218  -8.526  1.00 49.24  ? 18  LEU A N   1 
ATOM   8   C CA  . LEU A 1 3   ? 6.949   13.420  -7.295  1.00 48.67  ? 18  LEU A CA  1 
ATOM   9   C C   . LEU A 1 3   ? 5.842   12.340  -7.239  1.00 47.34  ? 18  LEU A C   1 
ATOM   10  O O   . LEU A 1 3   ? 4.668   12.684  -7.301  1.00 46.93  ? 18  LEU A O   1 
ATOM   11  C CB  . LEU A 1 3   ? 6.796   14.346  -6.092  1.00 48.72  ? 18  LEU A CB  1 
ATOM   12  C CG  . LEU A 1 3   ? 7.545   14.032  -4.806  1.00 50.24  ? 18  LEU A CG  1 
ATOM   13  C CD1 . LEU A 1 3   ? 9.071   14.182  -4.993  1.00 50.45  ? 18  LEU A CD1 1 
ATOM   14  C CD2 . LEU A 1 3   ? 7.021   14.972  -3.726  1.00 51.78  ? 18  LEU A CD2 1 
ATOM   15  N N   . GLN A 1 4   ? 6.201   11.058  -7.131  1.00 45.94  ? 19  GLN A N   1 
ATOM   16  C CA  . GLN A 1 4   ? 5.179   10.008  -6.959  1.00 44.56  ? 19  GLN A CA  1 
ATOM   17  C C   . GLN A 1 4   ? 4.697   10.089  -5.539  1.00 43.29  ? 19  GLN A C   1 
ATOM   18  O O   . GLN A 1 4   ? 5.466   10.445  -4.666  1.00 42.84  ? 19  GLN A O   1 
ATOM   19  C CB  . GLN A 1 4   ? 5.724   8.610   -7.233  1.00 44.72  ? 19  GLN A CB  1 
ATOM   20  C CG  . GLN A 1 4   ? 6.341   8.430   -8.591  1.00 45.77  ? 19  GLN A CG  1 
ATOM   21  C CD  . GLN A 1 4   ? 5.336   8.520   -9.715  1.00 48.85  ? 19  GLN A CD  1 
ATOM   22  O OE1 . GLN A 1 4   ? 5.625   9.100   -10.766 1.00 52.15  ? 19  GLN A OE1 1 
ATOM   23  N NE2 . GLN A 1 4   ? 4.149   7.964   -9.505  1.00 47.23  ? 19  GLN A NE2 1 
ATOM   24  N N   . GLN A 1 5   ? 3.417   9.790   -5.324  1.00 41.82  ? 20  GLN A N   1 
ATOM   25  C CA  . GLN A 1 5   ? 2.803   9.897   -4.003  1.00 41.07  ? 20  GLN A CA  1 
ATOM   26  C C   . GLN A 1 5   ? 2.281   8.540   -3.522  1.00 39.23  ? 20  GLN A C   1 
ATOM   27  O O   . GLN A 1 5   ? 1.511   7.882   -4.220  1.00 38.70  ? 20  GLN A O   1 
ATOM   28  C CB  . GLN A 1 5   ? 1.645   10.885  -4.041  1.00 41.76  ? 20  GLN A CB  1 
ATOM   29  C CG  . GLN A 1 5   ? 2.035   12.337  -3.825  1.00 46.50  ? 20  GLN A CG  1 
ATOM   30  C CD  . GLN A 1 5   ? 0.794   13.189  -3.591  1.00 53.51  ? 20  GLN A CD  1 
ATOM   31  O OE1 . GLN A 1 5   ? 0.660   13.854  -2.549  1.00 55.27  ? 20  GLN A OE1 1 
ATOM   32  N NE2 . GLN A 1 5   ? -0.145  13.136  -4.545  1.00 53.15  ? 20  GLN A NE2 1 
ATOM   33  N N   . ALA A 1 6   ? 2.662   8.148   -2.316  1.00 36.66  ? 21  ALA A N   1 
ATOM   34  C CA  . ALA A 1 6   ? 2.335   6.818   -1.834  1.00 35.52  ? 21  ALA A CA  1 
ATOM   35  C C   . ALA A 1 6   ? 1.536   6.924   -0.549  1.00 34.14  ? 21  ALA A C   1 
ATOM   36  O O   . ALA A 1 6   ? 1.742   7.841   0.229   1.00 33.35  ? 21  ALA A O   1 
ATOM   37  C CB  . ALA A 1 6   ? 3.603   5.998   -1.611  1.00 35.13  ? 21  ALA A CB  1 
ATOM   38  N N   . LEU A 1 7   ? 0.606   5.987   -0.361  1.00 32.61  ? 22  LEU A N   1 
ATOM   39  C CA  . LEU A 1 7   ? -0.116  5.836   0.885   1.00 30.19  ? 22  LEU A CA  1 
ATOM   40  C C   . LEU A 1 7   ? 0.265   4.497   1.469   1.00 29.30  ? 22  LEU A C   1 
ATOM   41  O O   . LEU A 1 7   ? 0.213   3.466   0.802   1.00 28.77  ? 22  LEU A O   1 
ATOM   42  C CB  . LEU A 1 7   ? -1.641  5.921   0.672   1.00 30.63  ? 22  LEU A CB  1 
ATOM   43  C CG  . LEU A 1 7   ? -2.536  5.689   1.919   1.00 29.90  ? 22  LEU A CG  1 
ATOM   44  C CD1 . LEU A 1 7   ? -2.595  6.904   2.814   1.00 31.25  ? 22  LEU A CD1 1 
ATOM   45  C CD2 . LEU A 1 7   ? -3.964  5.273   1.537   1.00 31.90  ? 22  LEU A CD2 1 
ATOM   46  N N   . ILE A 1 8   ? 0.661   4.534   2.725   1.00 28.31  ? 23  ILE A N   1 
ATOM   47  C CA  . ILE A 1 8   ? 0.985   3.340   3.447   1.00 28.48  ? 23  ILE A CA  1 
ATOM   48  C C   . ILE A 1 8   ? -0.116  3.040   4.449   1.00 28.41  ? 23  ILE A C   1 
ATOM   49  O O   . ILE A 1 8   ? -0.499  3.909   5.238   1.00 28.36  ? 23  ILE A O   1 
ATOM   50  C CB  . ILE A 1 8   ? 2.310   3.521   4.218   1.00 28.58  ? 23  ILE A CB  1 
ATOM   51  C CG1 . ILE A 1 8   ? 3.453   3.751   3.251   1.00 28.72  ? 23  ILE A CG1 1 
ATOM   52  C CG2 . ILE A 1 8   ? 2.592   2.327   5.116   1.00 26.97  ? 23  ILE A CG2 1 
ATOM   53  C CD1 . ILE A 1 8   ? 4.617   4.557   3.956   1.00 34.36  ? 23  ILE A CD1 1 
ATOM   54  N N   . VAL A 1 9   ? -0.601  1.800   4.431   1.00 28.69  ? 24  VAL A N   1 
ATOM   55  C CA  . VAL A 1 9   ? -1.628  1.363   5.381   1.00 29.05  ? 24  VAL A CA  1 
ATOM   56  C C   . VAL A 1 9   ? -1.076  0.291   6.300   1.00 29.95  ? 24  VAL A C   1 
ATOM   57  O O   . VAL A 1 9   ? -0.852  -0.869  5.901   1.00 29.00  ? 24  VAL A O   1 
ATOM   58  C CB  . VAL A 1 9   ? -2.919  0.840   4.667   1.00 29.05  ? 24  VAL A CB  1 
ATOM   59  C CG1 . VAL A 1 9   ? -3.985  0.500   5.714   1.00 28.40  ? 24  VAL A CG1 1 
ATOM   60  C CG2 . VAL A 1 9   ? -3.452  1.881   3.649   1.00 26.65  ? 24  VAL A CG2 1 
ATOM   61  N N   . GLU A 1 10  ? -0.893  0.670   7.549   1.00 30.90  ? 25  GLU A N   1 
ATOM   62  C CA  . GLU A 1 10  ? -0.102  -0.129  8.460   1.00 34.00  ? 25  GLU A CA  1 
ATOM   63  C C   . GLU A 1 10  ? -0.383  0.404   9.846   1.00 35.09  ? 25  GLU A C   1 
ATOM   64  O O   . GLU A 1 10  ? -0.290  1.628   10.069  1.00 36.27  ? 25  GLU A O   1 
ATOM   65  C CB  . GLU A 1 10  ? 1.397   0.030   8.098   1.00 34.20  ? 25  GLU A CB  1 
ATOM   66  C CG  . GLU A 1 10  ? 2.379   -0.318  9.204   1.00 37.92  ? 25  GLU A CG  1 
ATOM   67  C CD  . GLU A 1 10  ? 2.185   -1.722  9.755   1.00 43.38  ? 25  GLU A CD  1 
ATOM   68  O OE1 . GLU A 1 10  ? 2.159   -2.677  8.948   1.00 43.49  ? 25  GLU A OE1 1 
ATOM   69  O OE2 . GLU A 1 10  ? 2.070   -1.873  11.000  1.00 46.47  ? 25  GLU A OE2 1 
ATOM   70  N N   . ASP A 1 11  ? -0.727  -0.490  10.768  1.00 36.15  ? 26  ASP A N   1 
ATOM   71  C CA  . ASP A 1 11  ? -1.165  -0.067  12.107  1.00 37.98  ? 26  ASP A CA  1 
ATOM   72  C C   . ASP A 1 11  ? -0.072  0.184   13.140  1.00 38.22  ? 26  ASP A C   1 
ATOM   73  O O   . ASP A 1 11  ? -0.339  0.861   14.147  1.00 39.43  ? 26  ASP A O   1 
ATOM   74  C CB  . ASP A 1 11  ? -2.187  -1.035  12.695  1.00 39.06  ? 26  ASP A CB  1 
ATOM   75  C CG  . ASP A 1 11  ? -1.711  -2.457  12.673  1.00 42.46  ? 26  ASP A CG  1 
ATOM   76  O OD1 . ASP A 1 11  ? -1.227  -2.915  11.612  1.00 46.70  ? 26  ASP A OD1 1 
ATOM   77  O OD2 . ASP A 1 11  ? -1.833  -3.118  13.734  1.00 49.54  ? 26  ASP A OD2 1 
ATOM   78  N N   . TYR A 1 12  ? 1.132   -0.340  12.906  1.00 36.94  ? 27  TYR A N   1 
ATOM   79  C CA  . TYR A 1 12  ? 2.252   -0.132  13.824  1.00 36.37  ? 27  TYR A CA  1 
ATOM   80  C C   . TYR A 1 12  ? 3.021   1.138   13.476  1.00 35.17  ? 27  TYR A C   1 
ATOM   81  O O   . TYR A 1 12  ? 3.678   1.196   12.446  1.00 33.65  ? 27  TYR A O   1 
ATOM   82  C CB  . TYR A 1 12  ? 3.194   -1.359  13.826  1.00 36.64  ? 27  TYR A CB  1 
ATOM   83  C CG  . TYR A 1 12  ? 4.317   -1.242  14.850  1.00 39.69  ? 27  TYR A CG  1 
ATOM   84  C CD1 . TYR A 1 12  ? 4.107   -0.590  16.076  1.00 40.07  ? 27  TYR A CD1 1 
ATOM   85  C CD2 . TYR A 1 12  ? 5.579   -1.782  14.594  1.00 39.57  ? 27  TYR A CD2 1 
ATOM   86  C CE1 . TYR A 1 12  ? 5.134   -0.465  17.009  1.00 42.77  ? 27  TYR A CE1 1 
ATOM   87  C CE2 . TYR A 1 12  ? 6.609   -1.674  15.534  1.00 41.96  ? 27  TYR A CE2 1 
ATOM   88  C CZ  . TYR A 1 12  ? 6.379   -1.015  16.727  1.00 42.37  ? 27  TYR A CZ  1 
ATOM   89  O OH  . TYR A 1 12  ? 7.389   -0.910  17.647  1.00 44.93  ? 27  TYR A OH  1 
ATOM   90  N N   . GLN A 1 13  ? 2.933   2.156   14.330  1.00 35.06  ? 28  GLN A N   1 
ATOM   91  C CA  . GLN A 1 13  ? 3.552   3.449   14.021  1.00 34.78  ? 28  GLN A CA  1 
ATOM   92  C C   . GLN A 1 13  ? 5.019   3.311   13.588  1.00 34.32  ? 28  GLN A C   1 
ATOM   93  O O   . GLN A 1 13  ? 5.411   3.805   12.528  1.00 34.10  ? 28  GLN A O   1 
ATOM   94  C CB  . GLN A 1 13  ? 3.451   4.375   15.220  1.00 35.46  ? 28  GLN A CB  1 
ATOM   95  C CG  . GLN A 1 13  ? 4.203   5.671   15.005  1.00 36.82  ? 28  GLN A CG  1 
ATOM   96  C CD  . GLN A 1 13  ? 4.307   6.501   16.260  1.00 41.20  ? 28  GLN A CD  1 
ATOM   97  O OE1 . GLN A 1 13  ? 3.702   6.178   17.283  1.00 42.58  ? 28  GLN A OE1 1 
ATOM   98  N NE2 . GLN A 1 13  ? 5.057   7.614   16.182  1.00 42.32  ? 28  GLN A NE2 1 
ATOM   99  N N   . ALA A 1 14  ? 5.825   2.642   14.406  1.00 33.48  ? 29  ALA A N   1 
ATOM   100 C CA  . ALA A 1 14  ? 7.246   2.502   14.110  1.00 33.73  ? 29  ALA A CA  1 
ATOM   101 C C   . ALA A 1 14  ? 7.513   1.815   12.749  1.00 33.47  ? 29  ALA A C   1 
ATOM   102 O O   . ALA A 1 14  ? 8.359   2.277   11.994  1.00 32.90  ? 29  ALA A O   1 
ATOM   103 C CB  . ALA A 1 14  ? 7.965   1.780   15.253  1.00 33.48  ? 29  ALA A CB  1 
ATOM   104 N N   . ALA A 1 15  ? 6.782   0.741   12.430  1.00 32.71  ? 30  ALA A N   1 
ATOM   105 C CA  . ALA A 1 15  ? 6.881   0.118   11.091  1.00 32.88  ? 30  ALA A CA  1 
ATOM   106 C C   . ALA A 1 15  ? 6.470   1.082   9.979   1.00 32.76  ? 30  ALA A C   1 
ATOM   107 O O   . ALA A 1 15  ? 7.069   1.106   8.903   1.00 32.49  ? 30  ALA A O   1 
ATOM   108 C CB  . ALA A 1 15  ? 6.047   -1.160  11.013  1.00 32.13  ? 30  ALA A CB  1 
ATOM   109 N N   . ALA A 1 16  ? 5.435   1.872   10.245  1.00 32.56  ? 31  ALA A N   1 
ATOM   110 C CA  . ALA A 1 16  ? 4.927   2.825   9.265   1.00 33.38  ? 31  ALA A CA  1 
ATOM   111 C C   . ALA A 1 16  ? 5.942   3.918   8.918   1.00 33.48  ? 31  ALA A C   1 
ATOM   112 O O   . ALA A 1 16  ? 6.161   4.225   7.739   1.00 34.48  ? 31  ALA A O   1 
ATOM   113 C CB  . ALA A 1 16  ? 3.595   3.442   9.753   1.00 32.66  ? 31  ALA A CB  1 
ATOM   114 N N   . GLU A 1 17  ? 6.556   4.501   9.940   1.00 33.88  ? 32  GLU A N   1 
ATOM   115 C CA  . GLU A 1 17  ? 7.566   5.528   9.762   1.00 34.69  ? 32  GLU A CA  1 
ATOM   116 C C   . GLU A 1 17  ? 8.808   5.032   9.005   1.00 34.43  ? 32  GLU A C   1 
ATOM   117 O O   . GLU A 1 17  ? 9.334   5.737   8.149   1.00 34.71  ? 32  GLU A O   1 
ATOM   118 C CB  . GLU A 1 17  ? 7.951   6.087   11.139  1.00 35.93  ? 32  GLU A CB  1 
ATOM   119 C CG  . GLU A 1 17  ? 6.758   6.724   11.916  1.00 37.42  ? 32  GLU A CG  1 
ATOM   120 C CD  . GLU A 1 17  ? 7.117   7.087   13.389  1.00 44.36  ? 32  GLU A CD  1 
ATOM   121 O OE1 . GLU A 1 17  ? 8.058   6.460   13.947  1.00 44.54  ? 32  GLU A OE1 1 
ATOM   122 O OE2 . GLU A 1 17  ? 6.450   7.987   13.994  1.00 44.64  ? 32  GLU A OE2 1 
ATOM   123 N N   . THR A 1 18  ? 9.271   3.821   9.318   1.00 34.91  ? 33  THR A N   1 
ATOM   124 C CA  . THR A 1 18  ? 10.414  3.208   8.626   1.00 34.77  ? 33  THR A CA  1 
ATOM   125 C C   . THR A 1 18  ? 10.060  3.065   7.162   1.00 34.38  ? 33  THR A C   1 
ATOM   126 O O   . THR A 1 18  ? 10.766  3.559   6.284   1.00 33.87  ? 33  THR A O   1 
ATOM   127 C CB  . THR A 1 18  ? 10.742  1.827   9.246   1.00 35.54  ? 33  THR A CB  1 
ATOM   128 O OG1 . THR A 1 18  ? 11.168  2.014   10.593  1.00 35.17  ? 33  THR A OG1 1 
ATOM   129 C CG2 . THR A 1 18  ? 11.853  1.100   8.485   1.00 35.07  ? 33  THR A CG2 1 
ATOM   130 N N   . PHE A 1 19  ? 8.928   2.418   6.901   1.00 34.37  ? 34  PHE A N   1 
ATOM   131 C CA  . PHE A 1 19  ? 8.431   2.246   5.545   1.00 33.80  ? 34  PHE A CA  1 
ATOM   132 C C   . PHE A 1 19  ? 8.412   3.592   4.829   1.00 33.93  ? 34  PHE A C   1 
ATOM   133 O O   . PHE A 1 19  ? 8.887   3.713   3.729   1.00 33.16  ? 34  PHE A O   1 
ATOM   134 C CB  . PHE A 1 19  ? 7.006   1.688   5.610   1.00 34.35  ? 34  PHE A CB  1 
ATOM   135 C CG  . PHE A 1 19  ? 6.558   0.996   4.367   1.00 34.25  ? 34  PHE A CG  1 
ATOM   136 C CD1 . PHE A 1 19  ? 5.682   -0.079  4.445   1.00 36.13  ? 34  PHE A CD1 1 
ATOM   137 C CD2 . PHE A 1 19  ? 7.017   1.390   3.114   1.00 33.91  ? 34  PHE A CD2 1 
ATOM   138 C CE1 . PHE A 1 19  ? 5.265   -0.720  3.293   1.00 34.72  ? 34  PHE A CE1 1 
ATOM   139 C CE2 . PHE A 1 19  ? 6.594   0.751   1.960   1.00 33.40  ? 34  PHE A CE2 1 
ATOM   140 C CZ  . PHE A 1 19  ? 5.743   -0.303  2.047   1.00 31.41  ? 34  PHE A CZ  1 
ATOM   141 N N   . LYS A 1 20  ? 7.840   4.599   5.475   1.00 34.79  ? 35  LYS A N   1 
ATOM   142 C CA  . LYS A 1 20  ? 7.768   5.941   4.924   1.00 35.41  ? 35  LYS A CA  1 
ATOM   143 C C   . LYS A 1 20  ? 9.170   6.554   4.626   1.00 36.16  ? 35  LYS A C   1 
ATOM   144 O O   . LYS A 1 20  ? 9.353   7.263   3.613   1.00 35.89  ? 35  LYS A O   1 
ATOM   145 C CB  . LYS A 1 20  ? 6.976   6.785   5.898   1.00 35.52  ? 35  LYS A CB  1 
ATOM   146 C CG  . LYS A 1 20  ? 6.856   8.256   5.585   1.00 37.65  ? 35  LYS A CG  1 
ATOM   147 C CD  . LYS A 1 20  ? 6.353   8.904   6.866   1.00 42.14  ? 35  LYS A CD  1 
ATOM   148 C CE  . LYS A 1 20  ? 5.659   10.230  6.651   1.00 46.20  ? 35  LYS A CE  1 
ATOM   149 N NZ  . LYS A 1 20  ? 6.606   11.300  6.251   1.00 46.22  ? 35  LYS A NZ  1 
ATOM   150 N N   . GLU A 1 21  ? 10.143  6.276   5.498   1.00 36.23  ? 36  GLU A N   1 
ATOM   151 C CA  . GLU A 1 21  ? 11.551  6.695   5.293   1.00 37.03  ? 36  GLU A CA  1 
ATOM   152 C C   . GLU A 1 21  ? 12.145  6.065   4.046   1.00 35.76  ? 36  GLU A C   1 
ATOM   153 O O   . GLU A 1 21  ? 12.771  6.726   3.227   1.00 35.27  ? 36  GLU A O   1 
ATOM   154 C CB  . GLU A 1 21  ? 12.404  6.231   6.467   1.00 37.96  ? 36  GLU A CB  1 
ATOM   155 C CG  . GLU A 1 21  ? 12.301  7.036   7.748   1.00 44.57  ? 36  GLU A CG  1 
ATOM   156 C CD  . GLU A 1 21  ? 13.459  6.696   8.718   1.00 53.87  ? 36  GLU A CD  1 
ATOM   157 O OE1 . GLU A 1 21  ? 13.216  6.013   9.758   1.00 56.25  ? 36  GLU A OE1 1 
ATOM   158 O OE2 . GLU A 1 21  ? 14.617  7.103   8.405   1.00 57.11  ? 36  GLU A OE2 1 
ATOM   159 N N   . LEU A 1 22  ? 11.934  4.768   3.894   1.00 35.66  ? 37  LEU A N   1 
ATOM   160 C CA  . LEU A 1 22  ? 12.451  4.077   2.741   1.00 35.12  ? 37  LEU A CA  1 
ATOM   161 C C   . LEU A 1 22  ? 11.888  4.640   1.448   1.00 35.36  ? 37  LEU A C   1 
ATOM   162 O O   . LEU A 1 22  ? 12.656  4.864   0.500   1.00 35.53  ? 37  LEU A O   1 
ATOM   163 C CB  . LEU A 1 22  ? 12.147  2.587   2.826   1.00 35.20  ? 37  LEU A CB  1 
ATOM   164 C CG  . LEU A 1 22  ? 12.687  1.723   3.973   1.00 36.19  ? 37  LEU A CG  1 
ATOM   165 C CD1 . LEU A 1 22  ? 12.213  0.278   3.801   1.00 36.67  ? 37  LEU A CD1 1 
ATOM   166 C CD2 . LEU A 1 22  ? 14.227  1.802   4.116   1.00 36.39  ? 37  LEU A CD2 1 
ATOM   167 N N   . LEU A 1 23  ? 10.558  4.824   1.385   1.00 34.67  ? 38  LEU A N   1 
ATOM   168 C CA  . LEU A 1 23  ? 9.913   5.334   0.178   1.00 34.91  ? 38  LEU A CA  1 
ATOM   169 C C   . LEU A 1 23  ? 10.493  6.706   -0.154  1.00 36.19  ? 38  LEU A C   1 
ATOM   170 O O   . LEU A 1 23  ? 10.777  7.014   -1.323  1.00 36.70  ? 38  LEU A O   1 
ATOM   171 C CB  . LEU A 1 23  ? 8.380   5.435   0.345   1.00 34.14  ? 38  LEU A CB  1 
ATOM   172 C CG  . LEU A 1 23  ? 7.590   4.120   0.412   1.00 33.40  ? 38  LEU A CG  1 
ATOM   173 C CD1 . LEU A 1 23  ? 6.141   4.366   0.666   1.00 34.08  ? 38  LEU A CD1 1 
ATOM   174 C CD2 . LEU A 1 23  ? 7.726   3.368   -0.890  1.00 28.85  ? 38  LEU A CD2 1 
ATOM   175 N N   . GLU A 1 24  ? 10.658  7.530   0.873   1.00 37.05  ? 39  GLU A N   1 
ATOM   176 C CA  . GLU A 1 24  ? 11.223  8.862   0.699   1.00 40.05  ? 39  GLU A CA  1 
ATOM   177 C C   . GLU A 1 24  ? 12.674  8.847   0.191   1.00 41.01  ? 39  GLU A C   1 
ATOM   178 O O   . GLU A 1 24  ? 13.033  9.591   -0.708  1.00 41.04  ? 39  GLU A O   1 
ATOM   179 C CB  . GLU A 1 24  ? 11.118  9.632   2.001   1.00 40.09  ? 39  GLU A CB  1 
ATOM   180 C CG  . GLU A 1 24  ? 9.696   10.081  2.267   1.00 44.16  ? 39  GLU A CG  1 
ATOM   181 C CD  . GLU A 1 24  ? 9.562   10.820  3.594   1.00 49.04  ? 39  GLU A CD  1 
ATOM   182 O OE1 . GLU A 1 24  ? 10.432  10.622  4.489   1.00 51.41  ? 39  GLU A OE1 1 
ATOM   183 O OE2 . GLU A 1 24  ? 8.587   11.603  3.741   1.00 50.63  ? 39  GLU A OE2 1 
ATOM   184 N N   . MET A 1 25  ? 13.488  7.958   0.736   1.00 42.52  ? 40  MET A N   1 
ATOM   185 C CA  . MET A 1 25  ? 14.840  7.778   0.214   1.00 44.03  ? 40  MET A CA  1 
ATOM   186 C C   . MET A 1 25  ? 14.838  7.399   -1.263  1.00 44.68  ? 40  MET A C   1 
ATOM   187 O O   . MET A 1 25  ? 15.825  7.613   -1.960  1.00 45.00  ? 40  MET A O   1 
ATOM   188 C CB  . MET A 1 25  ? 15.562  6.700   1.001   1.00 44.13  ? 40  MET A CB  1 
ATOM   189 C CG  . MET A 1 25  ? 16.199  7.170   2.303   1.00 46.30  ? 40  MET A CG  1 
ATOM   190 S SD  . MET A 1 25  ? 17.180  5.806   2.973   1.00 50.45  ? 40  MET A SD  1 
ATOM   191 C CE  . MET A 1 25  ? 17.798  5.133   1.477   1.00 45.83  ? 40  MET A CE  1 
ATOM   192 N N   . LEU A 1 26  ? 13.745  6.808   -1.745  1.00 45.21  ? 41  LEU A N   1 
ATOM   193 C CA  . LEU A 1 26  ? 13.688  6.372   -3.143  1.00 45.27  ? 41  LEU A CA  1 
ATOM   194 C C   . LEU A 1 26  ? 12.976  7.389   -4.008  1.00 45.85  ? 41  LEU A C   1 
ATOM   195 O O   . LEU A 1 26  ? 12.789  7.149   -5.192  1.00 46.84  ? 41  LEU A O   1 
ATOM   196 C CB  . LEU A 1 26  ? 13.030  5.004   -3.274  1.00 45.01  ? 41  LEU A CB  1 
ATOM   197 C CG  . LEU A 1 26  ? 13.855  3.762   -2.912  1.00 44.96  ? 41  LEU A CG  1 
ATOM   198 C CD1 . LEU A 1 26  ? 12.945  2.573   -2.502  1.00 41.63  ? 41  LEU A CD1 1 
ATOM   199 C CD2 . LEU A 1 26  ? 14.783  3.362   -4.055  1.00 43.44  ? 41  LEU A CD2 1 
ATOM   200 N N   . GLY A 1 27  ? 12.584  8.521   -3.420  1.00 46.25  ? 42  GLY A N   1 
ATOM   201 C CA  . GLY A 1 27  ? 12.001  9.646   -4.183  1.00 47.00  ? 42  GLY A CA  1 
ATOM   202 C C   . GLY A 1 27  ? 10.474  9.792   -4.231  1.00 47.19  ? 42  GLY A C   1 
ATOM   203 O O   . GLY A 1 27  ? 9.919   10.413  -5.161  1.00 47.60  ? 42  GLY A O   1 
ATOM   204 N N   . PHE A 1 28  ? 9.796   9.211   -3.242  1.00 46.60  ? 43  PHE A N   1 
ATOM   205 C CA  . PHE A 1 28  ? 8.344   9.287   -3.133  1.00 45.69  ? 43  PHE A CA  1 
ATOM   206 C C   . PHE A 1 28  ? 8.004   10.255  -2.043  1.00 44.81  ? 43  PHE A C   1 
ATOM   207 O O   . PHE A 1 28  ? 8.765   10.405  -1.102  1.00 44.30  ? 43  PHE A O   1 
ATOM   208 C CB  . PHE A 1 28  ? 7.782   7.914   -2.767  1.00 45.52  ? 43  PHE A CB  1 
ATOM   209 C CG  . PHE A 1 28  ? 7.473   7.081   -3.944  1.00 47.89  ? 43  PHE A CG  1 
ATOM   210 C CD1 . PHE A 1 28  ? 8.412   6.938   -4.980  1.00 52.42  ? 43  PHE A CD1 1 
ATOM   211 C CD2 . PHE A 1 28  ? 6.232   6.464   -4.069  1.00 48.30  ? 43  PHE A CD2 1 
ATOM   212 C CE1 . PHE A 1 28  ? 8.113   6.167   -6.130  1.00 52.98  ? 43  PHE A CE1 1 
ATOM   213 C CE2 . PHE A 1 28  ? 5.920   5.698   -5.180  1.00 49.32  ? 43  PHE A CE2 1 
ATOM   214 C CZ  . PHE A 1 28  ? 6.849   5.541   -6.221  1.00 53.41  ? 43  PHE A CZ  1 
ATOM   215 N N   . GLN A 1 29  ? 6.860   10.909  -2.152  1.00 44.14  ? 44  GLN A N   1 
ATOM   216 C CA  . GLN A 1 29  ? 6.250   11.479  -0.955  1.00 43.80  ? 44  GLN A CA  1 
ATOM   217 C C   . GLN A 1 29  ? 5.264   10.433  -0.434  1.00 42.12  ? 44  GLN A C   1 
ATOM   218 O O   . GLN A 1 29  ? 4.549   9.824   -1.230  1.00 41.83  ? 44  GLN A O   1 
ATOM   219 C CB  . GLN A 1 29  ? 5.524   12.793  -1.259  1.00 44.70  ? 44  GLN A CB  1 
ATOM   220 C CG  . GLN A 1 29  ? 5.271   13.639  -0.001  1.00 49.17  ? 44  GLN A CG  1 
ATOM   221 C CD  . GLN A 1 29  ? 3.870   14.268  0.038   1.00 55.85  ? 44  GLN A CD  1 
ATOM   222 O OE1 . GLN A 1 29  ? 3.553   15.168  -0.759  1.00 56.27  ? 44  GLN A OE1 1 
ATOM   223 N NE2 . GLN A 1 29  ? 3.031   13.802  0.984   1.00 56.71  ? 44  GLN A NE2 1 
ATOM   224 N N   . ALA A 1 30  ? 5.212   10.236  0.880   1.00 40.21  ? 45  ALA A N   1 
ATOM   225 C CA  . ALA A 1 30  ? 4.436   9.145   1.456   1.00 39.34  ? 45  ALA A CA  1 
ATOM   226 C C   . ALA A 1 30  ? 3.721   9.547   2.726   1.00 38.91  ? 45  ALA A C   1 
ATOM   227 O O   . ALA A 1 30  ? 4.343   10.142  3.589   1.00 39.74  ? 45  ALA A O   1 
ATOM   228 C CB  . ALA A 1 30  ? 5.337   7.953   1.737   1.00 38.95  ? 45  ALA A CB  1 
ATOM   229 N N   . ASP A 1 31  ? 2.416   9.239   2.822   1.00 37.65  ? 46  ASP A N   1 
ATOM   230 C CA  . ASP A 1 31  ? 1.650   9.322   4.077   1.00 36.01  ? 46  ASP A CA  1 
ATOM   231 C C   . ASP A 1 31  ? 1.364   7.921   4.558   1.00 34.00  ? 46  ASP A C   1 
ATOM   232 O O   . ASP A 1 31  ? 1.368   6.960   3.792   1.00 32.65  ? 46  ASP A O   1 
ATOM   233 C CB  . ASP A 1 31  ? 0.279   9.996   3.887   1.00 37.04  ? 46  ASP A CB  1 
ATOM   234 C CG  . ASP A 1 31  ? 0.348   11.275  3.064   1.00 40.06  ? 46  ASP A CG  1 
ATOM   235 O OD1 . ASP A 1 31  ? 1.417   11.917  3.049   1.00 43.14  ? 46  ASP A OD1 1 
ATOM   236 O OD2 . ASP A 1 31  ? -0.675  11.642  2.435   1.00 44.52  ? 46  ASP A OD2 1 
ATOM   237 N N   . TYR A 1 32  ? 1.057   7.817   5.827   1.00 32.82  ? 47  TYR A N   1 
ATOM   238 C CA  . TYR A 1 32  ? 0.599   6.565   6.340   1.00 32.88  ? 47  TYR A CA  1 
ATOM   239 C C   . TYR A 1 32  ? -0.680  6.773   7.145   1.00 33.17  ? 47  TYR A C   1 
ATOM   240 O O   . TYR A 1 32  ? -0.895  7.838   7.727   1.00 33.00  ? 47  TYR A O   1 
ATOM   241 C CB  . TYR A 1 32  ? 1.690   5.866   7.150   1.00 32.65  ? 47  TYR A CB  1 
ATOM   242 C CG  . TYR A 1 32  ? 2.012   6.416   8.542   1.00 34.41  ? 47  TYR A CG  1 
ATOM   243 C CD1 . TYR A 1 32  ? 1.257   6.037   9.657   1.00 36.85  ? 47  TYR A CD1 1 
ATOM   244 C CD2 . TYR A 1 32  ? 3.128   7.262   8.749   1.00 36.33  ? 47  TYR A CD2 1 
ATOM   245 C CE1 . TYR A 1 32  ? 1.558   6.523   10.933  1.00 38.05  ? 47  TYR A CE1 1 
ATOM   246 C CE2 . TYR A 1 32  ? 3.444   7.767   10.016  1.00 35.97  ? 47  TYR A CE2 1 
ATOM   247 C CZ  . TYR A 1 32  ? 2.651   7.384   11.104  1.00 40.79  ? 47  TYR A CZ  1 
ATOM   248 O OH  . TYR A 1 32  ? 2.946   7.844   12.369  1.00 42.90  ? 47  TYR A OH  1 
ATOM   249 N N   . VAL A 1 33  ? -1.515  5.746   7.171   1.00 32.66  ? 48  VAL A N   1 
ATOM   250 C CA  . VAL A 1 33  ? -2.663  5.715   8.041   1.00 33.18  ? 48  VAL A CA  1 
ATOM   251 C C   . VAL A 1 33  ? -2.621  4.374   8.712   1.00 33.80  ? 48  VAL A C   1 
ATOM   252 O O   . VAL A 1 33  ? -1.935  3.472   8.239   1.00 34.25  ? 48  VAL A O   1 
ATOM   253 C CB  . VAL A 1 33  ? -3.982  5.888   7.236   1.00 32.72  ? 48  VAL A CB  1 
ATOM   254 C CG1 . VAL A 1 33  ? -4.106  7.294   6.757   1.00 30.35  ? 48  VAL A CG1 1 
ATOM   255 C CG2 . VAL A 1 33  ? -4.016  4.924   6.080   1.00 31.58  ? 48  VAL A CG2 1 
ATOM   256 N N   . MET A 1 34  ? -3.347  4.222   9.807   1.00 34.93  ? 49  MET A N   1 
ATOM   257 C CA  . MET A 1 34  ? -3.187  3.018   10.641  1.00 35.97  ? 49  MET A CA  1 
ATOM   258 C C   . MET A 1 34  ? -4.422  2.086   10.664  1.00 36.05  ? 49  MET A C   1 
ATOM   259 O O   . MET A 1 34  ? -4.475  1.138   11.445  1.00 37.27  ? 49  MET A O   1 
ATOM   260 C CB  . MET A 1 34  ? -2.707  3.402   12.053  1.00 36.06  ? 49  MET A CB  1 
ATOM   261 C CG  . MET A 1 34  ? -1.233  3.912   12.109  1.00 39.07  ? 49  MET A CG  1 
ATOM   262 S SD  . MET A 1 34  ? -0.686  4.575   13.755  1.00 43.36  ? 49  MET A SD  1 
ATOM   263 C CE  . MET A 1 34  ? -1.411  6.209   13.700  1.00 40.83  ? 49  MET A CE  1 
ATOM   264 N N   . SER A 1 35  ? -5.392  2.323   9.783   1.00 35.85  ? 50  SER A N   1 
ATOM   265 C CA  . SER A 1 35  ? -6.604  1.472   9.702   1.00 35.59  ? 50  SER A CA  1 
ATOM   266 C C   . SER A 1 35  ? -7.223  1.538   8.320   1.00 34.77  ? 50  SER A C   1 
ATOM   267 O O   . SER A 1 35  ? -6.986  2.498   7.561   1.00 34.39  ? 50  SER A O   1 
ATOM   268 C CB  . SER A 1 35  ? -7.657  1.896   10.748  1.00 35.34  ? 50  SER A CB  1 
ATOM   269 O OG  . SER A 1 35  ? -8.114  3.222   10.486  1.00 35.04  ? 50  SER A OG  1 
ATOM   270 N N   . GLY A 1 36  ? -8.030  0.525   8.009   1.00 34.58  ? 51  GLY A N   1 
ATOM   271 C CA  . GLY A 1 36  ? -8.821  0.523   6.773   1.00 34.95  ? 51  GLY A CA  1 
ATOM   272 C C   . GLY A 1 36  ? -9.700  1.757   6.653   1.00 35.24  ? 51  GLY A C   1 
ATOM   273 O O   . GLY A 1 36  ? -9.710  2.414   5.615   1.00 34.84  ? 51  GLY A O   1 
ATOM   274 N N   . THR A 1 37  ? -10.424 2.099   7.728   1.00 36.29  ? 52  THR A N   1 
ATOM   275 C CA  . THR A 1 37  ? -11.303 3.304   7.750   1.00 37.50  ? 52  THR A CA  1 
ATOM   276 C C   . THR A 1 37  ? -10.554 4.558   7.358   1.00 37.51  ? 52  THR A C   1 
ATOM   277 O O   . THR A 1 37  ? -11.036 5.354   6.547   1.00 37.36  ? 52  THR A O   1 
ATOM   278 C CB  . THR A 1 37  ? -11.868 3.580   9.154   1.00 37.51  ? 52  THR A CB  1 
ATOM   279 O OG1 . THR A 1 37  ? -11.963 2.353   9.859   1.00 40.18  ? 52  THR A OG1 1 
ATOM   280 C CG2 . THR A 1 37  ? -13.247 4.234   9.089   1.00 38.88  ? 52  THR A CG2 1 
ATOM   281 N N   . ASP A 1 38  ? -9.370  4.742   7.953   1.00 38.28  ? 53  ASP A N   1 
ATOM   282 C CA  . ASP A 1 38  ? -8.584  5.940   7.673   1.00 38.55  ? 53  ASP A CA  1 
ATOM   283 C C   . ASP A 1 38  ? -8.096  5.963   6.236   1.00 38.10  ? 53  ASP A C   1 
ATOM   284 O O   . ASP A 1 38  ? -8.085  7.036   5.598   1.00 38.09  ? 53  ASP A O   1 
ATOM   285 C CB  . ASP A 1 38  ? -7.449  6.088   8.678   1.00 39.55  ? 53  ASP A CB  1 
ATOM   286 C CG  . ASP A 1 38  ? -7.927  6.662   10.005  1.00 42.45  ? 53  ASP A CG  1 
ATOM   287 O OD1 . ASP A 1 38  ? -9.154  6.912   10.160  1.00 47.15  ? 53  ASP A OD1 1 
ATOM   288 O OD2 . ASP A 1 38  ? -7.084  6.878   10.894  1.00 43.82  ? 53  ASP A OD2 1 
ATOM   289 N N   . ALA A 1 39  ? -7.753  4.778   5.718   1.00 36.96  ? 54  ALA A N   1 
ATOM   290 C CA  . ALA A 1 39  ? -7.371  4.621   4.306   1.00 37.68  ? 54  ALA A CA  1 
ATOM   291 C C   . ALA A 1 39  ? -8.475  5.070   3.342   1.00 38.16  ? 54  ALA A C   1 
ATOM   292 O O   . ALA A 1 39  ? -8.220  5.838   2.399   1.00 37.68  ? 54  ALA A O   1 
ATOM   293 C CB  . ALA A 1 39  ? -6.962  3.185   4.002   1.00 36.35  ? 54  ALA A CB  1 
ATOM   294 N N   . LEU A 1 40  ? -9.685  4.560   3.563   1.00 39.32  ? 55  LEU A N   1 
ATOM   295 C CA  . LEU A 1 40  ? -10.879 5.039   2.835   1.00 40.96  ? 55  LEU A CA  1 
ATOM   296 C C   . LEU A 1 40  ? -11.046 6.543   2.921   1.00 41.53  ? 55  LEU A C   1 
ATOM   297 O O   . LEU A 1 40  ? -11.189 7.178   1.903   1.00 41.65  ? 55  LEU A O   1 
ATOM   298 C CB  . LEU A 1 40  ? -12.145 4.346   3.339   1.00 40.92  ? 55  LEU A CB  1 
ATOM   299 C CG  . LEU A 1 40  ? -12.222 2.920   2.782   1.00 43.93  ? 55  LEU A CG  1 
ATOM   300 C CD1 . LEU A 1 40  ? -13.097 2.030   3.666   1.00 45.06  ? 55  LEU A CD1 1 
ATOM   301 C CD2 . LEU A 1 40  ? -12.723 2.918   1.345   1.00 44.72  ? 55  LEU A CD2 1 
ATOM   302 N N   . HIS A 1 41  ? -10.984 7.123   4.120   1.00 43.28  ? 56  HIS A N   1 
ATOM   303 C CA  . HIS A 1 41  ? -11.036 8.594   4.228   1.00 45.49  ? 56  HIS A CA  1 
ATOM   304 C C   . HIS A 1 41  ? -9.906  9.284   3.494   1.00 45.84  ? 56  HIS A C   1 
ATOM   305 O O   . HIS A 1 41  ? -10.141 10.309  2.844   1.00 46.65  ? 56  HIS A O   1 
ATOM   306 C CB  . HIS A 1 41  ? -11.085 9.067   5.678   1.00 46.50  ? 56  HIS A CB  1 
ATOM   307 C CG  . HIS A 1 41  ? -12.352 8.691   6.386   1.00 51.80  ? 56  HIS A CG  1 
ATOM   308 N ND1 . HIS A 1 41  ? -12.369 7.920   7.533   1.00 56.44  ? 56  HIS A ND1 1 
ATOM   309 C CD2 . HIS A 1 41  ? -13.651 8.959   6.097   1.00 55.78  ? 56  HIS A CD2 1 
ATOM   310 C CE1 . HIS A 1 41  ? -13.621 7.736   7.922   1.00 56.84  ? 56  HIS A CE1 1 
ATOM   311 N NE2 . HIS A 1 41  ? -14.419 8.355   7.068   1.00 57.31  ? 56  HIS A NE2 1 
ATOM   312 N N   . ALA A 1 42  ? -8.687  8.725   3.575   1.00 46.14  ? 57  ALA A N   1 
ATOM   313 C CA  . ALA A 1 42  ? -7.515  9.302   2.877   1.00 46.34  ? 57  ALA A CA  1 
ATOM   314 C C   . ALA A 1 42  ? -7.654  9.234   1.361   1.00 46.81  ? 57  ALA A C   1 
ATOM   315 O O   . ALA A 1 42  ? -7.321  10.179  0.649   1.00 46.73  ? 57  ALA A O   1 
ATOM   316 C CB  . ALA A 1 42  ? -6.206  8.638   3.333   1.00 45.03  ? 57  ALA A CB  1 
ATOM   317 N N   . MET A 1 43  ? -8.152  8.116   0.860   1.00 47.99  ? 58  MET A N   1 
ATOM   318 C CA  . MET A 1 43  ? -8.256  7.938   -0.588  1.00 49.25  ? 58  MET A CA  1 
ATOM   319 C C   . MET A 1 43  ? -9.432  8.705   -1.185  1.00 50.81  ? 58  MET A C   1 
ATOM   320 O O   . MET A 1 43  ? -9.462  8.961   -2.394  1.00 50.85  ? 58  MET A O   1 
ATOM   321 C CB  . MET A 1 43  ? -8.349  6.462   -0.921  1.00 48.94  ? 58  MET A CB  1 
ATOM   322 C CG  . MET A 1 43  ? -7.034  5.776   -0.725  1.00 47.38  ? 58  MET A CG  1 
ATOM   323 S SD  . MET A 1 43  ? -6.435  5.060   -2.219  1.00 46.12  ? 58  MET A SD  1 
ATOM   324 C CE  . MET A 1 43  ? -6.796  6.254   -3.499  1.00 46.46  ? 58  MET A CE  1 
ATOM   325 N N   . SER A 1 44  ? -10.396 9.048   -0.328  1.00 52.41  ? 59  SER A N   1 
ATOM   326 C CA  . SER A 1 44  ? -11.467 9.976   -0.673  1.00 54.48  ? 59  SER A CA  1 
ATOM   327 C C   . SER A 1 44  ? -10.828 11.288  -1.092  1.00 54.94  ? 59  SER A C   1 
ATOM   328 O O   . SER A 1 44  ? -10.942 11.715  -2.239  1.00 56.12  ? 59  SER A O   1 
ATOM   329 C CB  . SER A 1 44  ? -12.371 10.274  0.541   1.00 54.51  ? 59  SER A CB  1 
ATOM   330 O OG  . SER A 1 44  ? -13.120 9.150   0.967   1.00 56.04  ? 59  SER A OG  1 
ATOM   331 N N   . THR A 1 45  ? -10.131 11.901  -0.147  1.00 55.27  ? 60  THR A N   1 
ATOM   332 C CA  . THR A 1 45  ? -9.712  13.284  -0.277  1.00 55.73  ? 60  THR A CA  1 
ATOM   333 C C   . THR A 1 45  ? -8.483  13.479  -1.175  1.00 55.48  ? 60  THR A C   1 
ATOM   334 O O   . THR A 1 45  ? -8.407  14.469  -1.918  1.00 56.08  ? 60  THR A O   1 
ATOM   335 C CB  . THR A 1 45  ? -9.488  13.917  1.122   1.00 55.84  ? 60  THR A CB  1 
ATOM   336 O OG1 . THR A 1 45  ? -8.325  13.332  1.727   1.00 57.56  ? 60  THR A OG1 1 
ATOM   337 C CG2 . THR A 1 45  ? -10.707 13.676  2.033   1.00 55.75  ? 60  THR A CG2 1 
ATOM   338 N N   . ARG A 1 46  ? -7.522  12.556  -1.106  1.00 54.88  ? 61  ARG A N   1 
ATOM   339 C CA  . ARG A 1 46  ? -6.274  12.696  -1.869  1.00 53.96  ? 61  ARG A CA  1 
ATOM   340 C C   . ARG A 1 46  ? -6.086  11.538  -2.846  1.00 52.75  ? 61  ARG A C   1 
ATOM   341 O O   . ARG A 1 46  ? -6.545  10.421  -2.592  1.00 53.30  ? 61  ARG A O   1 
ATOM   342 C CB  . ARG A 1 46  ? -5.054  12.756  -0.942  1.00 54.39  ? 61  ARG A CB  1 
ATOM   343 C CG  . ARG A 1 46  ? -5.259  13.436  0.423   1.00 57.00  ? 61  ARG A CG  1 
ATOM   344 C CD  . ARG A 1 46  ? -4.033  14.293  0.811   1.00 61.61  ? 61  ARG A CD  1 
ATOM   345 N NE  . ARG A 1 46  ? -2.754  13.720  0.347   1.00 67.17  ? 61  ARG A NE  1 
ATOM   346 C CZ  . ARG A 1 46  ? -1.562  14.330  0.406   1.00 68.86  ? 61  ARG A CZ  1 
ATOM   347 N NH1 . ARG A 1 46  ? -0.481  13.701  -0.047  1.00 69.99  ? 61  ARG A NH1 1 
ATOM   348 N NH2 . ARG A 1 46  ? -1.438  15.560  0.912   1.00 68.90  ? 61  ARG A NH2 1 
ATOM   349 N N   . GLY A 1 47  ? -5.401  11.806  -3.957  1.00 50.95  ? 62  GLY A N   1 
ATOM   350 C CA  . GLY A 1 47  ? -5.063  10.770  -4.947  1.00 48.41  ? 62  GLY A CA  1 
ATOM   351 C C   . GLY A 1 47  ? -3.655  10.262  -4.683  1.00 46.26  ? 62  GLY A C   1 
ATOM   352 O O   . GLY A 1 47  ? -2.801  11.007  -4.203  1.00 46.86  ? 62  GLY A O   1 
ATOM   353 N N   . TYR A 1 48  ? -3.424  8.992   -4.969  1.00 43.71  ? 63  TYR A N   1 
ATOM   354 C CA  . TYR A 1 48  ? -2.131  8.378   -4.762  1.00 40.77  ? 63  TYR A CA  1 
ATOM   355 C C   . TYR A 1 48  ? -1.762  7.588   -5.971  1.00 40.10  ? 63  TYR A C   1 
ATOM   356 O O   . TYR A 1 48  ? -2.622  7.036   -6.642  1.00 40.04  ? 63  TYR A O   1 
ATOM   357 C CB  . TYR A 1 48  ? -2.166  7.464   -3.547  1.00 40.35  ? 63  TYR A CB  1 
ATOM   358 C CG  . TYR A 1 48  ? -2.340  8.235   -2.271  1.00 37.90  ? 63  TYR A CG  1 
ATOM   359 C CD1 . TYR A 1 48  ? -1.247  8.882   -1.668  1.00 36.94  ? 63  TYR A CD1 1 
ATOM   360 C CD2 . TYR A 1 48  ? -3.587  8.349   -1.672  1.00 36.33  ? 63  TYR A CD2 1 
ATOM   361 C CE1 . TYR A 1 48  ? -1.405  9.619   -0.496  1.00 37.79  ? 63  TYR A CE1 1 
ATOM   362 C CE2 . TYR A 1 48  ? -3.762  9.096   -0.497  1.00 36.36  ? 63  TYR A CE2 1 
ATOM   363 C CZ  . TYR A 1 48  ? -2.678  9.714   0.087   1.00 36.99  ? 63  TYR A CZ  1 
ATOM   364 O OH  . TYR A 1 48  ? -2.846  10.432  1.257   1.00 40.05  ? 63  TYR A OH  1 
ATOM   365 N N   . ASP A 1 49  ? -0.468  7.521   -6.249  1.00 38.59  ? 64  ASP A N   1 
ATOM   366 C CA  . ASP A 1 49  ? 0.023   6.698   -7.325  1.00 37.59  ? 64  ASP A CA  1 
ATOM   367 C C   . ASP A 1 49  ? 0.169   5.244   -6.887  1.00 36.00  ? 64  ASP A C   1 
ATOM   368 O O   . ASP A 1 49  ? -0.001  4.337   -7.695  1.00 34.21  ? 64  ASP A O   1 
ATOM   369 C CB  . ASP A 1 49  ? 1.378   7.240   -7.808  1.00 38.49  ? 64  ASP A CB  1 
ATOM   370 C CG  . ASP A 1 49  ? 1.288   8.701   -8.278  1.00 41.38  ? 64  ASP A CG  1 
ATOM   371 O OD1 . ASP A 1 49  ? 0.802   8.927   -9.410  1.00 44.64  ? 64  ASP A OD1 1 
ATOM   372 O OD2 . ASP A 1 49  ? 1.680   9.610   -7.513  1.00 41.87  ? 64  ASP A OD2 1 
ATOM   373 N N   . ALA A 1 50  ? 0.541   5.039   -5.616  1.00 34.38  ? 65  ALA A N   1 
ATOM   374 C CA  . ALA A 1 50  ? 0.767   3.691   -5.076  1.00 32.52  ? 65  ALA A CA  1 
ATOM   375 C C   . ALA A 1 50  ? 0.226   3.609   -3.659  1.00 30.96  ? 65  ALA A C   1 
ATOM   376 O O   . ALA A 1 50  ? 0.400   4.522   -2.867  1.00 30.03  ? 65  ALA A O   1 
ATOM   377 C CB  . ALA A 1 50  ? 2.246   3.340   -5.085  1.00 32.78  ? 65  ALA A CB  1 
ATOM   378 N N   . VAL A 1 51  ? -0.447  2.508   -3.360  1.00 29.63  ? 66  VAL A N   1 
ATOM   379 C CA  . VAL A 1 51  ? -1.013  2.294   -2.039  1.00 28.37  ? 66  VAL A CA  1 
ATOM   380 C C   . VAL A 1 51  ? -0.469  0.965   -1.522  1.00 27.61  ? 66  VAL A C   1 
ATOM   381 O O   . VAL A 1 51  ? -0.631  -0.072  -2.180  1.00 27.38  ? 66  VAL A O   1 
ATOM   382 C CB  . VAL A 1 51  ? -2.577  2.295   -2.086  1.00 28.66  ? 66  VAL A CB  1 
ATOM   383 C CG1 . VAL A 1 51  ? -3.197  1.992   -0.717  1.00 26.54  ? 66  VAL A CG1 1 
ATOM   384 C CG2 . VAL A 1 51  ? -3.113  3.629   -2.640  1.00 29.34  ? 66  VAL A CG2 1 
ATOM   385 N N   . PHE A 1 52  ? 0.183   0.995   -0.359  1.00 26.56  ? 67  PHE A N   1 
ATOM   386 C CA  . PHE A 1 52  ? 0.789   -0.225  0.226   1.00 26.91  ? 67  PHE A CA  1 
ATOM   387 C C   . PHE A 1 52  ? -0.059  -0.682  1.369   1.00 27.07  ? 67  PHE A C   1 
ATOM   388 O O   . PHE A 1 52  ? -0.243  0.071   2.329   1.00 25.99  ? 67  PHE A O   1 
ATOM   389 C CB  . PHE A 1 52  ? 2.227   -0.002  0.720   1.00 26.71  ? 67  PHE A CB  1 
ATOM   390 C CG  . PHE A 1 52  ? 3.164   0.427   -0.372  1.00 28.96  ? 67  PHE A CG  1 
ATOM   391 C CD1 . PHE A 1 52  ? 3.963   -0.504  -1.012  1.00 29.55  ? 67  PHE A CD1 1 
ATOM   392 C CD2 . PHE A 1 52  ? 3.239   1.769   -0.741  1.00 28.02  ? 67  PHE A CD2 1 
ATOM   393 C CE1 . PHE A 1 52  ? 4.815   -0.135  -2.022  1.00 28.98  ? 67  PHE A CE1 1 
ATOM   394 C CE2 . PHE A 1 52  ? 4.089   2.180   -1.759  1.00 29.17  ? 67  PHE A CE2 1 
ATOM   395 C CZ  . PHE A 1 52  ? 4.875   1.220   -2.419  1.00 28.71  ? 67  PHE A CZ  1 
ATOM   396 N N   . ILE A 1 53  ? -0.592  -1.899  1.254   1.00 27.22  ? 68  ILE A N   1 
ATOM   397 C CA  . ILE A 1 53  ? -1.558  -2.389  2.240   1.00 28.90  ? 68  ILE A CA  1 
ATOM   398 C C   . ILE A 1 53  ? -1.030  -3.616  2.964   1.00 30.32  ? 68  ILE A C   1 
ATOM   399 O O   . ILE A 1 53  ? -0.810  -4.650  2.343   1.00 30.79  ? 68  ILE A O   1 
ATOM   400 C CB  . ILE A 1 53  ? -2.936  -2.722  1.583   1.00 28.42  ? 68  ILE A CB  1 
ATOM   401 C CG1 . ILE A 1 53  ? -3.581  -1.472  0.997   1.00 28.03  ? 68  ILE A CG1 1 
ATOM   402 C CG2 . ILE A 1 53  ? -3.904  -3.322  2.605   1.00 29.13  ? 68  ILE A CG2 1 
ATOM   403 C CD1 . ILE A 1 53  ? -4.544  -1.770  -0.133  1.00 25.85  ? 68  ILE A CD1 1 
ATOM   404 N N   . ASP A 1 54  ? -0.830  -3.497  4.275   1.00 32.61  ? 69  ASP A N   1 
ATOM   405 C CA  . ASP A 1 54  ? -0.592  -4.644  5.120   1.00 35.22  ? 69  ASP A CA  1 
ATOM   406 C C   . ASP A 1 54  ? -1.791  -5.568  5.056   1.00 36.15  ? 69  ASP A C   1 
ATOM   407 O O   . ASP A 1 54  ? -2.942  -5.117  5.072   1.00 36.81  ? 69  ASP A O   1 
ATOM   408 C CB  . ASP A 1 54  ? -0.335  -4.192  6.556   1.00 36.89  ? 69  ASP A CB  1 
ATOM   409 C CG  . ASP A 1 54  ? 0.368   -5.267  7.396   1.00 41.37  ? 69  ASP A CG  1 
ATOM   410 O OD1 . ASP A 1 54  ? -0.156  -6.403  7.532   1.00 43.47  ? 69  ASP A OD1 1 
ATOM   411 O OD2 . ASP A 1 54  ? 1.464   -4.963  7.919   1.00 46.57  ? 69  ASP A OD2 1 
ATOM   412 N N   . LEU A 1 55  ? -1.551  -6.866  4.960   1.00 37.04  ? 70  LEU A N   1 
ATOM   413 C CA  . LEU A 1 55  ? -2.671  -7.770  4.770   1.00 38.48  ? 70  LEU A CA  1 
ATOM   414 C C   . LEU A 1 55  ? -3.396  -8.055  6.088   1.00 40.11  ? 70  LEU A C   1 
ATOM   415 O O   . LEU A 1 55  ? -4.504  -8.617  6.081   1.00 40.82  ? 70  LEU A O   1 
ATOM   416 C CB  . LEU A 1 55  ? -2.241  -9.063  4.067   1.00 38.14  ? 70  LEU A CB  1 
ATOM   417 C CG  . LEU A 1 55  ? -1.804  -8.948  2.616   1.00 36.84  ? 70  LEU A CG  1 
ATOM   418 C CD1 . LEU A 1 55  ? -1.571  -10.334 2.026   1.00 37.50  ? 70  LEU A CD1 1 
ATOM   419 C CD2 . LEU A 1 55  ? -2.793  -8.190  1.743   1.00 36.96  ? 70  LEU A CD2 1 
ATOM   420 N N   . ASN A 1 56  ? -2.784  -7.630  7.200   1.00 40.79  ? 71  ASN A N   1 
ATOM   421 C CA  . ASN A 1 56  ? -3.304  -7.811  8.551   1.00 41.51  ? 71  ASN A CA  1 
ATOM   422 C C   . ASN A 1 56  ? -3.599  -6.467  9.154   1.00 40.36  ? 71  ASN A C   1 
ATOM   423 O O   . ASN A 1 56  ? -2.693  -5.783  9.572   1.00 40.75  ? 71  ASN A O   1 
ATOM   424 C CB  . ASN A 1 56  ? -2.229  -8.441  9.446   1.00 42.76  ? 71  ASN A CB  1 
ATOM   425 C CG  . ASN A 1 56  ? -2.048  -9.933  9.217   1.00 46.80  ? 71  ASN A CG  1 
ATOM   426 O OD1 . ASN A 1 56  ? -3.020  -10.673 9.011   1.00 51.84  ? 71  ASN A OD1 1 
ATOM   427 N ND2 . ASN A 1 56  ? -0.789  -10.395 9.288   1.00 51.36  ? 71  ASN A ND2 1 
ATOM   428 N N   . LEU A 1 57  ? -4.854  -6.075  9.233   1.00 39.61  ? 72  LEU A N   1 
ATOM   429 C CA  . LEU A 1 57  ? -5.159  -4.746  9.726   1.00 39.26  ? 72  LEU A CA  1 
ATOM   430 C C   . LEU A 1 57  ? -6.067  -4.831  10.960  1.00 39.63  ? 72  LEU A C   1 
ATOM   431 O O   . LEU A 1 57  ? -6.665  -5.875  11.194  1.00 39.37  ? 72  LEU A O   1 
ATOM   432 C CB  . LEU A 1 57  ? -5.772  -3.911  8.608   1.00 38.42  ? 72  LEU A CB  1 
ATOM   433 C CG  . LEU A 1 57  ? -4.791  -3.409  7.558   1.00 37.73  ? 72  LEU A CG  1 
ATOM   434 C CD1 . LEU A 1 57  ? -5.567  -2.861  6.370   1.00 34.44  ? 72  LEU A CD1 1 
ATOM   435 C CD2 . LEU A 1 57  ? -3.866  -2.327  8.170   1.00 35.29  ? 72  LEU A CD2 1 
ATOM   436 N N   . PRO A 1 58  ? -6.133  -3.757  11.777  1.00 39.61  ? 73  PRO A N   1 
ATOM   437 C CA  . PRO A 1 58  ? -6.950  -3.949  12.962  1.00 40.31  ? 73  PRO A CA  1 
ATOM   438 C C   . PRO A 1 58  ? -8.445  -4.177  12.609  1.00 41.19  ? 73  PRO A C   1 
ATOM   439 O O   . PRO A 1 58  ? -9.068  -5.097  13.160  1.00 41.19  ? 73  PRO A O   1 
ATOM   440 C CB  . PRO A 1 58  ? -6.762  -2.644  13.754  1.00 40.52  ? 73  PRO A CB  1 
ATOM   441 C CG  . PRO A 1 58  ? -5.675  -1.857  13.025  1.00 39.69  ? 73  PRO A CG  1 
ATOM   442 C CD  . PRO A 1 58  ? -5.602  -2.381  11.655  1.00 39.50  ? 73  PRO A CD  1 
ATOM   443 N N   . ASP A 1 59  ? -8.980  -3.392  11.674  1.00 40.76  ? 74  ASP A N   1 
ATOM   444 C CA  . ASP A 1 59  ? -10.428 -3.354  11.407  1.00 41.36  ? 74  ASP A CA  1 
ATOM   445 C C   . ASP A 1 59  ? -10.889 -4.118  10.146  1.00 41.32  ? 74  ASP A C   1 
ATOM   446 O O   . ASP A 1 59  ? -12.062 -4.002  9.751   1.00 41.01  ? 74  ASP A O   1 
ATOM   447 C CB  . ASP A 1 59  ? -10.891 -1.885  11.288  1.00 41.14  ? 74  ASP A CB  1 
ATOM   448 C CG  . ASP A 1 59  ? -10.049 -1.078  10.276  1.00 42.71  ? 74  ASP A CG  1 
ATOM   449 O OD1 . ASP A 1 59  ? -8.923  -1.523  9.902   1.00 42.31  ? 74  ASP A OD1 1 
ATOM   450 O OD2 . ASP A 1 59  ? -10.506 0.011   9.865   1.00 42.82  ? 74  ASP A OD2 1 
ATOM   451 N N   . THR A 1 60  ? -9.985  -4.869  9.506   1.00 40.71  ? 75  THR A N   1 
ATOM   452 C CA  . THR A 1 60  ? -10.285 -5.435  8.184   1.00 40.10  ? 75  THR A CA  1 
ATOM   453 C C   . THR A 1 60  ? -9.136  -6.281  7.707   1.00 39.31  ? 75  THR A C   1 
ATOM   454 O O   . THR A 1 60  ? -8.030  -6.153  8.230   1.00 40.00  ? 75  THR A O   1 
ATOM   455 C CB  . THR A 1 60  ? -10.570 -4.298  7.124   1.00 40.22  ? 75  THR A CB  1 
ATOM   456 O OG1 . THR A 1 60  ? -10.903 -4.880  5.860   1.00 40.20  ? 75  THR A OG1 1 
ATOM   457 C CG2 . THR A 1 60  ? -9.341  -3.326  6.942   1.00 40.52  ? 75  THR A CG2 1 
ATOM   458 N N   . SER A 1 61  ? -9.376  -7.142  6.719   1.00 38.00  ? 76  SER A N   1 
ATOM   459 C CA  . SER A 1 61  ? -8.272  -7.794  6.006   1.00 36.59  ? 76  SER A CA  1 
ATOM   460 C C   . SER A 1 61  ? -7.762  -6.852  4.918   1.00 35.52  ? 76  SER A C   1 
ATOM   461 O O   . SER A 1 61  ? -8.476  -5.940  4.501   1.00 34.83  ? 76  SER A O   1 
ATOM   462 C CB  . SER A 1 61  ? -8.690  -9.140  5.393   1.00 36.52  ? 76  SER A CB  1 
ATOM   463 O OG  . SER A 1 61  ? -9.478  -8.946  4.227   1.00 38.92  ? 76  SER A OG  1 
ATOM   464 N N   . GLY A 1 62  ? -6.517  -7.039  4.488   1.00 34.45  ? 77  GLY A N   1 
ATOM   465 C CA  . GLY A 1 62  ? -5.978  -6.228  3.404   1.00 33.26  ? 77  GLY A CA  1 
ATOM   466 C C   . GLY A 1 62  ? -6.767  -6.464  2.132   1.00 32.73  ? 77  GLY A C   1 
ATOM   467 O O   . GLY A 1 62  ? -7.057  -5.536  1.361   1.00 32.55  ? 77  GLY A O   1 
ATOM   468 N N   . LEU A 1 63  ? -7.131  -7.716  1.919   1.00 32.10  ? 78  LEU A N   1 
ATOM   469 C CA  . LEU A 1 63  ? -7.929  -8.081  0.760   1.00 32.93  ? 78  LEU A CA  1 
ATOM   470 C C   . LEU A 1 63  ? -9.315  -7.405  0.706   1.00 31.43  ? 78  LEU A C   1 
ATOM   471 O O   . LEU A 1 63  ? -9.695  -6.872  -0.325  1.00 31.48  ? 78  LEU A O   1 
ATOM   472 C CB  . LEU A 1 63  ? -8.086  -9.605  0.651   1.00 33.37  ? 78  LEU A CB  1 
ATOM   473 C CG  . LEU A 1 63  ? -8.941  -9.938  -0.593  1.00 36.02  ? 78  LEU A CG  1 
ATOM   474 C CD1 . LEU A 1 63  ? -8.080  -9.932  -1.849  1.00 38.01  ? 78  LEU A CD1 1 
ATOM   475 C CD2 . LEU A 1 63  ? -9.721  -11.277 -0.435  1.00 37.76  ? 78  LEU A CD2 1 
ATOM   476 N N   . ALA A 1 64  ? -10.059 -7.436  1.802   1.00 30.50  ? 79  ALA A N   1 
ATOM   477 C CA  . ALA A 1 64  ? -11.350 -6.763  1.821   1.00 30.02  ? 79  ALA A CA  1 
ATOM   478 C C   . ALA A 1 64  ? -11.127 -5.250  1.629   1.00 29.53  ? 79  ALA A C   1 
ATOM   479 O O   . ALA A 1 64  ? -11.920 -4.573  0.984   1.00 30.45  ? 79  ALA A O   1 
ATOM   480 C CB  . ALA A 1 64  ? -12.087 -7.054  3.134   1.00 28.97  ? 79  ALA A CB  1 
ATOM   481 N N   . LEU A 1 65  ? -10.037 -4.708  2.156   1.00 28.81  ? 80  LEU A N   1 
ATOM   482 C CA  . LEU A 1 65  ? -9.788  -3.272  1.970   1.00 27.85  ? 80  LEU A CA  1 
ATOM   483 C C   . LEU A 1 65  ? -9.489  -2.890  0.516   1.00 28.07  ? 80  LEU A C   1 
ATOM   484 O O   . LEU A 1 65  ? -9.980  -1.878  0.035   1.00 28.20  ? 80  LEU A O   1 
ATOM   485 C CB  . LEU A 1 65  ? -8.683  -2.742  2.902   1.00 27.85  ? 80  LEU A CB  1 
ATOM   486 C CG  . LEU A 1 65  ? -8.392  -1.248  2.749   1.00 27.89  ? 80  LEU A CG  1 
ATOM   487 C CD1 . LEU A 1 65  ? -9.600  -0.374  3.175   1.00 28.45  ? 80  LEU A CD1 1 
ATOM   488 C CD2 . LEU A 1 65  ? -7.194  -0.875  3.588   1.00 28.56  ? 80  LEU A CD2 1 
ATOM   489 N N   . VAL A 1 66  ? -8.681  -3.668  -0.194  1.00 28.57  ? 81  VAL A N   1 
ATOM   490 C CA  . VAL A 1 66  ? -8.308  -3.247  -1.551  1.00 28.84  ? 81  VAL A CA  1 
ATOM   491 C C   . VAL A 1 66  ? -9.548  -3.255  -2.484  1.00 30.08  ? 81  VAL A C   1 
ATOM   492 O O   . VAL A 1 66  ? -9.676  -2.406  -3.355  1.00 30.29  ? 81  VAL A O   1 
ATOM   493 C CB  . VAL A 1 66  ? -7.141  -4.072  -2.125  1.00 27.84  ? 81  VAL A CB  1 
ATOM   494 C CG1 . VAL A 1 66  ? -7.581  -5.443  -2.462  1.00 27.55  ? 81  VAL A CG1 1 
ATOM   495 C CG2 . VAL A 1 66  ? -6.562  -3.392  -3.376  1.00 28.11  ? 81  VAL A CG2 1 
ATOM   496 N N   . LYS A 1 67  ? -10.466 -4.188  -2.264  1.00 31.69  ? 82  LYS A N   1 
ATOM   497 C CA  . LYS A 1 67  ? -11.741 -4.208  -3.000  1.00 33.34  ? 82  LYS A CA  1 
ATOM   498 C C   . LYS A 1 67  ? -12.531 -2.940  -2.793  1.00 33.90  ? 82  LYS A C   1 
ATOM   499 O O   . LYS A 1 67  ? -13.111 -2.447  -3.752  1.00 34.75  ? 82  LYS A O   1 
ATOM   500 C CB  . LYS A 1 67  ? -12.610 -5.369  -2.574  1.00 33.70  ? 82  LYS A CB  1 
ATOM   501 C CG  . LYS A 1 67  ? -12.092 -6.703  -2.945  1.00 34.41  ? 82  LYS A CG  1 
ATOM   502 C CD  . LYS A 1 67  ? -13.034 -7.780  -2.396  1.00 38.36  ? 82  LYS A CD  1 
ATOM   503 C CE  . LYS A 1 67  ? -12.543 -9.158  -2.792  1.00 39.89  ? 82  LYS A CE  1 
ATOM   504 N NZ  . LYS A 1 67  ? -12.854 -10.148 -1.707  1.00 44.79  ? 82  LYS A NZ  1 
ATOM   505 N N   . GLN A 1 68  ? -12.552 -2.402  -1.568  1.00 34.57  ? 83  GLN A N   1 
ATOM   506 C CA  . GLN A 1 68  ? -13.222 -1.103  -1.309  1.00 35.25  ? 83  GLN A CA  1 
ATOM   507 C C   . GLN A 1 68  ? -12.536 0.067   -1.985  1.00 35.51  ? 83  GLN A C   1 
ATOM   508 O O   . GLN A 1 68  ? -13.195 0.908   -2.607  1.00 35.78  ? 83  GLN A O   1 
ATOM   509 C CB  . GLN A 1 68  ? -13.346 -0.747  0.187   1.00 35.64  ? 83  GLN A CB  1 
ATOM   510 C CG  . GLN A 1 68  ? -13.696 -1.857  1.202   1.00 39.64  ? 83  GLN A CG  1 
ATOM   511 C CD  . GLN A 1 68  ? -14.859 -2.747  0.782   1.00 45.05  ? 83  GLN A CD  1 
ATOM   512 O OE1 . GLN A 1 68  ? -15.946 -2.251  0.505   1.00 49.29  ? 83  GLN A OE1 1 
ATOM   513 N NE2 . GLN A 1 68  ? -14.638 -4.079  0.758   1.00 43.85  ? 83  GLN A NE2 1 
ATOM   514 N N   . LEU A 1 69  ? -11.214 0.152   -1.836  1.00 35.46  ? 84  LEU A N   1 
ATOM   515 C CA  . LEU A 1 69  ? -10.436 1.273   -2.391  1.00 34.85  ? 84  LEU A CA  1 
ATOM   516 C C   . LEU A 1 69  ? -10.504 1.340   -3.911  1.00 35.04  ? 84  LEU A C   1 
ATOM   517 O O   . LEU A 1 69  ? -10.631 2.430   -4.481  1.00 34.84  ? 84  LEU A O   1 
ATOM   518 C CB  . LEU A 1 69  ? -8.966  1.201   -1.934  1.00 34.31  ? 84  LEU A CB  1 
ATOM   519 C CG  . LEU A 1 69  ? -8.669  1.210   -0.434  1.00 33.67  ? 84  LEU A CG  1 
ATOM   520 C CD1 . LEU A 1 69  ? -7.150  1.047   -0.172  1.00 31.15  ? 84  LEU A CD1 1 
ATOM   521 C CD2 . LEU A 1 69  ? -9.185  2.485   0.229   1.00 32.96  ? 84  LEU A CD2 1 
ATOM   522 N N   . ARG A 1 70  ? -10.442 0.183   -4.564  1.00 35.65  ? 85  ARG A N   1 
ATOM   523 C CA  . ARG A 1 70  ? -10.609 0.114   -6.012  1.00 37.41  ? 85  ARG A CA  1 
ATOM   524 C C   . ARG A 1 70  ? -11.961 0.654   -6.489  1.00 38.85  ? 85  ARG A C   1 
ATOM   525 O O   . ARG A 1 70  ? -12.074 1.150   -7.616  1.00 39.42  ? 85  ARG A O   1 
ATOM   526 C CB  . ARG A 1 70  ? -10.474 -1.318  -6.496  1.00 37.34  ? 85  ARG A CB  1 
ATOM   527 C CG  . ARG A 1 70  ? -9.035  -1.802  -6.625  1.00 38.74  ? 85  ARG A CG  1 
ATOM   528 C CD  . ARG A 1 70  ? -8.964  -3.071  -7.474  1.00 40.39  ? 85  ARG A CD  1 
ATOM   529 N NE  . ARG A 1 70  ? -7.594  -3.565  -7.572  1.00 41.68  ? 85  ARG A NE  1 
ATOM   530 C CZ  . ARG A 1 70  ? -6.654  -3.019  -8.340  1.00 42.91  ? 85  ARG A CZ  1 
ATOM   531 N NH1 . ARG A 1 70  ? -6.920  -1.942  -9.091  1.00 40.86  ? 85  ARG A NH1 1 
ATOM   532 N NH2 . ARG A 1 70  ? -5.437  -3.542  -8.339  1.00 42.72  ? 85  ARG A NH2 1 
ATOM   533 N N   . ALA A 1 71  ? -12.985 0.527   -5.641  1.00 39.76  ? 86  ALA A N   1 
ATOM   534 C CA  . ALA A 1 71  ? -14.341 0.932   -6.005  1.00 41.26  ? 86  ALA A CA  1 
ATOM   535 C C   . ALA A 1 71  ? -14.605 2.407   -5.714  1.00 42.33  ? 86  ALA A C   1 
ATOM   536 O O   . ALA A 1 71  ? -15.620 2.934   -6.122  1.00 43.32  ? 86  ALA A O   1 
ATOM   537 C CB  . ALA A 1 71  ? -15.393 0.034   -5.309  1.00 40.40  ? 86  ALA A CB  1 
ATOM   538 N N   . LEU A 1 72  ? -13.705 3.080   -5.011  1.00 43.79  ? 87  LEU A N   1 
ATOM   539 C CA  . LEU A 1 72  ? -13.838 4.518   -4.824  1.00 45.44  ? 87  LEU A CA  1 
ATOM   540 C C   . LEU A 1 72  ? -13.710 5.258   -6.153  1.00 47.43  ? 87  LEU A C   1 
ATOM   541 O O   . LEU A 1 72  ? -13.042 4.766   -7.079  1.00 47.78  ? 87  LEU A O   1 
ATOM   542 C CB  . LEU A 1 72  ? -12.799 5.039   -3.850  1.00 44.43  ? 87  LEU A CB  1 
ATOM   543 C CG  . LEU A 1 72  ? -13.090 4.825   -2.382  1.00 44.77  ? 87  LEU A CG  1 
ATOM   544 C CD1 . LEU A 1 72  ? -11.831 5.114   -1.573  1.00 45.48  ? 87  LEU A CD1 1 
ATOM   545 C CD2 . LEU A 1 72  ? -14.219 5.732   -1.947  1.00 43.71  ? 87  LEU A CD2 1 
ATOM   546 N N   . PRO A 1 73  ? -14.359 6.438   -6.269  1.00 49.82  ? 88  PRO A N   1 
ATOM   547 C CA  . PRO A 1 73  ? -14.168 7.186   -7.499  1.00 51.75  ? 88  PRO A CA  1 
ATOM   548 C C   . PRO A 1 73  ? -12.806 7.864   -7.436  1.00 53.82  ? 88  PRO A C   1 
ATOM   549 O O   . PRO A 1 73  ? -12.546 8.705   -6.543  1.00 54.77  ? 88  PRO A O   1 
ATOM   550 C CB  . PRO A 1 73  ? -15.298 8.229   -7.482  1.00 51.88  ? 88  PRO A CB  1 
ATOM   551 C CG  . PRO A 1 73  ? -16.044 8.041   -6.182  1.00 50.99  ? 88  PRO A CG  1 
ATOM   552 C CD  . PRO A 1 73  ? -15.163 7.201   -5.299  1.00 49.85  ? 88  PRO A CD  1 
ATOM   553 N N   . MET A 1 74  ? -11.944 7.454   -8.358  1.00 55.15  ? 89  MET A N   1 
ATOM   554 C CA  . MET A 1 74  ? -10.614 7.989   -8.482  1.00 56.67  ? 89  MET A CA  1 
ATOM   555 C C   . MET A 1 74  ? -10.499 8.644   -9.850  1.00 57.39  ? 89  MET A C   1 
ATOM   556 O O   . MET A 1 74  ? -10.848 8.045   -10.883 1.00 57.20  ? 89  MET A O   1 
ATOM   557 C CB  . MET A 1 74  ? -9.583  6.864   -8.363  1.00 56.78  ? 89  MET A CB  1 
ATOM   558 C CG  . MET A 1 74  ? -9.193  6.497   -6.939  1.00 58.06  ? 89  MET A CG  1 
ATOM   559 S SD  . MET A 1 74  ? -8.193  4.987   -6.911  1.00 59.89  ? 89  MET A SD  1 
ATOM   560 C CE  . MET A 1 74  ? -9.441  3.727   -7.292  1.00 60.98  ? 89  MET A CE  1 
ATOM   561 N N   . GLU A 1 75  ? -10.015 9.884   -9.830  1.00 57.96  ? 90  GLU A N   1 
ATOM   562 C CA  . GLU A 1 75  ? -9.597  10.614  -11.024 1.00 58.62  ? 90  GLU A CA  1 
ATOM   563 C C   . GLU A 1 75  ? -8.648  9.739   -11.875 1.00 57.99  ? 90  GLU A C   1 
ATOM   564 O O   . GLU A 1 75  ? -8.953  9.440   -13.037 1.00 58.60  ? 90  GLU A O   1 
ATOM   565 C CB  . GLU A 1 75  ? -8.927  11.927  -10.582 1.00 58.97  ? 90  GLU A CB  1 
ATOM   566 C CG  . GLU A 1 75  ? -9.340  13.168  -11.367 1.00 61.44  ? 90  GLU A CG  1 
ATOM   567 C CD  . GLU A 1 75  ? -8.433  13.436  -12.580 1.00 65.65  ? 90  GLU A CD  1 
ATOM   568 O OE1 . GLU A 1 75  ? -8.290  12.528  -13.449 1.00 66.55  ? 90  GLU A OE1 1 
ATOM   569 O OE2 . GLU A 1 75  ? -7.867  14.559  -12.664 1.00 65.72  ? 90  GLU A OE2 1 
ATOM   570 N N   . LYS A 1 76  ? -7.531  9.315   -11.269 1.00 57.00  ? 91  LYS A N   1 
ATOM   571 C CA  . LYS A 1 76  ? -6.571  8.357   -11.853 1.00 55.76  ? 91  LYS A CA  1 
ATOM   572 C C   . LYS A 1 76  ? -6.492  7.131   -10.958 1.00 54.70  ? 91  LYS A C   1 
ATOM   573 O O   . LYS A 1 76  ? -6.692  7.243   -9.746  1.00 55.29  ? 91  LYS A O   1 
ATOM   574 C CB  . LYS A 1 76  ? -5.172  8.982   -11.934 1.00 55.79  ? 91  LYS A CB  1 
ATOM   575 N N   . THR A 1 77  ? -6.166  5.975   -11.529 1.00 52.89  ? 92  THR A N   1 
ATOM   576 C CA  . THR A 1 77  ? -6.137  4.728   -10.750 1.00 51.16  ? 92  THR A CA  1 
ATOM   577 C C   . THR A 1 77  ? -4.783  4.407   -10.097 1.00 48.90  ? 92  THR A C   1 
ATOM   578 O O   . THR A 1 77  ? -3.732  4.526   -10.708 1.00 49.00  ? 92  THR A O   1 
ATOM   579 C CB  . THR A 1 77  ? -6.743  3.561   -11.561 1.00 51.92  ? 92  THR A CB  1 
ATOM   580 O OG1 . THR A 1 77  ? -8.169  3.565   -11.352 1.00 53.43  ? 92  THR A OG1 1 
ATOM   581 C CG2 . THR A 1 77  ? -6.167  2.198   -11.146 1.00 51.30  ? 92  THR A CG2 1 
ATOM   582 N N   . SER A 1 78  ? -4.832  4.056   -8.818  1.00 46.24  ? 93  SER A N   1 
ATOM   583 C CA  . SER A 1 78  ? -3.627  3.788   -8.051  1.00 43.26  ? 93  SER A CA  1 
ATOM   584 C C   . SER A 1 78  ? -3.151  2.389   -8.363  1.00 41.42  ? 93  SER A C   1 
ATOM   585 O O   . SER A 1 78  ? -3.930  1.560   -8.818  1.00 41.09  ? 93  SER A O   1 
ATOM   586 C CB  . SER A 1 78  ? -3.916  3.887   -6.554  1.00 43.17  ? 93  SER A CB  1 
ATOM   587 O OG  . SER A 1 78  ? -4.510  5.130   -6.232  1.00 43.27  ? 93  SER A OG  1 
ATOM   588 N N   . LYS A 1 79  ? -1.870  2.124   -8.104  1.00 38.67  ? 94  LYS A N   1 
ATOM   589 C CA  . LYS A 1 79  ? -1.372  0.755   -8.066  1.00 35.77  ? 94  LYS A CA  1 
ATOM   590 C C   . LYS A 1 79  ? -1.401  0.349   -6.620  1.00 33.55  ? 94  LYS A C   1 
ATOM   591 O O   . LYS A 1 79  ? -1.125  1.187   -5.751  1.00 33.04  ? 94  LYS A O   1 
ATOM   592 C CB  . LYS A 1 79  ? 0.050   0.713   -8.590  1.00 36.87  ? 94  LYS A CB  1 
ATOM   593 C CG  . LYS A 1 79  ? 0.197   1.229   -10.017 1.00 37.21  ? 94  LYS A CG  1 
ATOM   594 C CD  . LYS A 1 79  ? -0.068  0.159   -11.027 1.00 42.45  ? 94  LYS A CD  1 
ATOM   595 C CE  . LYS A 1 79  ? -1.430  0.368   -11.677 1.00 47.97  ? 94  LYS A CE  1 
ATOM   596 N NZ  . LYS A 1 79  ? -1.476  -0.179  -13.062 1.00 49.13  ? 94  LYS A NZ  1 
ATOM   597 N N   . PHE A 1 80  ? -1.765  -0.913  -6.368  1.00 30.65  ? 95  PHE A N   1 
ATOM   598 C CA  . PHE A 1 80  ? -2.011  -1.430  -5.025  1.00 28.46  ? 95  PHE A CA  1 
ATOM   599 C C   . PHE A 1 80  ? -1.039  -2.547  -4.783  1.00 27.62  ? 95  PHE A C   1 
ATOM   600 O O   . PHE A 1 80  ? -0.936  -3.446  -5.615  1.00 26.10  ? 95  PHE A O   1 
ATOM   601 C CB  . PHE A 1 80  ? -3.469  -1.963  -4.874  1.00 28.04  ? 95  PHE A CB  1 
ATOM   602 C CG  . PHE A 1 80  ? -4.509  -0.881  -4.999  1.00 26.93  ? 95  PHE A CG  1 
ATOM   603 C CD1 . PHE A 1 80  ? -4.889  -0.146  -3.902  1.00 28.01  ? 95  PHE A CD1 1 
ATOM   604 C CD2 . PHE A 1 80  ? -5.067  -0.565  -6.247  1.00 30.74  ? 95  PHE A CD2 1 
ATOM   605 C CE1 . PHE A 1 80  ? -5.804  0.918   -4.018  1.00 28.45  ? 95  PHE A CE1 1 
ATOM   606 C CE2 . PHE A 1 80  ? -6.008  0.472   -6.384  1.00 30.26  ? 95  PHE A CE2 1 
ATOM   607 C CZ  . PHE A 1 80  ? -6.362  1.221   -5.254  1.00 29.48  ? 95  PHE A CZ  1 
ATOM   608 N N   . VAL A 1 81  ? -0.366  -2.501  -3.627  1.00 26.62  ? 96  VAL A N   1 
ATOM   609 C CA  . VAL A 1 81  ? 0.715   -3.428  -3.285  1.00 26.47  ? 96  VAL A CA  1 
ATOM   610 C C   . VAL A 1 81  ? 0.337   -4.141  -2.002  1.00 27.42  ? 96  VAL A C   1 
ATOM   611 O O   . VAL A 1 81  ? 0.011   -3.486  -1.018  1.00 27.62  ? 96  VAL A O   1 
ATOM   612 C CB  . VAL A 1 81  ? 2.045   -2.647  -3.001  1.00 26.98  ? 96  VAL A CB  1 
ATOM   613 C CG1 . VAL A 1 81  ? 3.227   -3.596  -2.913  1.00 24.43  ? 96  VAL A CG1 1 
ATOM   614 C CG2 . VAL A 1 81  ? 2.284   -1.583  -4.063  1.00 25.51  ? 96  VAL A CG2 1 
ATOM   615 N N   . ALA A 1 82  ? 0.383   -5.472  -2.003  1.00 28.20  ? 97  ALA A N   1 
ATOM   616 C CA  . ALA A 1 82  ? 0.118   -6.280  -0.812  1.00 29.01  ? 97  ALA A CA  1 
ATOM   617 C C   . ALA A 1 82  ? 1.403   -6.432  -0.039  1.00 30.76  ? 97  ALA A C   1 
ATOM   618 O O   . ALA A 1 82  ? 2.436   -6.777  -0.610  1.00 31.41  ? 97  ALA A O   1 
ATOM   619 C CB  . ALA A 1 82  ? -0.354  -7.663  -1.191  1.00 28.10  ? 97  ALA A CB  1 
ATOM   620 N N   . VAL A 1 83  ? 1.333   -6.257  1.266   1.00 31.59  ? 98  VAL A N   1 
ATOM   621 C CA  . VAL A 1 83  ? 2.513   -6.401  2.087   1.00 33.46  ? 98  VAL A CA  1 
ATOM   622 C C   . VAL A 1 83  ? 2.197   -7.479  3.098   1.00 35.64  ? 98  VAL A C   1 
ATOM   623 O O   . VAL A 1 83  ? 1.339   -7.293  3.956   1.00 34.95  ? 98  VAL A O   1 
ATOM   624 C CB  . VAL A 1 83  ? 2.856   -5.072  2.792   1.00 32.83  ? 98  VAL A CB  1 
ATOM   625 C CG1 . VAL A 1 83  ? 3.994   -5.262  3.782   1.00 32.28  ? 98  VAL A CG1 1 
ATOM   626 C CG2 . VAL A 1 83  ? 3.159   -3.973  1.744   1.00 31.20  ? 98  VAL A CG2 1 
ATOM   627 N N   . SER A 1 84  ? 2.860   -8.618  2.967   1.00 38.60  ? 99  SER A N   1 
ATOM   628 C CA  . SER A 1 84  ? 2.520   -9.762  3.779   1.00 42.71  ? 99  SER A CA  1 
ATOM   629 C C   . SER A 1 84  ? 3.725   -10.305 4.501   1.00 44.56  ? 99  SER A C   1 
ATOM   630 O O   . SER A 1 84  ? 4.835   -10.252 3.987   1.00 44.90  ? 99  SER A O   1 
ATOM   631 C CB  . SER A 1 84  ? 1.962   -10.868 2.891   1.00 42.86  ? 99  SER A CB  1 
ATOM   632 O OG  . SER A 1 84  ? 1.622   -12.013 3.688   1.00 48.12  ? 99  SER A OG  1 
ATOM   633 N N   . GLY A 1 85  ? 3.499   -10.879 5.675   1.00 47.31  ? 100 GLY A N   1 
ATOM   634 C CA  . GLY A 1 85  ? 4.526   -11.705 6.317   1.00 49.60  ? 100 GLY A CA  1 
ATOM   635 C C   . GLY A 1 85  ? 4.652   -13.093 5.690   1.00 51.68  ? 100 GLY A C   1 
ATOM   636 O O   . GLY A 1 85  ? 5.696   -13.740 5.805   1.00 52.16  ? 100 GLY A O   1 
ATOM   637 N N   . PHE A 1 86  ? 3.607   -13.549 4.999   1.00 53.78  ? 101 PHE A N   1 
ATOM   638 C CA  . PHE A 1 86  ? 3.522   -14.963 4.585   1.00 55.26  ? 101 PHE A CA  1 
ATOM   639 C C   . PHE A 1 86  ? 3.415   -15.287 3.074   1.00 55.53  ? 101 PHE A C   1 
ATOM   640 O O   . PHE A 1 86  ? 2.499   -14.860 2.377   1.00 56.26  ? 101 PHE A O   1 
ATOM   641 C CB  . PHE A 1 86  ? 2.425   -15.657 5.404   1.00 55.83  ? 101 PHE A CB  1 
ATOM   642 C CG  . PHE A 1 86  ? 2.745   -15.726 6.866   1.00 58.00  ? 101 PHE A CG  1 
ATOM   643 C CD1 . PHE A 1 86  ? 2.181   -14.818 7.759   1.00 60.13  ? 101 PHE A CD1 1 
ATOM   644 C CD2 . PHE A 1 86  ? 3.667   -16.664 7.340   1.00 59.71  ? 101 PHE A CD2 1 
ATOM   645 C CE1 . PHE A 1 86  ? 2.508   -14.861 9.113   1.00 61.65  ? 101 PHE A CE1 1 
ATOM   646 C CE2 . PHE A 1 86  ? 3.999   -16.729 8.686   1.00 61.10  ? 101 PHE A CE2 1 
ATOM   647 C CZ  . PHE A 1 86  ? 3.422   -15.828 9.581   1.00 61.89  ? 101 PHE A CZ  1 
ATOM   648 N N   . LYS A 1 88  ? 2.769   -18.024 0.631   1.00 71.81  ? 103 LYS A N   1 
ATOM   649 C CA  . LYS A 1 88  ? 1.603   -18.695 0.053   1.00 71.82  ? 103 LYS A CA  1 
ATOM   650 C C   . LYS A 1 88  ? 0.363   -18.414 0.891   1.00 71.84  ? 103 LYS A C   1 
ATOM   651 O O   . LYS A 1 88  ? -0.709  -18.084 0.356   1.00 71.98  ? 103 LYS A O   1 
ATOM   652 C CB  . LYS A 1 88  ? 1.835   -20.211 -0.068  1.00 71.67  ? 103 LYS A CB  1 
ATOM   653 N N   . ASN A 1 89  ? 0.547   -18.524 2.210   1.00 71.64  ? 104 ASN A N   1 
ATOM   654 C CA  . ASN A 1 89  ? -0.534  -18.559 3.208   1.00 70.99  ? 104 ASN A CA  1 
ATOM   655 C C   . ASN A 1 89  ? -1.524  -17.407 3.073   1.00 70.01  ? 104 ASN A C   1 
ATOM   656 O O   . ASN A 1 89  ? -2.740  -17.593 3.251   1.00 70.24  ? 104 ASN A O   1 
ATOM   657 C CB  . ASN A 1 89  ? 0.057   -18.569 4.631   1.00 71.44  ? 104 ASN A CB  1 
ATOM   658 C CG  . ASN A 1 89  ? 1.289   -19.477 4.760   1.00 73.23  ? 104 ASN A CG  1 
ATOM   659 O OD1 . ASN A 1 89  ? 1.175   -20.709 4.747   1.00 74.93  ? 104 ASN A OD1 1 
ATOM   660 N ND2 . ASN A 1 89  ? 2.473   -18.866 4.883   1.00 74.39  ? 104 ASN A ND2 1 
ATOM   661 N N   . ASP A 1 90  ? -0.994  -16.229 2.743   1.00 68.43  ? 105 ASP A N   1 
ATOM   662 C CA  . ASP A 1 90  ? -1.779  -14.997 2.748   1.00 66.66  ? 105 ASP A CA  1 
ATOM   663 C C   . ASP A 1 90  ? -2.318  -14.580 1.358   1.00 65.22  ? 105 ASP A C   1 
ATOM   664 O O   . ASP A 1 90  ? -3.306  -13.831 1.280   1.00 65.08  ? 105 ASP A O   1 
ATOM   665 C CB  . ASP A 1 90  ? -0.982  -13.862 3.422   1.00 66.83  ? 105 ASP A CB  1 
ATOM   666 N N   . LEU A 1 91  ? -1.704  -15.078 0.274   1.00 62.96  ? 106 LEU A N   1 
ATOM   667 C CA  . LEU A 1 91  ? -2.096  -14.670 -1.089  1.00 60.59  ? 106 LEU A CA  1 
ATOM   668 C C   . LEU A 1 91  ? -2.785  -15.773 -1.861  1.00 59.20  ? 106 LEU A C   1 
ATOM   669 O O   . LEU A 1 91  ? -2.128  -16.623 -2.445  1.00 60.07  ? 106 LEU A O   1 
ATOM   670 C CB  . LEU A 1 91  ? -0.886  -14.209 -1.897  1.00 60.22  ? 106 LEU A CB  1 
ATOM   671 C CG  . LEU A 1 91  ? -0.032  -13.076 -1.345  1.00 59.56  ? 106 LEU A CG  1 
ATOM   672 C CD1 . LEU A 1 91  ? 1.306   -13.139 -2.005  1.00 59.76  ? 106 LEU A CD1 1 
ATOM   673 C CD2 . LEU A 1 91  ? -0.680  -11.731 -1.590  1.00 57.63  ? 106 LEU A CD2 1 
ATOM   674 N N   . GLY A 1 92  ? -4.106  -15.763 -1.885  1.00 57.09  ? 107 GLY A N   1 
ATOM   675 C CA  . GLY A 1 92  ? -4.817  -16.700 -2.730  1.00 53.76  ? 107 GLY A CA  1 
ATOM   676 C C   . GLY A 1 92  ? -5.120  -16.122 -4.091  1.00 52.01  ? 107 GLY A C   1 
ATOM   677 O O   . GLY A 1 92  ? -4.502  -15.149 -4.536  1.00 51.96  ? 107 GLY A O   1 
ATOM   678 N N   . LYS A 1 93  ? -6.096  -16.729 -4.747  1.00 50.16  ? 108 LYS A N   1 
ATOM   679 C CA  . LYS A 1 93  ? -6.538  -16.356 -6.086  1.00 48.23  ? 108 LYS A CA  1 
ATOM   680 C C   . LYS A 1 93  ? -6.962  -14.882 -6.257  1.00 47.26  ? 108 LYS A C   1 
ATOM   681 O O   . LYS A 1 93  ? -6.546  -14.226 -7.213  1.00 45.95  ? 108 LYS A O   1 
ATOM   682 C CB  . LYS A 1 93  ? -7.692  -17.278 -6.477  1.00 48.00  ? 108 LYS A CB  1 
ATOM   683 C CG  . LYS A 1 93  ? -8.201  -17.045 -7.842  1.00 47.45  ? 108 LYS A CG  1 
ATOM   684 C CD  . LYS A 1 93  ? -9.279  -18.040 -8.157  1.00 48.26  ? 108 LYS A CD  1 
ATOM   685 C CE  . LYS A 1 93  ? -9.782  -17.781 -9.554  1.00 48.81  ? 108 LYS A CE  1 
ATOM   686 N NZ  . LYS A 1 93  ? -10.355 -16.414 -9.649  1.00 50.05  ? 108 LYS A NZ  1 
ATOM   687 N N   . GLU A 1 94  ? -7.817  -14.397 -5.350  1.00 45.87  ? 109 GLU A N   1 
ATOM   688 C CA  . GLU A 1 94  ? -8.321  -13.015 -5.373  1.00 45.57  ? 109 GLU A CA  1 
ATOM   689 C C   . GLU A 1 94  ? -7.230  -11.982 -5.068  1.00 43.65  ? 109 GLU A C   1 
ATOM   690 O O   . GLU A 1 94  ? -7.227  -10.907 -5.640  1.00 43.38  ? 109 GLU A O   1 
ATOM   691 C CB  . GLU A 1 94  ? -9.501  -12.840 -4.399  1.00 45.96  ? 109 GLU A CB  1 
ATOM   692 C CG  . GLU A 1 94  ? -10.884 -13.119 -5.008  1.00 49.88  ? 109 GLU A CG  1 
ATOM   693 C CD  . GLU A 1 94  ? -11.991 -12.232 -4.401  1.00 54.83  ? 109 GLU A CD  1 
ATOM   694 O OE1 . GLU A 1 94  ? -12.181 -12.301 -3.146  1.00 54.60  ? 109 GLU A OE1 1 
ATOM   695 O OE2 . GLU A 1 94  ? -12.655 -11.470 -5.175  1.00 55.60  ? 109 GLU A OE2 1 
ATOM   696 N N   . ALA A 1 95  ? -6.311  -12.321 -4.172  1.00 42.38  ? 110 ALA A N   1 
ATOM   697 C CA  . ALA A 1 95  ? -5.164  -11.449 -3.875  1.00 41.84  ? 110 ALA A CA  1 
ATOM   698 C C   . ALA A 1 95  ? -4.255  -11.273 -5.093  1.00 41.28  ? 110 ALA A C   1 
ATOM   699 O O   . ALA A 1 95  ? -3.877  -10.162 -5.439  1.00 41.64  ? 110 ALA A O   1 
ATOM   700 C CB  . ALA A 1 95  ? -4.383  -11.969 -2.673  1.00 41.55  ? 110 ALA A CB  1 
ATOM   701 N N   . CYS A 1 96  ? -3.916  -12.374 -5.749  1.00 41.44  ? 111 CYS A N   1 
ATOM   702 C CA  . CYS A 1 96  ? -3.267  -12.323 -7.060  1.00 41.16  ? 111 CYS A CA  1 
ATOM   703 C C   . CYS A 1 96  ? -4.006  -11.397 -8.041  1.00 37.31  ? 111 CYS A C   1 
ATOM   704 O O   . CYS A 1 96  ? -3.386  -10.593 -8.751  1.00 34.93  ? 111 CYS A O   1 
ATOM   705 C CB  . CYS A 1 96  ? -3.162  -13.731 -7.640  1.00 41.84  ? 111 CYS A CB  1 
ATOM   706 S SG  . CYS A 1 96  ? -2.003  -14.828 -6.766  1.00 51.07  ? 111 CYS A SG  1 
ATOM   707 N N   . GLU A 1 97  ? -5.337  -11.463 -8.046  1.00 38.85  ? 112 GLU A N   1 
ATOM   708 C CA  . GLU A 1 97  ? -6.101  -10.692 -9.028  1.00 35.17  ? 112 GLU A CA  1 
ATOM   709 C C   . GLU A 1 97  ? -6.209  -9.215  -8.687  1.00 28.62  ? 112 GLU A C   1 
ATOM   710 O O   . GLU A 1 97  ? -6.154  -8.375  -9.583  1.00 38.77  ? 112 GLU A O   1 
ATOM   711 C CB  . GLU A 1 97  ? -7.477  -11.314 -9.237  1.00 50.39  ? 112 GLU A CB  1 
ATOM   712 C CG  . GLU A 1 97  ? -7.386  -12.718 -9.829  1.00 45.97  ? 112 GLU A CG  1 
ATOM   713 C CD  . GLU A 1 97  ? -8.710  -13.430 -9.897  1.00 147.31 ? 112 GLU A CD  1 
ATOM   714 O OE1 . GLU A 1 97  ? -9.578  -13.104 -9.071  1.00 43.77  ? 112 GLU A OE1 1 
ATOM   715 O OE2 . GLU A 1 97  ? -8.881  -14.318 -10.767 1.00 53.43  ? 112 GLU A OE2 1 
ATOM   716 N N   . LEU A 1 98  ? -6.362  -8.902  -7.405  1.00 33.58  ? 113 LEU A N   1 
ATOM   717 C CA  . LEU A 1 98  ? -6.703  -7.531  -6.971  1.00 32.19  ? 113 LEU A CA  1 
ATOM   718 C C   . LEU A 1 98  ? -5.532  -6.630  -6.584  1.00 33.47  ? 113 LEU A C   1 
ATOM   719 O O   . LEU A 1 98  ? -5.697  -5.405  -6.470  1.00 29.26  ? 113 LEU A O   1 
ATOM   720 C CB  . LEU A 1 98  ? -7.681  -7.599  -5.803  1.00 41.85  ? 113 LEU A CB  1 
ATOM   721 C CG  . LEU A 1 98  ? -9.114  -8.032  -6.105  1.00 47.99  ? 113 LEU A CG  1 
ATOM   722 C CD1 . LEU A 1 98  ? -9.675  -8.721  -4.888  1.00 66.44  ? 113 LEU A CD1 1 
ATOM   723 C CD2 . LEU A 1 98  ? -9.946  -6.817  -6.492  1.00 42.98  ? 113 LEU A CD2 1 
ATOM   724 N N   . PHE A 1 99  ? -4.358  -7.216  -6.346  1.00 27.24  ? 114 PHE A N   1 
ATOM   725 C CA  . PHE A 1 99  ? -3.167  -6.369  -6.133  1.00 31.92  ? 114 PHE A CA  1 
ATOM   726 C C   . PHE A 1 99  ? -2.312  -6.365  -7.382  1.00 31.23  ? 114 PHE A C   1 
ATOM   727 O O   . PHE A 1 99  ? -2.337  -7.303  -8.165  1.00 33.17  ? 114 PHE A O   1 
ATOM   728 C CB  . PHE A 1 99  ? -2.339  -6.864  -4.974  1.00 23.92  ? 114 PHE A CB  1 
ATOM   729 C CG  . PHE A 1 99  ? -2.956  -6.643  -3.654  1.00 28.90  ? 114 PHE A CG  1 
ATOM   730 C CD1 . PHE A 1 99  ? -2.793  -5.425  -2.992  1.00 24.14  ? 114 PHE A CD1 1 
ATOM   731 C CD2 . PHE A 1 99  ? -3.671  -7.662  -3.039  1.00 25.72  ? 114 PHE A CD2 1 
ATOM   732 C CE1 . PHE A 1 99  ? -3.360  -5.213  -1.737  1.00 38.70  ? 114 PHE A CE1 1 
ATOM   733 C CE2 . PHE A 1 99  ? -4.257  -7.461  -1.781  1.00 30.56  ? 114 PHE A CE2 1 
ATOM   734 C CZ  . PHE A 1 99  ? -4.096  -6.236  -1.122  1.00 29.64  ? 114 PHE A CZ  1 
ATOM   735 N N   . ASP A 1 100 ? -1.555  -5.298  -7.568  1.00 32.22  ? 115 ASP A N   1 
ATOM   736 C CA  . ASP A 1 100 ? -0.694  -5.176  -8.732  1.00 24.23  ? 115 ASP A CA  1 
ATOM   737 C C   . ASP A 1 100 ? 0.730   -5.661  -8.428  1.00 25.96  ? 115 ASP A C   1 
ATOM   738 O O   . ASP A 1 100 ? 1.418   -6.160  -9.319  1.00 37.49  ? 115 ASP A O   1 
ATOM   739 C CB  . ASP A 1 100 ? -0.685  -3.712  -9.191  1.00 23.93  ? 115 ASP A CB  1 
ATOM   740 C CG  . ASP A 1 100 ? -2.084  -3.187  -9.510  1.00 36.58  ? 115 ASP A CG  1 
ATOM   741 O OD1 . ASP A 1 100 ? -2.699  -3.689  -10.473 1.00 63.74  ? 115 ASP A OD1 1 
ATOM   742 O OD2 . ASP A 1 100 ? -2.563  -2.282  -8.795  1.00 36.32  ? 115 ASP A OD2 1 
ATOM   743 N N   . PHE A 1 101 ? 1.158   -5.492  -7.179  1.00 31.13  ? 116 PHE A N   1 
ATOM   744 C CA  . PHE A 1 101 ? 2.507   -5.864  -6.739  1.00 26.84  ? 116 PHE A CA  1 
ATOM   745 C C   . PHE A 1 101 ? 2.419   -6.463  -5.361  1.00 39.25  ? 116 PHE A C   1 
ATOM   746 O O   . PHE A 1 101 ? 1.465   -6.252  -4.629  1.00 27.95  ? 116 PHE A O   1 
ATOM   747 C CB  . PHE A 1 101 ? 3.475   -4.648  -6.710  1.00 19.52  ? 116 PHE A CB  1 
ATOM   748 C CG  . PHE A 1 101 ? 3.515   -3.857  -7.995  1.00 33.01  ? 116 PHE A CG  1 
ATOM   749 C CD1 . PHE A 1 101 ? 4.356   -4.222  -9.036  1.00 36.59  ? 116 PHE A CD1 1 
ATOM   750 C CD2 . PHE A 1 101 ? 2.705   -2.744  -8.164  1.00 24.18  ? 116 PHE A CD2 1 
ATOM   751 C CE1 . PHE A 1 101 ? 4.366   -3.498  -10.218 1.00 35.86  ? 116 PHE A CE1 1 
ATOM   752 C CE2 . PHE A 1 101 ? 2.729   -1.994  -9.348  1.00 35.20  ? 116 PHE A CE2 1 
ATOM   753 C CZ  . PHE A 1 101 ? 3.544   -2.369  -10.369 1.00 34.27  ? 116 PHE A CZ  1 
ATOM   754 N N   . TYR A 1 102 ? 3.433   -7.222  -4.999  1.00 32.46  ? 117 TYR A N   1 
ATOM   755 C CA  . TYR A 1 102 ? 3.387   -7.983  -3.779  1.00 26.61  ? 117 TYR A CA  1 
ATOM   756 C C   . TYR A 1 102 ? 4.761   -7.850  -3.130  1.00 35.35  ? 117 TYR A C   1 
ATOM   757 O O   . TYR A 1 102 ? 5.758   -7.929  -3.815  1.00 32.47  ? 117 TYR A O   1 
ATOM   758 C CB  . TYR A 1 102 ? 3.013   -9.459  -4.083  1.00 29.06  ? 117 TYR A CB  1 
ATOM   759 C CG  . TYR A 1 102 ? 1.967   -9.622  -5.189  1.00 37.67  ? 117 TYR A CG  1 
ATOM   760 C CD1 . TYR A 1 102 ? 0.580   -9.775  -4.895  1.00 36.73  ? 117 TYR A CD1 1 
ATOM   761 C CD2 . TYR A 1 102 ? 2.352   -9.622  -6.526  1.00 39.24  ? 117 TYR A CD2 1 
ATOM   762 C CE1 . TYR A 1 102 ? -0.391  -9.922  -5.945  1.00 34.81  ? 117 TYR A CE1 1 
ATOM   763 C CE2 . TYR A 1 102 ? 1.400   -9.746  -7.564  1.00 50.34  ? 117 TYR A CE2 1 
ATOM   764 C CZ  . TYR A 1 102 ? 0.046   -9.900  -7.263  1.00 39.94  ? 117 TYR A CZ  1 
ATOM   765 O OH  . TYR A 1 102 ? -0.834  -10.025 -8.317  1.00 79.27  ? 117 TYR A OH  1 
ATOM   766 N N   . LEU A 1 103 ? 4.774   -7.601  -1.820  1.00 30.73  ? 118 LEU A N   1 
ATOM   767 C CA  . LEU A 1 103 ? 5.969   -7.447  -0.994  1.00 32.91  ? 118 LEU A CA  1 
ATOM   768 C C   . LEU A 1 103 ? 5.885   -8.420  0.159   1.00 39.83  ? 118 LEU A C   1 
ATOM   769 O O   . LEU A 1 103 ? 4.810   -8.674  0.699   1.00 41.09  ? 118 LEU A O   1 
ATOM   770 C CB  . LEU A 1 103 ? 6.022   -6.035  -0.403  1.00 31.63  ? 118 LEU A CB  1 
ATOM   771 C CG  . LEU A 1 103 ? 6.537   -4.943  -1.320  1.00 30.33  ? 118 LEU A CG  1 
ATOM   772 C CD1 . LEU A 1 103 ? 6.346   -3.597  -0.665  1.00 34.57  ? 118 LEU A CD1 1 
ATOM   773 C CD2 . LEU A 1 103 ? 8.025   -5.192  -1.619  1.00 39.79  ? 118 LEU A CD2 1 
ATOM   774 N N   . GLU A 1 104 ? 7.015   -8.978  0.547   1.00 34.93  ? 119 GLU A N   1 
ATOM   775 C CA  . GLU A 1 104 ? 7.034   -9.841  1.722   1.00 30.76  ? 119 GLU A CA  1 
ATOM   776 C C   . GLU A 1 104 ? 7.843   -9.137  2.801   1.00 39.80  ? 119 GLU A C   1 
ATOM   777 O O   . GLU A 1 104 ? 8.911   -8.603  2.511   1.00 43.26  ? 119 GLU A O   1 
ATOM   778 C CB  . GLU A 1 104 ? 7.683   -11.159 1.327   1.00 46.16  ? 119 GLU A CB  1 
ATOM   779 C CG  . GLU A 1 104 ? 7.358   -12.331 2.198   1.00 85.07  ? 119 GLU A CG  1 
ATOM   780 C CD  . GLU A 1 104 ? 8.125   -13.563 1.766   1.00 269.25 ? 119 GLU A CD  1 
ATOM   781 O OE1 . GLU A 1 104 ? 8.230   -13.810 0.544   1.00 86.26  ? 119 GLU A OE1 1 
ATOM   782 O OE2 . GLU A 1 104 ? 8.636   -14.274 2.650   1.00 71.47  ? 119 GLU A OE2 1 
ATOM   783 N N   . LYS A 1 105 ? 7.340   -9.092  4.033   1.00 28.51  ? 120 LYS A N   1 
ATOM   784 C CA  . LYS A 1 105 ? 8.138   -8.549  5.159   1.00 49.36  ? 120 LYS A CA  1 
ATOM   785 C C   . LYS A 1 105 ? 9.352   -9.444  5.493   1.00 44.31  ? 120 LYS A C   1 
ATOM   786 O O   . LYS A 1 105 ? 9.288   -10.665 5.331   1.00 45.25  ? 120 LYS A O   1 
ATOM   787 C CB  . LYS A 1 105 ? 7.298   -8.347  6.415   1.00 40.60  ? 120 LYS A CB  1 
ATOM   788 C CG  . LYS A 1 105 ? 6.236   -7.288  6.279   1.00 58.13  ? 120 LYS A CG  1 
ATOM   789 C CD  . LYS A 1 105 ? 5.225   -7.470  7.385   1.00 44.25  ? 120 LYS A CD  1 
ATOM   790 C CE  . LYS A 1 105 ? 3.844   -6.985  6.992   1.00 135.62 ? 120 LYS A CE  1 
ATOM   791 N NZ  . LYS A 1 105 ? 2.835   -7.295  8.047   1.00 76.51  ? 120 LYS A NZ  1 
ATOM   792 N N   . PRO A 1 106 ? 10.468  -8.838  5.943   1.00 50.49  ? 121 PRO A N   1 
ATOM   793 C CA  . PRO A 1 106 ? 10.647  -7.405  6.179   1.00 34.95  ? 121 PRO A CA  1 
ATOM   794 C C   . PRO A 1 106 ? 10.913  -6.636  4.875   1.00 31.65  ? 121 PRO A C   1 
ATOM   795 O O   . PRO A 1 106 ? 11.516  -7.177  3.950   1.00 40.65  ? 121 PRO A O   1 
ATOM   796 C CB  . PRO A 1 106 ? 11.864  -7.369  7.078   1.00 31.95  ? 121 PRO A CB  1 
ATOM   797 C CG  . PRO A 1 106 ? 12.695  -8.510  6.582   1.00 51.58  ? 121 PRO A CG  1 
ATOM   798 C CD  . PRO A 1 106 ? 11.722  -9.587  6.163   1.00 58.78  ? 121 PRO A CD  1 
ATOM   799 N N   . ILE A 1 107 ? 10.421  -5.401  4.803   1.00 34.14  ? 122 ILE A N   1 
ATOM   800 C CA  . ILE A 1 107 ? 10.570  -4.572  3.608   1.00 37.71  ? 122 ILE A CA  1 
ATOM   801 C C   . ILE A 1 107 ? 11.948  -3.902  3.588   1.00 37.79  ? 122 ILE A C   1 
ATOM   802 O O   . ILE A 1 107 ? 12.475  -3.491  4.621   1.00 40.48  ? 122 ILE A O   1 
ATOM   803 C CB  . ILE A 1 107 ? 9.436   -3.483  3.506   1.00 46.80  ? 122 ILE A CB  1 
ATOM   804 C CG1 . ILE A 1 107 ? 8.029   -4.120  3.456   1.00 40.58  ? 122 ILE A CG1 1 
ATOM   805 C CG2 . ILE A 1 107 ? 9.604   -2.609  2.280   1.00 67.45  ? 122 ILE A CG2 1 
ATOM   806 C CD1 . ILE A 1 107 ? 7.858   -5.243  2.430   1.00 139.67 ? 122 ILE A CD1 1 
ATOM   807 N N   . ASP A 1 108 ? 12.527  -3.772  2.404   1.00 33.31  ? 123 ASP A N   1 
ATOM   808 C CA  . ASP A 1 108 ? 13.763  -3.012  2.259   1.00 40.65  ? 123 ASP A CA  1 
ATOM   809 C C   . ASP A 1 108 ? 13.825  -2.335  0.897   1.00 37.56  ? 123 ASP A C   1 
ATOM   810 O O   . ASP A 1 108 ? 13.030  -2.650  0.007   1.00 34.14  ? 123 ASP A O   1 
ATOM   811 C CB  . ASP A 1 108 ? 14.998  -3.904  2.538   1.00 38.92  ? 123 ASP A CB  1 
ATOM   812 C CG  . ASP A 1 108 ? 15.150  -5.054  1.549   1.00 76.24  ? 123 ASP A CG  1 
ATOM   813 O OD1 . ASP A 1 108 ? 14.463  -5.082  0.502   1.00 64.23  ? 123 ASP A OD1 1 
ATOM   814 O OD2 . ASP A 1 108 ? 15.984  -5.941  1.823   1.00 108.80 ? 123 ASP A OD2 1 
ATOM   815 N N   . ILE A 1 109 ? 14.772  -1.416  0.736   1.00 34.94  ? 124 ILE A N   1 
ATOM   816 C CA  . ILE A 1 109 ? 14.900  -0.614  -0.485  1.00 29.88  ? 124 ILE A CA  1 
ATOM   817 C C   . ILE A 1 109 ? 15.032  -1.442  -1.760  1.00 26.31  ? 124 ILE A C   1 
ATOM   818 O O   . ILE A 1 109 ? 14.593  -1.006  -2.830  1.00 43.77  ? 124 ILE A O   1 
ATOM   819 C CB  . ILE A 1 109 ? 16.052  0.417   -0.331  1.00 46.02  ? 124 ILE A CB  1 
ATOM   820 C CG1 . ILE A 1 109 ? 15.475  1.730   0.186   1.00 48.11  ? 124 ILE A CG1 1 
ATOM   821 C CG2 . ILE A 1 109 ? 16.806  0.648   -1.645  1.00 55.68  ? 124 ILE A CG2 1 
ATOM   822 C CD1 . ILE A 1 109 ? 16.284  2.331   1.277   1.00 95.46  ? 124 ILE A CD1 1 
ATOM   823 N N   . ALA A 1 110 ? 15.622  -2.634  -1.653  1.00 29.53  ? 125 ALA A N   1 
ATOM   824 C CA  . ALA A 1 110 ? 15.892  -3.470  -2.835  1.00 35.09  ? 125 ALA A CA  1 
ATOM   825 C C   . ALA A 1 110 ? 14.614  -4.080  -3.386  1.00 31.60  ? 125 ALA A C   1 
ATOM   826 O O   . ALA A 1 110 ? 14.473  -4.288  -4.596  1.00 35.11  ? 125 ALA A O   1 
ATOM   827 C CB  . ALA A 1 110 ? 16.872  -4.586  -2.501  1.00 36.99  ? 125 ALA A CB  1 
ATOM   828 N N   . SER A 1 111 ? 13.712  -4.426  -2.489  1.00 34.99  ? 126 SER A N   1 
ATOM   829 C CA  . SER A 1 111 ? 12.469  -5.058  -2.902  1.00 38.93  ? 126 SER A CA  1 
ATOM   830 C C   . SER A 1 111 ? 11.492  -3.980  -3.385  1.00 26.34  ? 126 SER A C   1 
ATOM   831 O O   . SER A 1 111 ? 10.729  -4.201  -4.332  1.00 48.52  ? 126 SER A O   1 
ATOM   832 C CB  . SER A 1 111 ? 11.919  -5.924  -1.764  1.00 36.39  ? 126 SER A CB  1 
ATOM   833 O OG  . SER A 1 111 ? 11.724  -5.155  -0.584  1.00 47.51  ? 126 SER A OG  1 
ATOM   834 N N   . LEU A 1 112 ? 11.571  -2.791  -2.769  1.00 28.55  ? 127 LEU A N   1 
ATOM   835 C CA  . LEU A 1 112 ? 10.770  -1.632  -3.171  1.00 24.27  ? 127 LEU A CA  1 
ATOM   836 C C   . LEU A 1 112 ? 11.135  -1.026  -4.502  1.00 38.91  ? 127 LEU A C   1 
ATOM   837 O O   . LEU A 1 112 ? 10.261  -0.660  -5.283  1.00 30.82  ? 127 LEU A O   1 
ATOM   838 C CB  . LEU A 1 112 ? 10.817  -0.509  -2.120  1.00 22.28  ? 127 LEU A CB  1 
ATOM   839 C CG  . LEU A 1 112 ? 9.889   -0.598  -0.922  1.00 48.24  ? 127 LEU A CG  1 
ATOM   840 C CD1 . LEU A 1 112 ? 10.232  0.550   0.023   1.00 33.22  ? 127 LEU A CD1 1 
ATOM   841 C CD2 . LEU A 1 112 ? 8.433   -0.534  -1.376  1.00 35.63  ? 127 LEU A CD2 1 
ATOM   842 N N   . GLU A 1 113 ? 12.428  -0.920  -4.767  1.00 46.48  ? 128 GLU A N   1 
ATOM   843 C CA  . GLU A 1 113 ? 12.883  -0.223  -5.958  1.00 28.53  ? 128 GLU A CA  1 
ATOM   844 C C   . GLU A 1 113 ? 12.226  -0.691  -7.303  1.00 56.06  ? 128 GLU A C   1 
ATOM   845 O O   . GLU A 1 113 ? 11.750  0.151   -8.052  1.00 34.33  ? 128 GLU A O   1 
ATOM   846 C CB  . GLU A 1 113 ? 14.423  -0.152  -5.997  1.00 45.36  ? 128 GLU A CB  1 
ATOM   847 C CG  . GLU A 1 113 ? 14.986  0.679   -7.143  1.00 45.74  ? 128 GLU A CG  1 
ATOM   848 C CD  . GLU A 1 113 ? 15.205  -0.148  -8.391  1.00 64.09  ? 128 GLU A CD  1 
ATOM   849 O OE1 . GLU A 1 113 ? 15.487  -1.362  -8.252  1.00 76.94  ? 128 GLU A OE1 1 
ATOM   850 O OE2 . GLU A 1 113 ? 15.099  0.410   -9.504  1.00 229.39 ? 128 GLU A OE2 1 
ATOM   851 N N   . PRO A 1 114 ? 12.169  -2.011  -7.605  1.00 27.78  ? 129 PRO A N   1 
ATOM   852 C CA  . PRO A 1 114 ? 11.512  -2.389  -8.880  1.00 32.02  ? 129 PRO A CA  1 
ATOM   853 C C   . PRO A 1 114 ? 10.021  -2.014  -8.975  1.00 38.24  ? 129 PRO A C   1 
ATOM   854 O O   . PRO A 1 114 ? 9.538   -1.689  -10.059 1.00 45.36  ? 129 PRO A O   1 
ATOM   855 C CB  . PRO A 1 114 ? 11.664  -3.917  -8.937  1.00 34.53  ? 129 PRO A CB  1 
ATOM   856 C CG  . PRO A 1 114 ? 12.053  -4.353  -7.580  1.00 36.27  ? 129 PRO A CG  1 
ATOM   857 C CD  . PRO A 1 114 ? 12.674  -3.189  -6.869  1.00 41.56  ? 129 PRO A CD  1 
ATOM   858 N N   . ILE A 1 115 ? 9.315   -2.035  -7.846  1.00 48.39  ? 130 ILE A N   1 
ATOM   859 C CA  . ILE A 1 115 ? 7.911   -1.608  -7.798  1.00 49.47  ? 130 ILE A CA  1 
ATOM   860 C C   . ILE A 1 115 ? 7.791   -0.137  -8.169  1.00 35.15  ? 130 ILE A C   1 
ATOM   861 O O   . ILE A 1 115 ? 6.958   0.255   -8.982  1.00 39.93  ? 130 ILE A O   1 
ATOM   862 C CB  . ILE A 1 115 ? 7.284   -1.814  -6.391  1.00 55.38  ? 130 ILE A CB  1 
ATOM   863 C CG1 . ILE A 1 115 ? 7.257   -3.305  -6.031  1.00 36.48  ? 130 ILE A CG1 1 
ATOM   864 C CG2 . ILE A 1 115 ? 5.887   -1.213  -6.344  1.00 43.07  ? 130 ILE A CG2 1 
ATOM   865 C CD1 . ILE A 1 115 ? 6.741   -3.598  -4.635  1.00 67.15  ? 130 ILE A CD1 1 
ATOM   866 N N   . LEU A 1 116 ? 8.660   0.672   -7.588  1.00 30.02  ? 131 LEU A N   1 
ATOM   867 C CA  . LEU A 1 116 ? 8.594   2.112   -7.758  1.00 37.36  ? 131 LEU A CA  1 
ATOM   868 C C   . LEU A 1 116 ? 8.994   2.429   -9.185  1.00 43.82  ? 131 LEU A C   1 
ATOM   869 O O   . LEU A 1 116 ? 8.534   3.417   -9.760  1.00 50.28  ? 131 LEU A O   1 
ATOM   870 C CB  . LEU A 1 116 ? 9.459   2.817   -6.686  1.00 42.44  ? 131 LEU A CB  1 
ATOM   871 C CG  . LEU A 1 116 ? 8.846   3.064   -5.277  1.00 70.80  ? 131 LEU A CG  1 
ATOM   872 C CD1 . LEU A 1 116 ? 7.948   1.949   -4.805  1.00 45.61  ? 131 LEU A CD1 1 
ATOM   873 C CD2 . LEU A 1 116 ? 9.874   3.385   -4.160  1.00 30.72  ? 131 LEU A CD2 1 
ATOM   874 N N   . GLN A 1 117 ? 9.804   1.547   -9.778  1.00 42.89  ? 132 GLN A N   1 
ATOM   875 C CA  . GLN A 1 117 ? 10.269  1.716   -11.152 1.00 43.91  ? 132 GLN A CA  1 
ATOM   876 C C   . GLN A 1 117 ? 9.166   1.429   -12.166 1.00 68.06  ? 132 GLN A C   1 
ATOM   877 O O   . GLN A 1 117 ? 9.054   2.144   -13.162 1.00 51.49  ? 132 GLN A O   1 
ATOM   878 C CB  . GLN A 1 117 ? 11.472  0.817   -11.429 1.00 64.25  ? 132 GLN A CB  1 
ATOM   879 C CG  . GLN A 1 117 ? 12.481  1.406   -12.402 1.00 87.37  ? 132 GLN A CG  1 
ATOM   880 C CD  . GLN A 1 117 ? 13.667  0.490   -12.640 1.00 100.88 ? 132 GLN A CD  1 
ATOM   881 O OE1 . GLN A 1 117 ? 14.448  0.699   -13.568 1.00 410.51 ? 132 GLN A OE1 1 
ATOM   882 N NE2 . GLN A 1 117 ? 13.806  -0.541  -11.803 1.00 58.78  ? 132 GLN A NE2 1 
ATOM   883 N N   . SER A 1 118 ? 8.367   0.387   -11.910 1.00 44.49  ? 133 SER A N   1 
ATOM   884 C CA  . SER A 1 118 ? 7.182   0.064   -12.731 1.00 53.66  ? 133 SER A CA  1 
ATOM   885 C C   . SER A 1 118 ? 6.105   1.137   -12.685 1.00 48.72  ? 133 SER A C   1 
ATOM   886 O O   . SER A 1 118 ? 5.564   1.512   -13.720 1.00 58.28  ? 133 SER A O   1 
ATOM   887 C CB  . SER A 1 118 ? 6.573   -1.256  -12.296 1.00 43.91  ? 133 SER A CB  1 
ATOM   888 O OG  . SER A 1 118 ? 7.565   -2.264  -12.302 1.00 81.27  ? 133 SER A OG  1 
ATOM   889 N N   . ILE A 1 119 ? 5.810   1.630   -11.481 1.00 54.94  ? 134 ILE A N   1 
ATOM   890 C CA  . ILE A 1 119 ? 4.813   2.680   -11.261 1.00 51.23  ? 134 ILE A CA  1 
ATOM   891 C C   . ILE A 1 119 ? 5.163   3.974   -11.997 1.00 56.45  ? 134 ILE A C   1 
ATOM   892 O O   . ILE A 1 119 ? 4.275   4.718   -12.406 1.00 65.27  ? 134 ILE A O   1 
ATOM   893 C CB  . ILE A 1 119 ? 4.628   2.981   -9.748  1.00 56.26  ? 134 ILE A CB  1 
ATOM   894 C CG1 . ILE A 1 119 ? 4.166   1.730   -9.004  1.00 54.26  ? 134 ILE A CG1 1 
ATOM   895 C CG2 . ILE A 1 119 ? 3.631   4.119   -9.534  1.00 61.69  ? 134 ILE A CG2 1 
ATOM   896 C CD1 . ILE A 1 119 ? 4.272   1.823   -7.488  1.00 78.81  ? 134 ILE A CD1 1 
ATOM   897 N N   . GLU A 1 120 ? 6.455   4.240   -12.154 1.00 47.50  ? 135 GLU A N   1 
ATOM   898 C CA  . GLU A 1 120 ? 6.909   5.449   -12.818 1.00 55.35  ? 135 GLU A CA  1 
ATOM   899 C C   . GLU A 1 120 ? 6.764   5.383   -14.342 1.00 44.61  ? 135 GLU A C   1 
ATOM   900 O O   . GLU A 1 120 ? 6.861   4.312   -14.955 1.00 64.33  ? 135 GLU A O   1 
ATOM   901 C CB  . GLU A 1 120 ? 8.353   5.751   -12.421 1.00 53.68  ? 135 GLU A CB  1 
ATOM   902 C CG  . GLU A 1 120 ? 8.486   6.275   -11.015 1.00 60.92  ? 135 GLU A CG  1 
ATOM   903 C CD  . GLU A 1 120 ? 9.855   6.860   -10.736 1.00 191.32 ? 135 GLU A CD  1 
ATOM   904 O OE1 . GLU A 1 120 ? 9.950   8.101   -10.635 1.00 77.72  ? 135 GLU A OE1 1 
ATOM   905 O OE2 . GLU A 1 120 ? 10.831  6.086   -10.628 1.00 136.52 ? 135 GLU A OE2 1 
HETATM 906 O O   . HOH B 2 .   ? 9.252   -8.794  -1.109  1.00 35.42  ? 1   HOH A O   1 
HETATM 907 O O   . HOH B 2 .   ? 1.724   10.659  7.358   1.00 49.40  ? 2   HOH A O   1 
HETATM 908 O O   . HOH B 2 .   ? -4.487  6.731   10.898  1.00 38.89  ? 3   HOH A O   1 
HETATM 909 O O   . HOH B 2 .   ? 5.407   -7.724  -7.372  1.00 35.12  ? 4   HOH A O   1 
HETATM 910 O O   . HOH B 2 .   ? 5.424   -17.648 3.617   1.00 66.09  ? 6   HOH A O   1 
HETATM 911 O O   . HOH B 2 .   ? -2.466  -9.023  -10.687 1.00 54.68  ? 7   HOH A O   1 
HETATM 912 O O   . HOH B 2 .   ? 8.344   -1.286  7.613   1.00 44.28  ? 8   HOH A O   1 
HETATM 913 O O   . HOH B 2 .   ? -11.849 -8.855  6.291   1.00 45.23  ? 10  HOH A O   1 
HETATM 914 O O   . HOH B 2 .   ? 5.056   9.407   12.402  1.00 54.93  ? 11  HOH A O   1 
# 
